data_1M4T
#
_entry.id   1M4T
#
_cell.length_a   84.353
_cell.length_b   79.314
_cell.length_c   147.324
_cell.angle_alpha   90.00
_cell.angle_beta   93.97
_cell.angle_gamma   90.00
#
_symmetry.space_group_name_H-M   'P 1 21 1'
#
loop_
_entity.id
_entity.type
_entity.pdbx_description
1 polymer 'Acetyl-CoA acetyltransferase'
2 non-polymer 'SULFATE ION'
3 non-polymer GLYCEROL
4 water water
#
_entity_poly.entity_id   1
_entity_poly.type   'polypeptide(L)'
_entity_poly.pdbx_seq_one_letter_code
;STPSIVIASAARTAVGSFNGAFANTPAHELGATVISAVLERAGVAAGEVNEVILGQVLPAGEGQNPARQAAMKAGVPQEA
TAWGMNQL(CY4)GSGLRAVALGMQQIATGDASIIVAGGMESMSMAPHCAHLRGGVKMGDFKMIDTMIKDGLTDAFYGYH
MGTTAENVAKQWQLSRDEQDAFAVASQNKAEAAQKDGRFKDEIVPFIVKGRKGDITVDADEYIRHGATLDSMAKLRPAFD
KEGTVTAGNASGLNDGAAAALLMSEAEASRRGIQPLGRIVSWATVGVDPKVMGTGPIPASRKALERAGWKIGDLDLVEAN
EAFAAQACAVNKDLGWDPSIVNVNGGAIAIGHPIGASGARILNTLLFEMKRRGARKGLATLCIGGGMGVAMCIESL
;
_entity_poly.pdbx_strand_id   A,B,C,D
#
loop_
_chem_comp.id
_chem_comp.type
_chem_comp.name
_chem_comp.formula
GOL non-polymer GLYCEROL 'C3 H8 O3'
SO4 non-polymer 'SULFATE ION' 'O4 S -2'
#
# COMPACT_ATOMS: atom_id res chain seq x y z
N PRO A 3 12.07 25.63 43.91
CA PRO A 3 11.61 26.48 42.76
C PRO A 3 10.08 26.50 42.60
N SER A 4 9.54 27.57 42.06
CA SER A 4 8.08 27.65 41.87
C SER A 4 7.79 28.06 40.44
N ILE A 5 7.13 27.20 39.69
CA ILE A 5 6.86 27.45 38.27
C ILE A 5 5.38 27.76 38.08
N VAL A 6 5.10 28.75 37.24
CA VAL A 6 3.75 29.11 36.89
C VAL A 6 3.47 28.83 35.44
N ILE A 7 2.19 28.69 35.18
CA ILE A 7 1.62 28.70 33.85
C ILE A 7 1.23 30.09 33.49
N ALA A 8 2.00 30.78 32.66
CA ALA A 8 1.69 32.19 32.39
C ALA A 8 0.49 32.38 31.46
N SER A 9 0.34 31.48 30.50
CA SER A 9 -0.71 31.49 29.50
C SER A 9 -0.94 30.08 28.95
N ALA A 10 -2.14 29.90 28.39
CA ALA A 10 -2.52 28.65 27.71
C ALA A 10 -3.50 28.87 26.57
N ALA A 11 -3.54 27.92 25.67
CA ALA A 11 -4.43 27.94 24.54
C ALA A 11 -4.58 26.51 23.98
N ARG A 12 -5.66 26.33 23.27
CA ARG A 12 -5.89 25.10 22.52
C ARG A 12 -6.62 25.43 21.25
N THR A 13 -6.47 24.58 20.25
CA THR A 13 -7.44 24.54 19.17
C THR A 13 -8.74 23.92 19.63
N ALA A 14 -9.81 24.22 18.88
CA ALA A 14 -10.99 23.38 18.90
C ALA A 14 -10.54 21.97 18.65
N VAL A 15 -11.29 21.05 19.17
CA VAL A 15 -11.11 19.64 18.87
C VAL A 15 -11.96 19.23 17.67
N GLY A 16 -11.29 18.76 16.63
CA GLY A 16 -11.91 18.31 15.40
C GLY A 16 -12.42 16.89 15.48
N SER A 17 -13.50 16.61 14.75
CA SER A 17 -14.01 15.24 14.55
C SER A 17 -13.08 14.44 13.60
N PHE A 18 -13.16 13.13 13.72
CA PHE A 18 -12.32 12.21 12.91
C PHE A 18 -12.63 12.43 11.41
N ASN A 19 -11.59 12.68 10.64
CA ASN A 19 -11.74 13.00 9.26
C ASN A 19 -12.81 14.09 9.05
N GLY A 20 -12.88 15.04 10.01
CA GLY A 20 -13.71 16.24 9.93
C GLY A 20 -12.93 17.52 9.51
N ALA A 21 -13.08 18.58 10.29
CA ALA A 21 -12.52 19.88 10.00
C ALA A 21 -11.00 19.86 9.69
N PHE A 22 -10.30 19.00 10.39
CA PHE A 22 -8.85 18.97 10.40
C PHE A 22 -8.36 17.70 9.69
N ALA A 23 -9.24 17.08 8.89
CA ALA A 23 -9.01 15.77 8.28
C ALA A 23 -7.67 15.70 7.56
N ASN A 24 -7.26 16.82 6.97
CA ASN A 24 -6.01 16.86 6.19
C ASN A 24 -4.97 17.86 6.69
N THR A 25 -5.04 18.16 7.96
CA THR A 25 -4.12 19.12 8.63
C THR A 25 -3.14 18.38 9.49
N PRO A 26 -1.87 18.43 9.14
CA PRO A 26 -0.84 17.82 9.96
C PRO A 26 -0.83 18.39 11.36
N ALA A 27 -0.53 17.55 12.34
CA ALA A 27 -0.57 17.94 13.74
C ALA A 27 0.33 19.18 14.02
N HIS A 28 1.51 19.27 13.40
CA HIS A 28 2.38 20.43 13.69
C HIS A 28 1.80 21.79 13.25
N GLU A 29 0.86 21.84 12.32
CA GLU A 29 0.23 23.08 11.90
C GLU A 29 -0.68 23.52 13.07
N LEU A 30 -1.43 22.57 13.63
CA LEU A 30 -2.25 22.90 14.84
C LEU A 30 -1.36 23.32 15.99
N GLY A 31 -0.24 22.61 16.19
CA GLY A 31 0.71 22.95 17.22
C GLY A 31 1.25 24.37 17.04
N ALA A 32 1.55 24.72 15.81
CA ALA A 32 2.16 26.01 15.59
C ALA A 32 1.19 27.13 15.99
N THR A 33 -0.08 26.96 15.69
CA THR A 33 -1.07 27.96 16.06
C THR A 33 -1.21 28.14 17.58
N VAL A 34 -1.23 27.01 18.32
CA VAL A 34 -1.18 27.06 19.73
C VAL A 34 0.09 27.64 20.35
N ILE A 35 1.24 27.39 19.77
CA ILE A 35 2.46 28.08 20.28
C ILE A 35 2.34 29.63 20.11
N SER A 36 1.90 30.06 18.92
CA SER A 36 1.77 31.49 18.64
C SER A 36 0.78 32.13 19.61
N ALA A 37 -0.22 31.36 19.97
CA ALA A 37 -1.27 31.82 20.82
C ALA A 37 -0.80 31.99 22.26
N VAL A 38 -0.05 31.02 22.82
CA VAL A 38 0.40 31.18 24.23
C VAL A 38 1.34 32.34 24.38
N LEU A 39 2.12 32.59 23.32
CA LEU A 39 3.08 33.64 23.30
C LEU A 39 2.34 34.96 23.29
N GLU A 40 1.41 35.10 22.36
CA GLU A 40 0.56 36.31 22.26
C GLU A 40 -0.15 36.59 23.55
N ARG A 41 -0.77 35.57 24.08
CA ARG A 41 -1.51 35.69 25.35
C ARG A 41 -0.70 36.07 26.57
N ALA A 42 0.56 35.66 26.64
CA ALA A 42 1.42 36.02 27.76
C ALA A 42 2.18 37.31 27.52
N GLY A 43 2.15 37.81 26.30
CA GLY A 43 2.98 38.92 25.98
C GLY A 43 4.43 38.56 25.86
N VAL A 44 4.72 37.32 25.51
CA VAL A 44 6.09 36.87 25.39
C VAL A 44 6.42 36.67 23.93
N ALA A 45 7.61 37.11 23.49
CA ALA A 45 7.98 36.95 22.09
C ALA A 45 8.59 35.60 21.83
N ALA A 46 8.35 35.06 20.63
CA ALA A 46 8.97 33.85 20.18
C ALA A 46 10.48 33.78 20.38
N GLY A 47 11.18 34.92 20.26
CA GLY A 47 12.64 34.91 20.46
C GLY A 47 13.14 34.52 21.86
N GLU A 48 12.22 34.57 22.85
CA GLU A 48 12.45 34.32 24.25
C GLU A 48 12.23 32.83 24.66
N VAL A 49 11.72 32.02 23.72
CA VAL A 49 11.38 30.63 24.03
C VAL A 49 12.66 29.81 24.02
N ASN A 50 12.92 29.02 25.07
CA ASN A 50 14.09 28.17 25.09
C ASN A 50 13.82 26.80 24.45
N GLU A 51 12.69 26.21 24.77
CA GLU A 51 12.35 24.94 24.26
C GLU A 51 10.88 24.71 24.10
N VAL A 52 10.49 23.89 23.11
CA VAL A 52 9.10 23.51 22.95
C VAL A 52 9.02 21.99 23.11
N ILE A 53 8.13 21.54 23.95
CA ILE A 53 7.99 20.11 24.23
C ILE A 53 6.57 19.70 23.93
N LEU A 54 6.38 18.78 22.96
CA LEU A 54 5.00 18.43 22.50
C LEU A 54 4.74 16.93 22.58
N GLY A 55 3.85 16.48 23.48
CA GLY A 55 3.33 15.12 23.47
C GLY A 55 2.66 14.82 22.10
N GLN A 56 2.93 13.62 21.56
CA GLN A 56 2.38 13.20 20.29
C GLN A 56 2.57 11.72 20.11
N VAL A 57 1.45 10.98 20.02
CA VAL A 57 1.47 9.52 19.92
C VAL A 57 1.63 8.97 18.50
N LEU A 58 1.15 9.69 17.47
CA LEU A 58 0.99 9.20 16.09
C LEU A 58 1.62 10.12 15.05
N PRO A 59 2.95 10.24 15.08
CA PRO A 59 3.67 11.13 14.13
C PRO A 59 4.11 10.47 12.85
N ALA A 60 3.83 9.20 12.64
CA ALA A 60 4.31 8.49 11.43
C ALA A 60 3.92 9.20 10.14
N GLY A 61 4.91 9.41 9.29
CA GLY A 61 4.75 10.09 8.02
C GLY A 61 4.84 11.61 8.03
N GLU A 62 4.84 12.19 9.21
CA GLU A 62 4.86 13.62 9.33
C GLU A 62 6.24 14.24 9.15
N GLY A 63 7.28 13.43 9.07
CA GLY A 63 8.62 14.00 8.91
C GLY A 63 9.38 14.12 10.23
N GLN A 64 10.65 14.52 10.12
CA GLN A 64 11.51 14.68 11.29
C GLN A 64 10.89 15.55 12.38
N ASN A 65 10.73 14.95 13.57
CA ASN A 65 10.48 15.63 14.83
C ASN A 65 9.44 16.78 14.64
N PRO A 66 8.17 16.40 14.46
CA PRO A 66 7.12 17.41 14.30
C PRO A 66 7.08 18.55 15.37
N ALA A 67 7.62 18.34 16.54
CA ALA A 67 7.64 19.44 17.51
C ALA A 67 8.48 20.58 17.07
N ARG A 68 9.60 20.21 16.46
CA ARG A 68 10.48 21.22 15.87
C ARG A 68 9.80 21.92 14.73
N GLN A 69 9.10 21.17 13.91
CA GLN A 69 8.41 21.72 12.81
C GLN A 69 7.37 22.73 13.30
N ALA A 70 6.64 22.39 14.36
CA ALA A 70 5.65 23.32 14.97
C ALA A 70 6.36 24.60 15.51
N ALA A 71 7.47 24.43 16.21
CA ALA A 71 8.23 25.56 16.76
C ALA A 71 8.69 26.50 15.66
N MET A 72 9.25 25.92 14.63
CA MET A 72 9.82 26.71 13.56
C MET A 72 8.73 27.50 12.81
N LYS A 73 7.59 26.87 12.54
CA LYS A 73 6.50 27.51 11.87
C LYS A 73 6.01 28.67 12.72
N ALA A 74 6.01 28.51 14.01
CA ALA A 74 5.55 29.62 14.89
C ALA A 74 6.55 30.78 15.12
N GLY A 75 7.75 30.69 14.58
CA GLY A 75 8.68 31.81 14.66
C GLY A 75 9.67 31.63 15.79
N VAL A 76 9.61 30.48 16.46
CA VAL A 76 10.57 30.21 17.51
C VAL A 76 11.91 30.02 16.82
N PRO A 77 12.94 30.75 17.30
CA PRO A 77 14.22 30.79 16.63
C PRO A 77 14.94 29.45 16.49
N GLN A 78 15.80 29.36 15.47
CA GLN A 78 16.61 28.08 15.29
C GLN A 78 17.50 27.76 16.50
N GLU A 79 17.85 28.76 17.30
CA GLU A 79 18.69 28.54 18.46
C GLU A 79 18.01 27.80 19.64
N ALA A 80 16.68 27.90 19.71
CA ALA A 80 15.86 27.14 20.68
C ALA A 80 15.90 25.66 20.27
N THR A 81 15.35 24.81 21.10
CA THR A 81 15.24 23.39 20.82
C THR A 81 13.79 22.93 20.98
N ALA A 82 13.54 21.69 20.55
CA ALA A 82 12.22 21.11 20.61
C ALA A 82 12.30 19.64 20.48
N TRP A 83 11.35 18.97 21.12
CA TRP A 83 11.33 17.53 21.12
C TRP A 83 9.93 17.04 21.36
N GLY A 84 9.64 15.81 20.92
CA GLY A 84 8.39 15.17 21.20
C GLY A 84 8.53 14.05 22.18
N MET A 85 7.40 13.68 22.78
CA MET A 85 7.40 12.61 23.75
C MET A 85 6.10 11.88 23.71
N ASN A 86 6.13 10.68 24.28
CA ASN A 86 4.99 9.79 24.20
C ASN A 86 4.77 8.98 25.46
N GLN A 87 3.82 9.42 26.29
CA GLN A 87 3.29 8.60 27.37
C GLN A 87 1.75 8.48 27.07
N LEU A 88 1.43 8.09 25.83
CA LEU A 88 0.04 7.81 25.33
C LEU A 88 -0.94 8.96 25.73
O CY4 A 89 -3.09 11.75 27.86
C CY4 A 89 -2.50 10.66 27.67
CA CY4 A 89 -3.03 9.68 26.63
N CY4 A 89 -2.09 8.63 26.31
CB CY4 A 89 -4.31 8.97 27.15
SG CY4 A 89 -5.15 8.17 25.74
CA1 CY4 A 89 -4.58 6.53 26.07
CA2 CY4 A 89 -5.30 5.42 25.27
OA1 CY4 A 89 -3.64 6.27 26.76
CA3 CY4 A 89 -6.79 5.71 25.19
CA4 CY4 A 89 -7.57 5.16 26.38
N GLY A 90 -1.47 10.24 28.42
CA GLY A 90 -0.88 11.15 29.37
C GLY A 90 0.02 12.24 28.80
N SER A 91 0.36 12.13 27.55
CA SER A 91 1.39 12.91 26.96
C SER A 91 1.28 14.40 27.16
N GLY A 92 0.11 14.99 26.91
CA GLY A 92 0.09 16.43 26.74
C GLY A 92 0.17 17.04 28.14
N LEU A 93 -0.30 16.28 29.16
CA LEU A 93 -0.10 16.71 30.57
C LEU A 93 1.37 16.47 31.10
N ARG A 94 1.91 15.35 30.74
CA ARG A 94 3.26 14.95 31.10
C ARG A 94 4.27 15.95 30.57
N ALA A 95 4.06 16.38 29.35
CA ALA A 95 4.91 17.41 28.76
C ALA A 95 5.04 18.68 29.59
N VAL A 96 3.91 19.12 30.15
CA VAL A 96 3.90 20.28 31.05
C VAL A 96 4.74 20.04 32.28
N ALA A 97 4.62 18.85 32.90
CA ALA A 97 5.49 18.52 34.01
C ALA A 97 6.98 18.52 33.62
N LEU A 98 7.27 17.96 32.46
CA LEU A 98 8.63 17.91 31.95
C LEU A 98 9.17 19.33 31.71
N GLY A 99 8.32 20.19 31.17
CA GLY A 99 8.67 21.61 30.97
C GLY A 99 8.94 22.31 32.28
N MET A 100 8.11 22.05 33.28
CA MET A 100 8.32 22.51 34.62
C MET A 100 9.71 22.14 35.17
N GLN A 101 10.15 20.94 34.83
CA GLN A 101 11.38 20.45 35.37
C GLN A 101 12.54 21.08 34.71
N GLN A 102 12.40 21.50 33.44
CA GLN A 102 13.54 22.17 32.78
C GLN A 102 13.83 23.48 33.48
N ILE A 103 12.77 24.18 33.88
CA ILE A 103 12.89 25.42 34.67
C ILE A 103 13.39 25.24 36.12
N ALA A 104 12.88 24.22 36.81
CA ALA A 104 13.30 23.96 38.18
C ALA A 104 14.78 23.60 38.31
N THR A 105 15.28 22.87 37.35
CA THR A 105 16.70 22.49 37.36
C THR A 105 17.62 23.52 36.73
N GLY A 106 17.03 24.62 36.28
CA GLY A 106 17.83 25.78 35.87
C GLY A 106 18.37 25.69 34.46
N ASP A 107 17.83 24.74 33.68
CA ASP A 107 18.22 24.54 32.32
C ASP A 107 17.54 25.36 31.25
N ALA A 108 16.42 25.98 31.63
CA ALA A 108 15.66 26.85 30.74
C ALA A 108 14.92 27.90 31.57
N SER A 109 14.53 28.96 30.91
CA SER A 109 13.66 29.98 31.56
C SER A 109 12.23 29.96 31.07
N ILE A 110 12.04 29.74 29.78
CA ILE A 110 10.73 29.85 29.16
C ILE A 110 10.53 28.60 28.35
N ILE A 111 9.46 27.85 28.63
CA ILE A 111 9.17 26.61 27.92
C ILE A 111 7.77 26.72 27.37
N VAL A 112 7.55 26.23 26.16
CA VAL A 112 6.19 26.02 25.69
C VAL A 112 5.97 24.48 25.71
N ALA A 113 4.90 24.04 26.38
CA ALA A 113 4.67 22.64 26.55
C ALA A 113 3.23 22.22 26.44
N GLY A 114 3.00 21.09 25.78
CA GLY A 114 1.66 20.50 25.68
C GLY A 114 1.67 19.29 24.76
N GLY A 115 0.66 19.18 23.94
CA GLY A 115 0.64 18.20 22.91
C GLY A 115 -0.16 18.46 21.70
N MET A 116 0.00 17.56 20.75
CA MET A 116 -0.66 17.73 19.49
C MET A 116 -0.90 16.35 18.88
N GLU A 117 -2.00 16.25 18.16
CA GLU A 117 -2.41 14.97 17.50
C GLU A 117 -3.35 15.11 16.31
N SER A 118 -3.00 14.45 15.18
CA SER A 118 -3.89 14.24 14.08
C SER A 118 -4.10 12.76 13.93
N MET A 119 -5.16 12.30 14.57
CA MET A 119 -5.53 10.94 14.40
C MET A 119 -5.99 10.72 12.96
N SER A 120 -6.66 11.71 12.36
CA SER A 120 -7.09 11.64 10.98
C SER A 120 -5.94 11.32 10.02
N MET A 121 -4.84 12.03 10.20
CA MET A 121 -3.69 11.91 9.31
C MET A 121 -2.74 10.71 9.61
N ALA A 122 -3.01 9.92 10.66
CA ALA A 122 -2.21 8.73 10.93
C ALA A 122 -2.34 7.73 9.77
N PRO A 123 -1.22 7.19 9.30
CA PRO A 123 -1.25 6.34 8.14
C PRO A 123 -1.44 4.87 8.43
N HIS A 124 -1.64 4.12 7.36
CA HIS A 124 -1.50 2.68 7.40
C HIS A 124 -0.07 2.27 7.07
N CYS A 125 0.41 1.19 7.65
CA CYS A 125 1.80 0.77 7.41
C CYS A 125 2.02 -0.73 7.34
N ALA A 126 3.17 -1.10 6.78
CA ALA A 126 3.59 -2.49 6.75
C ALA A 126 5.11 -2.55 6.59
N HIS A 127 5.70 -3.48 7.30
CA HIS A 127 7.14 -3.74 7.23
C HIS A 127 7.42 -4.59 5.99
N LEU A 128 8.10 -3.98 4.99
CA LEU A 128 8.24 -4.54 3.65
C LEU A 128 9.69 -4.79 3.19
N ARG A 129 10.65 -4.64 4.08
CA ARG A 129 12.07 -4.77 3.74
C ARG A 129 12.54 -6.16 3.39
N GLY A 130 12.00 -7.15 4.09
CA GLY A 130 12.31 -8.54 3.84
C GLY A 130 11.68 -8.98 2.53
N GLY A 131 10.45 -8.50 2.33
CA GLY A 131 9.72 -8.79 1.12
C GLY A 131 8.68 -9.84 1.35
N VAL A 132 7.63 -9.80 0.54
CA VAL A 132 6.55 -10.76 0.61
C VAL A 132 6.71 -11.71 -0.57
N LYS A 133 7.45 -12.81 -0.36
CA LYS A 133 7.68 -13.80 -1.42
C LYS A 133 6.36 -14.16 -2.11
N MET A 134 5.31 -14.40 -1.30
CA MET A 134 3.96 -14.60 -1.83
C MET A 134 2.84 -14.67 -0.78
N GLY A 135 1.64 -14.32 -1.22
CA GLY A 135 0.45 -14.34 -0.39
C GLY A 135 0.07 -12.94 0.07
N ASP A 136 -1.07 -12.84 0.76
CA ASP A 136 -1.56 -11.56 1.25
C ASP A 136 -0.80 -11.12 2.51
N PHE A 137 -0.78 -9.82 2.77
CA PHE A 137 -0.21 -9.32 4.04
C PHE A 137 -1.08 -8.16 4.56
N LYS A 138 -0.90 -7.75 5.81
CA LYS A 138 -1.77 -6.68 6.37
C LYS A 138 -1.14 -5.29 6.33
N MET A 139 -1.94 -4.34 5.88
CA MET A 139 -1.67 -2.94 6.07
C MET A 139 -2.34 -2.57 7.41
N ILE A 140 -1.52 -2.09 8.34
CA ILE A 140 -1.90 -1.93 9.72
C ILE A 140 -2.26 -0.45 9.91
N ASP A 141 -3.42 -0.17 10.46
CA ASP A 141 -3.76 1.17 10.91
C ASP A 141 -2.92 1.61 12.13
N THR A 142 -1.96 2.54 11.94
CA THR A 142 -1.09 2.93 13.02
C THR A 142 -1.88 3.58 14.16
N MET A 143 -3.02 4.22 13.88
CA MET A 143 -3.83 4.79 14.93
C MET A 143 -4.32 3.70 15.89
N ILE A 144 -4.86 2.66 15.33
CA ILE A 144 -5.34 1.55 16.17
C ILE A 144 -4.14 0.83 16.85
N LYS A 145 -3.14 0.48 16.06
CA LYS A 145 -1.99 -0.32 16.55
C LYS A 145 -1.16 0.39 17.60
N ASP A 146 -0.74 1.62 17.29
CA ASP A 146 0.13 2.35 18.19
C ASP A 146 -0.58 3.23 19.18
N GLY A 147 -1.87 3.52 18.95
CA GLY A 147 -2.64 4.36 19.82
C GLY A 147 -3.60 3.66 20.75
N LEU A 148 -4.31 2.66 20.25
CA LEU A 148 -5.50 2.19 20.91
C LEU A 148 -5.56 0.73 21.25
N THR A 149 -4.54 -0.04 20.89
CA THR A 149 -4.49 -1.42 21.19
C THR A 149 -3.52 -1.70 22.34
N ASP A 150 -3.97 -2.43 23.38
CA ASP A 150 -3.02 -2.87 24.41
C ASP A 150 -1.98 -3.81 23.84
N ALA A 151 -0.72 -3.52 24.15
CA ALA A 151 0.39 -4.32 23.63
C ALA A 151 0.56 -5.66 24.34
N PHE A 152 0.02 -5.81 25.54
CA PHE A 152 0.18 -7.03 26.32
C PHE A 152 -0.90 -8.07 26.08
N TYR A 153 -2.12 -7.58 26.06
CA TYR A 153 -3.30 -8.43 25.96
C TYR A 153 -3.88 -8.49 24.55
N GLY A 154 -3.48 -7.56 23.69
CA GLY A 154 -3.81 -7.58 22.28
C GLY A 154 -5.17 -7.00 21.96
N TYR A 155 -5.88 -6.53 22.99
CA TYR A 155 -7.23 -6.01 22.76
C TYR A 155 -7.30 -4.51 22.90
N HIS A 156 -8.39 -3.92 22.43
CA HIS A 156 -8.59 -2.46 22.39
C HIS A 156 -8.80 -1.91 23.81
N MET A 157 -8.50 -0.63 23.95
CA MET A 157 -8.71 0.13 25.17
C MET A 157 -10.17 -0.08 25.64
N GLY A 158 -11.11 -0.23 24.71
CA GLY A 158 -12.51 -0.38 25.10
C GLY A 158 -12.75 -1.68 25.86
N THR A 159 -11.89 -2.67 25.64
CA THR A 159 -11.97 -3.90 26.40
C THR A 159 -11.51 -3.73 27.84
N THR A 160 -10.50 -2.88 28.04
CA THR A 160 -10.07 -2.49 29.40
C THR A 160 -11.17 -1.75 30.11
N ALA A 161 -11.90 -0.92 29.37
CA ALA A 161 -13.12 -0.33 29.91
C ALA A 161 -14.17 -1.36 30.34
N GLU A 162 -14.40 -2.40 29.55
CA GLU A 162 -15.31 -3.49 29.98
C GLU A 162 -14.82 -4.17 31.26
N ASN A 163 -13.52 -4.39 31.33
CA ASN A 163 -12.88 -4.97 32.52
C ASN A 163 -13.20 -4.15 33.79
N VAL A 164 -13.17 -2.82 33.67
CA VAL A 164 -13.45 -1.93 34.77
C VAL A 164 -14.93 -1.95 35.08
N ALA A 165 -15.76 -1.98 34.04
CA ALA A 165 -17.22 -2.01 34.19
C ALA A 165 -17.65 -3.25 34.98
N LYS A 166 -17.04 -4.38 34.63
CA LYS A 166 -17.34 -5.63 35.34
C LYS A 166 -16.84 -5.52 36.79
N GLN A 167 -15.59 -5.11 36.97
CA GLN A 167 -15.01 -4.97 38.31
C GLN A 167 -15.72 -4.01 39.26
N TRP A 168 -16.26 -2.88 38.76
CA TRP A 168 -16.92 -1.86 39.61
C TRP A 168 -18.47 -2.00 39.58
N GLN A 169 -18.95 -3.03 38.89
CA GLN A 169 -20.38 -3.32 38.70
C GLN A 169 -21.13 -2.09 38.16
N LEU A 170 -20.62 -1.53 37.05
CA LEU A 170 -21.21 -0.30 36.51
C LEU A 170 -22.15 -0.67 35.38
N SER A 171 -23.40 -0.33 35.54
CA SER A 171 -24.42 -0.74 34.59
C SER A 171 -24.31 -0.02 33.25
N ARG A 172 -24.88 -0.61 32.20
CA ARG A 172 -25.09 0.10 30.92
C ARG A 172 -25.83 1.42 31.14
N ASP A 173 -26.90 1.39 31.94
CA ASP A 173 -27.69 2.61 32.27
C ASP A 173 -26.89 3.72 32.98
N GLU A 174 -26.10 3.37 34.00
CA GLU A 174 -25.17 4.35 34.64
C GLU A 174 -24.18 4.97 33.67
N GLN A 175 -23.46 4.12 32.89
CA GLN A 175 -22.60 4.61 31.80
C GLN A 175 -23.27 5.50 30.78
N ASP A 176 -24.50 5.14 30.39
CA ASP A 176 -25.21 5.97 29.43
C ASP A 176 -25.62 7.29 30.06
N ALA A 177 -26.13 7.27 31.28
CA ALA A 177 -26.43 8.54 31.96
C ALA A 177 -25.23 9.52 32.04
N PHE A 178 -24.08 8.98 32.46
CA PHE A 178 -22.85 9.74 32.50
C PHE A 178 -22.54 10.35 31.13
N ALA A 179 -22.59 9.52 30.12
CA ALA A 179 -22.35 9.97 28.73
C ALA A 179 -23.26 11.12 28.26
N VAL A 180 -24.56 11.00 28.48
CA VAL A 180 -25.54 12.04 28.15
C VAL A 180 -25.26 13.30 28.91
N ALA A 181 -24.92 13.19 30.20
CA ALA A 181 -24.51 14.35 31.04
C ALA A 181 -23.31 15.08 30.56
N SER A 182 -22.33 14.32 30.09
CA SER A 182 -21.15 14.91 29.53
C SER A 182 -21.50 15.74 28.30
N GLN A 183 -22.31 15.17 27.41
CA GLN A 183 -22.77 15.88 26.22
C GLN A 183 -23.57 17.10 26.56
N ASN A 184 -24.49 16.96 27.51
CA ASN A 184 -25.34 18.11 27.86
C ASN A 184 -24.58 19.27 28.56
N LYS A 185 -23.59 18.92 29.41
CA LYS A 185 -22.73 19.90 30.07
C LYS A 185 -21.88 20.59 29.00
N ALA A 186 -21.29 19.84 28.05
CA ALA A 186 -20.48 20.46 27.01
C ALA A 186 -21.29 21.36 26.06
N GLU A 187 -22.49 20.93 25.68
CA GLU A 187 -23.38 21.72 24.87
C GLU A 187 -23.67 23.05 25.56
N ALA A 188 -24.05 22.99 26.83
CA ALA A 188 -24.32 24.21 27.62
C ALA A 188 -23.12 25.16 27.74
N ALA A 189 -21.97 24.60 28.10
CA ALA A 189 -20.72 25.41 28.12
C ALA A 189 -20.42 26.03 26.76
N GLN A 190 -20.55 25.26 25.68
CA GLN A 190 -20.27 25.80 24.33
C GLN A 190 -21.21 26.97 23.99
N LYS A 191 -22.49 26.76 24.26
CA LYS A 191 -23.52 27.78 23.95
C LYS A 191 -23.35 29.02 24.73
N ASP A 192 -22.97 28.88 25.98
CA ASP A 192 -22.73 30.00 26.87
C ASP A 192 -21.41 30.71 26.66
N GLY A 193 -20.51 30.15 25.84
CA GLY A 193 -19.33 30.90 25.50
C GLY A 193 -18.14 30.49 26.41
N ARG A 194 -18.29 29.45 27.20
CA ARG A 194 -17.23 29.05 28.12
C ARG A 194 -15.96 28.48 27.51
N PHE A 195 -15.99 28.05 26.24
CA PHE A 195 -14.76 27.56 25.61
C PHE A 195 -14.07 28.65 24.80
N LYS A 196 -14.69 29.81 24.66
CA LYS A 196 -14.05 30.86 23.84
C LYS A 196 -12.65 31.30 24.32
N ASP A 197 -12.49 31.45 25.66
CA ASP A 197 -11.25 32.01 26.24
C ASP A 197 -10.10 31.03 25.90
N GLU A 198 -10.36 29.76 26.14
CA GLU A 198 -9.34 28.73 25.94
C GLU A 198 -8.96 28.46 24.46
N ILE A 199 -9.96 28.48 23.57
CA ILE A 199 -9.77 28.18 22.12
C ILE A 199 -9.12 29.36 21.40
N VAL A 200 -8.14 29.02 20.58
CA VAL A 200 -7.61 29.95 19.60
C VAL A 200 -8.13 29.46 18.27
N PRO A 201 -8.68 30.31 17.45
CA PRO A 201 -9.18 29.85 16.14
C PRO A 201 -8.08 29.38 15.25
N PHE A 202 -8.40 28.37 14.48
CA PHE A 202 -7.45 27.74 13.55
C PHE A 202 -7.96 27.92 12.11
N ILE A 203 -7.09 28.46 11.23
CA ILE A 203 -7.47 28.69 9.84
C ILE A 203 -7.04 27.53 8.96
N VAL A 204 -8.02 26.78 8.46
CA VAL A 204 -7.72 25.65 7.57
C VAL A 204 -7.62 26.21 6.15
N LYS A 205 -6.45 26.10 5.53
CA LYS A 205 -6.25 26.70 4.22
C LYS A 205 -6.79 25.77 3.14
N GLY A 206 -7.54 26.34 2.19
CA GLY A 206 -8.12 25.58 1.11
C GLY A 206 -8.01 26.27 -0.23
N ARG A 207 -7.86 25.45 -1.26
CA ARG A 207 -7.92 25.89 -2.65
C ARG A 207 -9.07 26.88 -2.88
N LYS A 208 -10.29 26.45 -2.57
CA LYS A 208 -11.50 27.25 -2.80
C LYS A 208 -12.14 27.77 -1.50
N GLY A 209 -11.31 28.32 -0.63
CA GLY A 209 -11.78 28.91 0.62
C GLY A 209 -11.00 28.49 1.85
N ASP A 210 -10.48 29.47 2.58
CA ASP A 210 -9.92 29.23 3.91
C ASP A 210 -11.11 29.12 4.84
N ILE A 211 -11.03 28.30 5.86
CA ILE A 211 -12.20 28.10 6.73
C ILE A 211 -11.65 28.34 8.12
N THR A 212 -12.27 29.18 8.90
CA THR A 212 -11.82 29.32 10.28
C THR A 212 -12.63 28.39 11.21
N VAL A 213 -11.91 27.60 11.99
CA VAL A 213 -12.54 26.67 12.92
C VAL A 213 -12.32 27.16 14.35
N ASP A 214 -13.39 27.54 15.05
CA ASP A 214 -13.26 27.94 16.47
C ASP A 214 -14.26 27.29 17.39
N ALA A 215 -14.87 26.23 16.92
CA ALA A 215 -15.80 25.51 17.72
C ALA A 215 -15.52 24.00 17.71
N ASP A 216 -15.58 23.42 18.90
CA ASP A 216 -15.49 21.97 19.13
C ASP A 216 -16.53 21.20 18.31
N GLU A 217 -16.18 20.48 17.25
CA GLU A 217 -17.24 20.00 16.38
C GLU A 217 -17.82 18.65 16.76
N TYR A 218 -17.25 18.00 17.75
CA TYR A 218 -17.63 16.64 18.14
C TYR A 218 -18.81 16.65 19.11
N ILE A 219 -19.08 17.77 19.79
CA ILE A 219 -20.11 17.84 20.80
C ILE A 219 -21.45 17.69 20.08
N ARG A 220 -22.27 16.77 20.58
CA ARG A 220 -23.53 16.40 19.99
C ARG A 220 -24.50 17.36 20.65
N HIS A 221 -25.27 18.04 19.83
CA HIS A 221 -26.31 18.88 20.36
C HIS A 221 -27.64 18.11 20.50
N GLY A 222 -28.26 18.30 21.65
CA GLY A 222 -29.53 17.65 21.97
C GLY A 222 -29.47 16.14 22.13
N ALA A 223 -28.36 15.62 22.64
CA ALA A 223 -28.15 14.18 22.78
C ALA A 223 -29.20 13.62 23.71
N THR A 224 -29.77 12.48 23.33
CA THR A 224 -30.89 11.93 24.11
C THR A 224 -30.43 10.65 24.77
N LEU A 225 -31.03 10.30 25.91
CA LEU A 225 -30.78 9.02 26.58
C LEU A 225 -31.19 7.84 25.68
N ASP A 226 -32.31 7.98 24.94
CA ASP A 226 -32.83 6.94 24.04
C ASP A 226 -31.85 6.60 22.91
N SER A 227 -31.23 7.62 22.34
CA SER A 227 -30.24 7.41 21.27
C SER A 227 -29.02 6.61 21.77
N MET A 228 -28.54 6.95 22.96
CA MET A 228 -27.49 6.19 23.66
C MET A 228 -27.89 4.74 23.97
N ALA A 229 -29.10 4.54 24.48
CA ALA A 229 -29.61 3.25 24.86
C ALA A 229 -29.76 2.30 23.67
N LYS A 230 -29.94 2.82 22.44
CA LYS A 230 -30.15 1.95 21.27
C LYS A 230 -28.85 1.42 20.64
N LEU A 231 -27.72 1.94 21.08
CA LEU A 231 -26.44 1.57 20.45
C LEU A 231 -26.07 0.13 20.85
N ARG A 232 -25.34 -0.54 19.95
CA ARG A 232 -24.80 -1.87 20.21
C ARG A 232 -23.44 -1.75 20.87
N PRO A 233 -23.12 -2.66 21.81
CA PRO A 233 -21.75 -2.75 22.35
C PRO A 233 -20.69 -2.81 21.23
N ALA A 234 -19.63 -2.02 21.38
CA ALA A 234 -18.62 -1.87 20.32
C ALA A 234 -17.41 -2.81 20.45
N PHE A 235 -17.23 -3.45 21.61
CA PHE A 235 -16.03 -4.28 21.91
C PHE A 235 -16.29 -5.72 22.37
N ASP A 236 -17.48 -5.97 22.93
CA ASP A 236 -17.90 -7.25 23.48
C ASP A 236 -19.37 -7.38 23.12
N LYS A 237 -19.80 -8.53 22.61
CA LYS A 237 -21.16 -8.68 22.08
C LYS A 237 -22.20 -8.67 23.21
N GLU A 238 -21.75 -9.00 24.42
CA GLU A 238 -22.58 -8.95 25.62
C GLU A 238 -22.05 -7.86 26.59
N GLY A 239 -21.42 -6.85 26.02
CA GLY A 239 -20.80 -5.77 26.78
C GLY A 239 -21.71 -4.61 27.11
N THR A 240 -21.08 -3.53 27.58
CA THR A 240 -21.78 -2.32 27.95
C THR A 240 -21.22 -1.08 27.33
N VAL A 241 -19.97 -1.13 26.86
CA VAL A 241 -19.26 0.01 26.33
C VAL A 241 -19.58 0.12 24.84
N THR A 242 -20.02 1.31 24.42
CA THR A 242 -20.50 1.58 23.06
C THR A 242 -19.79 2.80 22.53
N ALA A 243 -20.05 3.12 21.26
CA ALA A 243 -19.46 4.30 20.64
C ALA A 243 -19.98 5.51 21.31
N GLY A 244 -21.17 5.38 21.89
CA GLY A 244 -21.77 6.50 22.58
C GLY A 244 -21.18 6.84 23.92
N ASN A 245 -20.79 5.82 24.68
CA ASN A 245 -20.33 6.06 26.04
C ASN A 245 -18.80 5.93 26.13
N ALA A 246 -18.17 5.92 24.95
CA ALA A 246 -16.72 5.97 24.84
C ALA A 246 -16.41 7.33 24.26
N SER A 247 -15.16 7.76 24.41
CA SER A 247 -14.77 8.99 23.75
C SER A 247 -14.55 8.69 22.27
N GLY A 248 -14.20 9.68 21.48
CA GLY A 248 -14.05 9.46 20.07
C GLY A 248 -12.61 9.49 19.58
N LEU A 249 -12.47 9.57 18.25
CA LEU A 249 -11.15 9.71 17.58
C LEU A 249 -11.06 11.12 17.03
N ASN A 250 -10.05 11.88 17.47
CA ASN A 250 -10.08 13.34 17.31
C ASN A 250 -8.70 13.95 17.00
N ASP A 251 -8.74 15.18 16.47
CA ASP A 251 -7.58 15.99 16.14
C ASP A 251 -7.57 17.30 16.98
N GLY A 252 -6.40 17.74 17.41
CA GLY A 252 -6.27 19.02 18.09
C GLY A 252 -4.89 19.22 18.63
N ALA A 253 -4.63 20.40 19.11
CA ALA A 253 -3.43 20.70 19.82
C ALA A 253 -3.78 21.58 21.04
N ALA A 254 -2.88 21.59 21.97
CA ALA A 254 -3.06 22.35 23.21
C ALA A 254 -1.74 22.59 23.94
N ALA A 255 -1.56 23.80 24.51
CA ALA A 255 -0.28 24.11 25.19
C ALA A 255 -0.39 25.16 26.32
N ALA A 256 0.70 25.25 27.06
CA ALA A 256 0.92 26.14 28.15
C ALA A 256 2.31 26.79 27.98
N LEU A 257 2.44 28.08 28.26
CA LEU A 257 3.75 28.71 28.36
C LEU A 257 4.12 28.78 29.82
N LEU A 258 5.30 28.27 30.12
CA LEU A 258 5.81 28.20 31.47
C LEU A 258 7.01 29.07 31.72
N MET A 259 7.11 29.51 32.96
CA MET A 259 8.28 30.31 33.46
C MET A 259 8.25 30.27 34.99
N SER A 260 9.30 30.76 35.65
CA SER A 260 9.28 30.87 37.11
C SER A 260 8.28 31.85 37.63
N GLU A 261 7.76 31.61 38.84
CA GLU A 261 6.90 32.62 39.47
C GLU A 261 7.56 34.04 39.54
N ALA A 262 8.85 34.12 39.85
CA ALA A 262 9.53 35.42 39.95
C ALA A 262 9.68 36.09 38.58
N GLU A 263 9.81 35.30 37.53
CA GLU A 263 9.95 35.84 36.16
C GLU A 263 8.62 36.38 35.70
N ALA A 264 7.51 35.72 36.04
CA ALA A 264 6.20 36.26 35.70
C ALA A 264 5.97 37.60 36.39
N SER A 265 6.45 37.67 37.63
CA SER A 265 6.33 38.89 38.41
C SER A 265 7.16 40.02 37.78
N ARG A 266 8.42 39.76 37.46
CA ARG A 266 9.20 40.71 36.64
C ARG A 266 8.48 41.28 35.42
N ARG A 267 7.80 40.44 34.66
CA ARG A 267 7.17 40.83 33.41
C ARG A 267 5.75 41.41 33.59
N GLY A 268 5.25 41.39 34.82
CA GLY A 268 3.91 41.87 35.07
C GLY A 268 2.74 40.99 34.61
N ILE A 269 3.00 39.70 34.51
CA ILE A 269 2.06 38.72 34.03
C ILE A 269 1.26 38.20 35.24
N GLN A 270 -0.05 38.19 35.09
CA GLN A 270 -0.93 37.46 36.02
C GLN A 270 -1.16 36.06 35.54
N PRO A 271 -0.48 35.07 36.15
CA PRO A 271 -0.52 33.74 35.56
C PRO A 271 -1.79 33.05 35.84
N LEU A 272 -2.04 32.05 35.02
CA LEU A 272 -3.21 31.16 35.17
C LEU A 272 -3.13 30.20 36.38
N GLY A 273 -1.94 29.95 36.92
CA GLY A 273 -1.79 29.02 38.01
C GLY A 273 -0.35 28.74 38.29
N ARG A 274 -0.12 28.29 39.50
CA ARG A 274 1.14 27.71 39.94
C ARG A 274 1.07 26.20 39.95
N ILE A 275 2.11 25.56 39.42
CA ILE A 275 2.17 24.08 39.41
C ILE A 275 2.61 23.69 40.81
N VAL A 276 1.70 23.08 41.57
CA VAL A 276 2.01 22.76 42.96
C VAL A 276 2.60 21.35 43.12
N SER A 277 2.14 20.42 42.27
CA SER A 277 2.68 19.07 42.27
C SER A 277 2.21 18.33 41.02
N TRP A 278 2.80 17.15 40.80
CA TRP A 278 2.33 16.29 39.72
C TRP A 278 2.75 14.87 40.12
N ALA A 279 2.16 13.88 39.51
CA ALA A 279 2.54 12.50 39.76
C ALA A 279 2.15 11.61 38.62
N THR A 280 2.92 10.52 38.45
CA THR A 280 2.53 9.47 37.52
C THR A 280 2.81 8.12 38.18
N VAL A 281 1.85 7.23 38.05
CA VAL A 281 1.90 5.91 38.67
C VAL A 281 1.38 4.87 37.69
N GLY A 282 1.77 3.61 37.88
CA GLY A 282 1.37 2.52 37.02
C GLY A 282 0.28 1.70 37.72
N VAL A 283 -0.53 1.02 36.90
CA VAL A 283 -1.53 0.03 37.32
C VAL A 283 -1.47 -1.15 36.32
N ASP A 284 -2.31 -2.17 36.55
CA ASP A 284 -2.37 -3.35 35.65
C ASP A 284 -2.91 -2.85 34.30
N PRO A 285 -2.29 -3.19 33.20
CA PRO A 285 -2.85 -2.77 31.88
C PRO A 285 -4.27 -3.23 31.65
N LYS A 286 -4.69 -4.34 32.24
CA LYS A 286 -6.08 -4.77 32.00
C LYS A 286 -7.12 -3.80 32.53
N VAL A 287 -6.74 -2.99 33.51
CA VAL A 287 -7.67 -1.99 34.09
C VAL A 287 -7.04 -0.60 34.08
N MET A 288 -6.40 -0.23 32.95
CA MET A 288 -5.67 1.01 32.82
C MET A 288 -6.48 2.29 33.16
N GLY A 289 -7.80 2.17 32.99
CA GLY A 289 -8.78 3.24 33.23
C GLY A 289 -8.75 3.70 34.69
N THR A 290 -8.18 2.87 35.57
CA THR A 290 -8.02 3.21 36.98
C THR A 290 -6.79 3.98 37.34
N GLY A 291 -5.90 4.25 36.37
CA GLY A 291 -4.70 5.00 36.60
C GLY A 291 -4.86 6.27 37.36
N PRO A 292 -5.89 7.08 37.07
CA PRO A 292 -6.11 8.30 37.81
C PRO A 292 -6.26 8.17 39.29
N ILE A 293 -6.65 7.00 39.79
CA ILE A 293 -6.79 6.88 41.18
C ILE A 293 -5.46 7.04 41.94
N PRO A 294 -4.47 6.17 41.77
CA PRO A 294 -3.20 6.35 42.49
C PRO A 294 -2.45 7.61 42.04
N ALA A 295 -2.54 8.03 40.75
CA ALA A 295 -1.85 9.24 40.29
C ALA A 295 -2.40 10.49 41.00
N SER A 296 -3.72 10.62 41.05
CA SER A 296 -4.34 11.72 41.82
C SER A 296 -3.98 11.67 43.28
N ARG A 297 -4.12 10.52 43.94
CA ARG A 297 -3.78 10.46 45.36
C ARG A 297 -2.34 10.86 45.60
N LYS A 298 -1.44 10.45 44.71
CA LYS A 298 -0.01 10.74 44.87
C LYS A 298 0.29 12.25 44.66
N ALA A 299 -0.40 12.84 43.67
CA ALA A 299 -0.27 14.26 43.40
C ALA A 299 -0.74 15.08 44.60
N LEU A 300 -1.88 14.70 45.17
CA LEU A 300 -2.45 15.38 46.35
C LEU A 300 -1.52 15.24 47.56
N GLU A 301 -0.91 14.08 47.74
CA GLU A 301 0.01 13.87 48.86
C GLU A 301 1.22 14.82 48.75
N ARG A 302 1.69 14.94 47.53
CA ARG A 302 2.87 15.72 47.19
C ARG A 302 2.58 17.22 47.42
N ALA A 303 1.33 17.62 47.16
CA ALA A 303 0.90 19.00 47.34
C ALA A 303 0.58 19.35 48.79
N GLY A 304 0.36 18.32 49.61
CA GLY A 304 -0.12 18.46 50.97
C GLY A 304 -1.61 18.78 51.08
N TRP A 305 -2.36 18.34 50.08
CA TRP A 305 -3.78 18.59 49.99
C TRP A 305 -4.61 17.35 50.27
N LYS A 306 -5.75 17.58 50.90
CA LYS A 306 -6.81 16.55 50.98
C LYS A 306 -7.65 16.64 49.72
N ILE A 307 -8.30 15.53 49.38
CA ILE A 307 -9.24 15.50 48.26
C ILE A 307 -10.30 16.57 48.38
N GLY A 308 -10.87 16.73 49.59
CA GLY A 308 -11.81 17.81 49.90
C GLY A 308 -11.35 19.26 49.71
N ASP A 309 -10.05 19.50 49.63
CA ASP A 309 -9.46 20.84 49.40
C ASP A 309 -9.65 21.35 47.94
N LEU A 310 -9.83 20.41 47.00
CA LEU A 310 -10.07 20.75 45.59
C LEU A 310 -11.38 21.46 45.34
N ASP A 311 -11.28 22.54 44.58
CA ASP A 311 -12.41 23.33 44.12
C ASP A 311 -12.94 22.95 42.73
N LEU A 312 -12.07 22.39 41.88
CA LEU A 312 -12.40 22.02 40.52
C LEU A 312 -11.48 20.89 40.06
N VAL A 313 -12.04 19.93 39.29
CA VAL A 313 -11.34 18.77 38.80
C VAL A 313 -11.66 18.57 37.33
N GLU A 314 -10.62 18.31 36.54
CA GLU A 314 -10.78 17.74 35.22
C GLU A 314 -10.19 16.34 35.25
N ALA A 315 -11.08 15.37 35.18
CA ALA A 315 -10.70 13.99 35.09
C ALA A 315 -11.16 13.45 33.74
N ASN A 316 -10.20 13.09 32.91
CA ASN A 316 -10.49 12.88 31.53
C ASN A 316 -11.37 11.62 31.36
N GLU A 317 -12.30 11.73 30.41
CA GLU A 317 -13.34 10.71 30.14
C GLU A 317 -12.97 9.89 28.91
N ALA A 318 -12.02 8.96 29.06
CA ALA A 318 -11.72 8.08 27.96
C ALA A 318 -12.94 7.17 27.71
N PHE A 319 -13.49 6.61 28.77
CA PHE A 319 -14.70 5.83 28.71
C PHE A 319 -15.60 6.14 29.93
N ALA A 320 -16.94 6.13 29.78
CA ALA A 320 -17.85 6.32 30.92
C ALA A 320 -17.55 5.37 32.11
N ALA A 321 -17.35 4.11 31.79
CA ALA A 321 -17.01 3.09 32.76
C ALA A 321 -15.82 3.49 33.64
N GLN A 322 -14.75 3.92 33.01
CA GLN A 322 -13.61 4.27 33.87
C GLN A 322 -13.75 5.62 34.56
N ALA A 323 -14.34 6.62 33.89
CA ALA A 323 -14.54 7.91 34.53
C ALA A 323 -15.45 7.74 35.80
N CYS A 324 -16.42 6.83 35.73
CA CYS A 324 -17.34 6.53 36.84
C CYS A 324 -16.60 5.85 37.99
N ALA A 325 -15.72 4.90 37.63
CA ALA A 325 -14.92 4.22 38.63
C ALA A 325 -14.02 5.18 39.43
N VAL A 326 -13.28 6.01 38.70
CA VAL A 326 -12.42 7.02 39.29
C VAL A 326 -13.21 7.88 40.27
N ASN A 327 -14.35 8.43 39.85
CA ASN A 327 -15.14 9.30 40.70
C ASN A 327 -15.64 8.55 41.95
N LYS A 328 -16.00 7.29 41.78
CA LYS A 328 -16.56 6.49 42.92
C LYS A 328 -15.44 6.27 43.96
N ASP A 329 -14.27 5.86 43.50
CA ASP A 329 -13.09 5.61 44.37
C ASP A 329 -12.62 6.87 45.08
N LEU A 330 -12.36 7.91 44.31
CA LEU A 330 -11.87 9.15 44.91
C LEU A 330 -12.90 9.81 45.81
N GLY A 331 -14.19 9.83 45.40
CA GLY A 331 -15.26 10.35 46.23
C GLY A 331 -15.35 11.85 46.18
N TRP A 332 -14.62 12.50 45.27
CA TRP A 332 -14.79 13.94 45.17
C TRP A 332 -16.23 14.25 44.69
N ASP A 333 -16.67 15.46 44.96
CA ASP A 333 -18.04 15.84 44.66
C ASP A 333 -18.15 15.86 43.15
N PRO A 334 -19.07 15.09 42.56
CA PRO A 334 -19.17 15.01 41.09
C PRO A 334 -19.51 16.36 40.49
N SER A 335 -20.06 17.26 41.30
CA SER A 335 -20.53 18.56 40.82
C SER A 335 -19.37 19.50 40.46
N ILE A 336 -18.16 19.22 40.94
CA ILE A 336 -16.99 20.03 40.63
C ILE A 336 -16.11 19.33 39.61
N VAL A 337 -16.53 18.19 39.11
CA VAL A 337 -15.72 17.40 38.09
C VAL A 337 -16.30 17.62 36.64
N ASN A 338 -15.42 18.03 35.72
CA ASN A 338 -15.75 18.18 34.31
C ASN A 338 -17.01 19.06 34.19
N VAL A 339 -16.95 20.24 34.82
CA VAL A 339 -18.17 21.07 34.94
C VAL A 339 -18.63 21.52 33.56
N ASN A 340 -17.69 21.63 32.60
CA ASN A 340 -17.99 22.00 31.21
C ASN A 340 -18.10 20.81 30.21
N GLY A 341 -18.34 19.63 30.75
CA GLY A 341 -18.36 18.40 30.00
C GLY A 341 -16.93 17.83 29.79
N GLY A 342 -16.90 16.67 29.20
CA GLY A 342 -15.65 15.95 29.06
C GLY A 342 -15.45 15.32 27.70
N ALA A 343 -14.42 14.49 27.62
CA ALA A 343 -13.97 13.91 26.38
C ALA A 343 -15.02 13.11 25.67
N ILE A 344 -15.98 12.51 26.34
CA ILE A 344 -17.02 11.81 25.58
C ILE A 344 -17.70 12.73 24.54
N ALA A 345 -17.93 14.00 24.91
CA ALA A 345 -18.52 15.03 24.12
C ALA A 345 -17.54 15.81 23.33
N ILE A 346 -16.45 16.21 23.97
CA ILE A 346 -15.43 17.10 23.30
C ILE A 346 -14.48 16.34 22.30
N GLY A 347 -14.16 15.10 22.61
CA GLY A 347 -13.27 14.29 21.81
C GLY A 347 -11.98 13.95 22.55
N HIS A 348 -11.14 13.09 21.95
CA HIS A 348 -9.93 12.63 22.62
C HIS A 348 -8.75 12.54 21.63
N PRO A 349 -8.22 13.70 21.36
CA PRO A 349 -7.04 13.79 20.50
C PRO A 349 -5.83 13.33 21.31
N ILE A 350 -5.55 12.04 21.22
CA ILE A 350 -4.73 11.37 22.27
C ILE A 350 -3.49 12.11 22.84
N GLY A 351 -2.52 12.56 22.03
CA GLY A 351 -1.38 13.23 22.59
C GLY A 351 -1.61 14.62 23.07
N ALA A 352 -2.69 15.24 22.60
CA ALA A 352 -3.09 16.61 23.01
C ALA A 352 -4.01 16.65 24.25
N SER A 353 -4.68 15.54 24.53
CA SER A 353 -5.73 15.54 25.52
C SER A 353 -5.35 16.07 26.92
N GLY A 354 -4.21 15.66 27.49
CA GLY A 354 -3.80 16.13 28.80
C GLY A 354 -3.61 17.63 28.88
N ALA A 355 -3.10 18.25 27.82
CA ALA A 355 -3.06 19.68 27.71
C ALA A 355 -4.43 20.31 27.41
N ARG A 356 -5.32 19.61 26.69
CA ARG A 356 -6.72 20.12 26.43
C ARG A 356 -7.44 20.26 27.71
N ILE A 357 -7.38 19.22 28.56
CA ILE A 357 -8.06 19.36 29.85
C ILE A 357 -7.41 20.31 30.80
N LEU A 358 -6.11 20.47 30.74
CA LEU A 358 -5.49 21.51 31.56
C LEU A 358 -5.97 22.88 31.16
N ASN A 359 -6.05 23.15 29.87
CA ASN A 359 -6.65 24.40 29.34
C ASN A 359 -8.03 24.60 29.89
N THR A 360 -8.85 23.56 29.84
CA THR A 360 -10.21 23.72 30.34
C THR A 360 -10.22 23.98 31.84
N LEU A 361 -9.38 23.23 32.56
CA LEU A 361 -9.29 23.51 34.00
C LEU A 361 -8.87 24.94 34.35
N LEU A 362 -7.79 25.39 33.72
CA LEU A 362 -7.26 26.68 34.01
C LEU A 362 -8.24 27.80 33.74
N PHE A 363 -8.96 27.75 32.62
CA PHE A 363 -9.78 28.87 32.23
C PHE A 363 -11.05 28.88 33.05
N GLU A 364 -11.52 27.71 33.41
CA GLU A 364 -12.66 27.62 34.38
C GLU A 364 -12.27 28.07 35.81
N MET A 365 -11.10 27.70 36.31
CA MET A 365 -10.59 28.20 37.61
C MET A 365 -10.58 29.68 37.63
N LYS A 366 -10.02 30.29 36.53
CA LYS A 366 -10.05 31.75 36.40
C LYS A 366 -11.43 32.35 36.45
N ARG A 367 -12.34 31.78 35.68
CA ARG A 367 -13.67 32.38 35.55
C ARG A 367 -14.47 32.27 36.84
N ARG A 368 -14.27 31.19 37.58
CA ARG A 368 -15.08 31.02 38.79
C ARG A 368 -14.31 31.38 40.07
N GLY A 369 -13.04 31.68 39.93
CA GLY A 369 -12.21 32.08 41.07
C GLY A 369 -11.87 30.92 42.01
N ALA A 370 -11.75 29.74 41.43
CA ALA A 370 -11.45 28.52 42.18
C ALA A 370 -9.94 28.59 42.49
N ARG A 371 -9.60 28.22 43.72
CA ARG A 371 -8.20 28.31 44.19
C ARG A 371 -7.38 27.09 43.88
N LYS A 372 -7.99 25.91 44.03
CA LYS A 372 -7.25 24.66 43.90
C LYS A 372 -7.90 23.73 42.89
N GLY A 373 -7.09 23.25 41.96
CA GLY A 373 -7.54 22.37 40.87
C GLY A 373 -6.65 21.16 40.65
N LEU A 374 -7.24 20.15 40.05
CA LEU A 374 -6.48 18.93 39.68
C LEU A 374 -6.90 18.50 38.29
N ALA A 375 -5.91 18.12 37.48
CA ALA A 375 -6.14 17.44 36.21
C ALA A 375 -5.50 16.08 36.21
N THR A 376 -6.23 15.09 35.68
CA THR A 376 -5.80 13.69 35.63
C THR A 376 -6.37 12.91 34.40
N LEU A 377 -5.57 11.96 33.92
CA LEU A 377 -5.91 11.08 32.80
C LEU A 377 -5.45 9.70 33.07
N CYS A 378 -6.23 8.74 32.55
CA CYS A 378 -5.73 7.33 32.40
C CYS A 378 -4.87 7.16 31.17
N ILE A 379 -4.08 6.09 31.19
CA ILE A 379 -3.08 5.86 30.19
C ILE A 379 -2.99 4.37 29.78
N GLY A 380 -2.99 4.11 28.47
CA GLY A 380 -2.93 2.79 27.89
C GLY A 380 -1.66 2.12 28.39
N GLY A 381 -1.76 0.85 28.62
CA GLY A 381 -0.67 0.13 29.15
C GLY A 381 -0.58 0.15 30.63
N GLY A 382 -1.57 0.76 31.27
CA GLY A 382 -1.63 0.76 32.71
C GLY A 382 -0.81 1.89 33.36
N MET A 383 -1.22 3.14 33.13
CA MET A 383 -0.70 4.28 33.91
C MET A 383 -1.73 5.40 34.22
N GLY A 384 -1.37 6.31 35.15
CA GLY A 384 -2.16 7.52 35.39
C GLY A 384 -1.17 8.69 35.46
N VAL A 385 -1.61 9.89 35.17
CA VAL A 385 -0.86 11.10 35.45
C VAL A 385 -1.85 12.13 36.08
N ALA A 386 -1.38 12.94 37.01
CA ALA A 386 -2.22 14.01 37.62
C ALA A 386 -1.32 15.23 37.92
N MET A 387 -1.92 16.40 37.88
CA MET A 387 -1.25 17.65 38.25
C MET A 387 -2.12 18.52 39.11
N CYS A 388 -1.54 19.09 40.17
CA CYS A 388 -2.20 20.02 41.02
C CYS A 388 -1.83 21.44 40.70
N ILE A 389 -2.85 22.27 40.60
CA ILE A 389 -2.68 23.69 40.19
C ILE A 389 -3.31 24.56 41.28
N GLU A 390 -2.64 25.63 41.65
CA GLU A 390 -3.23 26.63 42.56
C GLU A 390 -3.24 28.00 41.93
N SER A 391 -4.33 28.73 42.07
CA SER A 391 -4.37 30.12 41.60
C SER A 391 -3.38 31.04 42.38
N LEU A 392 -2.85 32.08 41.71
CA LEU A 392 -2.09 33.16 42.35
C LEU A 392 -2.99 34.37 42.68
N PRO B 3 21.24 18.91 44.06
CA PRO B 3 21.16 17.45 43.73
C PRO B 3 22.41 16.95 42.99
N SER B 4 22.87 15.76 43.32
CA SER B 4 23.95 15.13 42.59
C SER B 4 23.50 13.75 42.12
N ILE B 5 23.46 13.52 40.81
CA ILE B 5 22.94 12.25 40.27
C ILE B 5 24.10 11.49 39.64
N VAL B 6 24.16 10.19 39.85
CA VAL B 6 25.19 9.38 39.28
C VAL B 6 24.60 8.34 38.36
N ILE B 7 25.47 7.85 37.48
CA ILE B 7 25.17 6.67 36.65
C ILE B 7 25.76 5.47 37.33
N ALA B 8 24.90 4.67 37.97
CA ALA B 8 25.32 3.50 38.74
C ALA B 8 25.87 2.38 37.84
N SER B 9 25.33 2.27 36.64
CA SER B 9 25.66 1.19 35.70
C SER B 9 25.15 1.52 34.33
N ALA B 10 25.72 0.85 33.32
CA ALA B 10 25.29 0.99 31.94
C ALA B 10 25.50 -0.23 31.15
N ALA B 11 24.78 -0.30 30.07
CA ALA B 11 24.94 -1.38 29.14
C ALA B 11 24.39 -1.03 27.78
N ARG B 12 24.83 -1.78 26.78
CA ARG B 12 24.29 -1.64 25.41
C ARG B 12 24.33 -2.99 24.71
N THR B 13 23.47 -3.16 23.73
CA THR B 13 23.63 -4.25 22.80
C THR B 13 24.74 -3.94 21.83
N ALA B 14 25.27 -4.97 21.20
CA ALA B 14 25.97 -4.78 19.91
C ALA B 14 25.10 -3.99 18.95
N VAL B 15 25.71 -3.24 18.07
CA VAL B 15 25.02 -2.54 17.01
C VAL B 15 24.94 -3.42 15.77
N GLY B 16 23.70 -3.68 15.36
CA GLY B 16 23.31 -4.56 14.29
C GLY B 16 23.41 -3.79 12.99
N SER B 17 23.84 -4.48 11.90
CA SER B 17 23.84 -3.91 10.52
C SER B 17 22.37 -3.90 10.01
N PHE B 18 22.07 -3.02 9.09
CA PHE B 18 20.72 -2.87 8.51
C PHE B 18 20.26 -4.21 7.94
N ASN B 19 19.07 -4.65 8.31
CA ASN B 19 18.58 -5.91 7.86
C ASN B 19 19.67 -7.03 8.07
N GLY B 20 20.43 -6.96 9.19
CA GLY B 20 21.49 -7.91 9.55
C GLY B 20 21.00 -8.78 10.73
N ALA B 21 21.83 -8.94 11.76
CA ALA B 21 21.52 -9.83 12.89
C ALA B 21 20.15 -9.59 13.58
N PHE B 22 19.80 -8.30 13.67
CA PHE B 22 18.61 -7.83 14.34
C PHE B 22 17.49 -7.43 13.36
N ALA B 23 17.51 -7.99 12.13
CA ALA B 23 16.65 -7.52 11.04
C ALA B 23 15.16 -7.65 11.41
N ASN B 24 14.83 -8.67 12.18
CA ASN B 24 13.42 -8.91 12.55
C ASN B 24 13.13 -8.83 14.05
N THR B 25 13.97 -8.10 14.75
CA THR B 25 13.87 -7.87 16.20
C THR B 25 13.31 -6.51 16.51
N PRO B 26 12.14 -6.49 17.10
CA PRO B 26 11.54 -5.24 17.55
C PRO B 26 12.46 -4.51 18.56
N ALA B 27 12.55 -3.20 18.46
CA ALA B 27 13.37 -2.42 19.32
C ALA B 27 13.15 -2.64 20.82
N HIS B 28 11.89 -2.85 21.27
CA HIS B 28 11.67 -3.10 22.67
C HIS B 28 12.29 -4.41 23.22
N GLU B 29 12.62 -5.39 22.36
CA GLU B 29 13.26 -6.61 22.82
C GLU B 29 14.72 -6.28 23.13
N LEU B 30 15.34 -5.48 22.28
CA LEU B 30 16.69 -4.99 22.55
C LEU B 30 16.70 -4.13 23.82
N GLY B 31 15.70 -3.30 23.95
CA GLY B 31 15.56 -2.42 25.11
C GLY B 31 15.43 -3.30 26.37
N ALA B 32 14.54 -4.29 26.33
CA ALA B 32 14.35 -5.13 27.53
C ALA B 32 15.69 -5.76 28.00
N THR B 33 16.50 -6.28 27.08
CA THR B 33 17.78 -6.87 27.46
C THR B 33 18.72 -5.89 28.11
N VAL B 34 18.80 -4.66 27.56
CA VAL B 34 19.60 -3.64 28.19
C VAL B 34 19.09 -3.17 29.57
N ILE B 35 17.78 -3.08 29.76
CA ILE B 35 17.26 -2.78 31.09
C ILE B 35 17.64 -3.86 32.15
N SER B 36 17.43 -5.12 31.80
CA SER B 36 17.89 -6.25 32.59
C SER B 36 19.36 -6.18 32.98
N ALA B 37 20.18 -5.79 32.00
CA ALA B 37 21.60 -5.71 32.15
C ALA B 37 22.01 -4.61 33.09
N VAL B 38 21.40 -3.43 32.99
CA VAL B 38 21.78 -2.32 33.90
C VAL B 38 21.43 -2.62 35.34
N LEU B 39 20.32 -3.34 35.54
CA LEU B 39 19.89 -3.75 36.84
C LEU B 39 20.86 -4.77 37.46
N GLU B 40 21.14 -5.83 36.73
CA GLU B 40 22.12 -6.82 37.15
C GLU B 40 23.45 -6.20 37.49
N ARG B 41 23.90 -5.32 36.62
CA ARG B 41 25.23 -4.73 36.76
C ARG B 41 25.37 -3.81 37.99
N ALA B 42 24.28 -3.19 38.36
CA ALA B 42 24.26 -2.32 39.53
C ALA B 42 23.81 -3.04 40.83
N GLY B 43 23.32 -4.27 40.71
CA GLY B 43 22.82 -5.00 41.85
C GLY B 43 21.51 -4.43 42.33
N VAL B 44 20.76 -3.84 41.41
CA VAL B 44 19.45 -3.24 41.69
C VAL B 44 18.33 -4.11 41.14
N ALA B 45 17.25 -4.30 41.91
CA ALA B 45 16.21 -5.18 41.37
C ALA B 45 15.25 -4.45 40.55
N ALA B 46 14.67 -5.12 39.57
CA ALA B 46 13.61 -4.51 38.78
C ALA B 46 12.46 -3.90 39.58
N GLY B 47 12.03 -4.51 40.67
CA GLY B 47 10.97 -3.94 41.51
C GLY B 47 11.24 -2.54 42.07
N GLU B 48 12.54 -2.15 42.03
CA GLU B 48 13.03 -0.89 42.55
C GLU B 48 12.99 0.30 41.56
N VAL B 49 12.73 -0.01 40.29
CA VAL B 49 12.78 1.01 39.26
C VAL B 49 11.50 1.84 39.36
N ASN B 50 11.59 3.16 39.32
CA ASN B 50 10.40 4.03 39.31
C ASN B 50 9.92 4.29 37.91
N GLU B 51 10.83 4.58 37.01
CA GLU B 51 10.48 4.85 35.60
C GLU B 51 11.53 4.43 34.56
N VAL B 52 11.08 4.10 33.37
CA VAL B 52 11.97 3.81 32.25
C VAL B 52 11.68 4.86 31.15
N ILE B 53 12.71 5.48 30.67
CA ILE B 53 12.64 6.55 29.68
C ILE B 53 13.54 6.20 28.50
N LEU B 54 12.92 5.96 27.32
CA LEU B 54 13.68 5.42 26.14
C LEU B 54 13.45 6.31 24.88
N GLY B 55 14.50 6.98 24.46
CA GLY B 55 14.51 7.66 23.17
C GLY B 55 14.25 6.62 22.08
N GLN B 56 13.45 7.00 21.10
CA GLN B 56 13.12 6.14 19.97
C GLN B 56 12.46 6.95 18.92
N VAL B 57 13.08 7.01 17.74
CA VAL B 57 12.67 7.89 16.64
C VAL B 57 11.61 7.21 15.75
N LEU B 58 11.64 5.86 15.64
CA LEU B 58 10.93 5.11 14.57
C LEU B 58 10.12 3.97 15.18
N PRO B 59 9.17 4.29 16.03
CA PRO B 59 8.37 3.23 16.67
C PRO B 59 7.13 2.76 15.88
N ALA B 60 6.87 3.24 14.67
CA ALA B 60 5.59 2.90 13.94
C ALA B 60 5.36 1.39 13.73
N GLY B 61 4.15 0.93 14.01
CA GLY B 61 3.82 -0.45 13.90
C GLY B 61 4.26 -1.31 15.09
N GLU B 62 5.04 -0.74 16.05
CA GLU B 62 5.53 -1.53 17.19
C GLU B 62 4.48 -1.65 18.30
N GLY B 63 3.38 -0.92 18.19
CA GLY B 63 2.35 -1.01 19.23
C GLY B 63 2.49 0.10 20.27
N GLN B 64 1.54 0.15 21.18
CA GLN B 64 1.46 1.16 22.24
C GLN B 64 2.74 1.24 23.02
N ASN B 65 3.39 2.43 22.96
CA ASN B 65 4.44 2.88 23.85
C ASN B 65 5.47 1.74 24.04
N PRO B 66 6.29 1.49 23.02
CA PRO B 66 7.36 0.50 23.19
C PRO B 66 8.27 0.64 24.45
N ALA B 67 8.44 1.82 25.06
CA ALA B 67 9.24 1.90 26.28
C ALA B 67 8.60 1.01 27.39
N ARG B 68 7.28 1.11 27.47
CA ARG B 68 6.51 0.31 28.44
C ARG B 68 6.63 -1.18 28.14
N GLN B 69 6.61 -1.52 26.87
CA GLN B 69 6.81 -2.90 26.46
C GLN B 69 8.16 -3.45 26.92
N ALA B 70 9.19 -2.69 26.63
CA ALA B 70 10.54 -3.04 27.11
C ALA B 70 10.62 -3.23 28.67
N ALA B 71 10.04 -2.28 29.42
CA ALA B 71 10.09 -2.29 30.88
C ALA B 71 9.38 -3.53 31.41
N MET B 72 8.24 -3.77 30.86
CA MET B 72 7.42 -4.91 31.27
C MET B 72 8.11 -6.24 30.94
N LYS B 73 8.73 -6.33 29.78
CA LYS B 73 9.44 -7.56 29.40
C LYS B 73 10.64 -7.81 30.35
N ALA B 74 11.23 -6.74 30.85
CA ALA B 74 12.40 -6.82 31.75
C ALA B 74 11.98 -7.12 33.18
N GLY B 75 10.67 -7.24 33.43
CA GLY B 75 10.19 -7.53 34.77
C GLY B 75 10.00 -6.31 35.67
N VAL B 76 10.09 -5.10 35.09
CA VAL B 76 9.84 -3.90 35.85
C VAL B 76 8.32 -3.92 36.11
N PRO B 77 7.94 -3.69 37.37
CA PRO B 77 6.55 -3.90 37.81
C PRO B 77 5.60 -2.95 37.16
N GLN B 78 4.37 -3.42 37.06
CA GLN B 78 3.24 -2.54 36.55
C GLN B 78 3.06 -1.23 37.29
N GLU B 79 3.54 -1.12 38.54
CA GLU B 79 3.40 0.14 39.27
C GLU B 79 4.34 1.27 38.87
N ALA B 80 5.46 0.90 38.27
CA ALA B 80 6.40 1.85 37.65
C ALA B 80 5.75 2.46 36.40
N THR B 81 6.39 3.45 35.83
CA THR B 81 5.92 4.05 34.62
C THR B 81 7.04 4.04 33.53
N ALA B 82 6.67 4.43 32.32
CA ALA B 82 7.59 4.40 31.16
C ALA B 82 7.06 5.24 30.08
N TRP B 83 7.99 5.82 29.33
CA TRP B 83 7.59 6.68 28.23
C TRP B 83 8.73 6.82 27.26
N GLY B 84 8.36 7.20 26.03
CA GLY B 84 9.35 7.41 25.01
C GLY B 84 9.47 8.86 24.63
N MET B 85 10.59 9.19 23.96
CA MET B 85 10.77 10.55 23.55
C MET B 85 11.61 10.60 22.31
N ASN B 86 11.56 11.75 21.66
CA ASN B 86 12.17 11.90 20.34
C ASN B 86 12.80 13.30 20.17
N GLN B 87 14.12 13.38 20.34
CA GLN B 87 14.93 14.52 19.86
C GLN B 87 15.96 13.93 18.85
N LEU B 88 15.43 13.16 17.88
CA LEU B 88 16.18 12.54 16.77
C LEU B 88 17.47 11.90 17.28
O CY4 B 89 21.12 11.18 19.12
C CY4 B 89 20.26 11.88 18.55
CA CY4 B 89 19.85 11.58 17.10
N CY4 B 89 18.62 12.20 16.67
CB CY4 B 89 20.95 11.97 16.08
SG CY4 B 89 20.58 11.13 14.47
CA1 CY4 B 89 19.77 12.53 13.69
CA2 CY4 B 89 19.48 12.29 12.20
OA1 CY4 B 89 19.39 13.50 14.22
CA3 CY4 B 89 20.73 11.78 11.47
CA4 CY4 B 89 21.89 12.80 11.37
N GLY B 90 19.72 12.96 19.11
CA GLY B 90 20.00 13.34 20.48
C GLY B 90 19.27 12.49 21.54
N SER B 91 18.34 11.70 21.08
CA SER B 91 17.38 11.11 21.97
C SER B 91 17.98 10.29 23.09
N GLY B 92 18.86 9.33 22.77
CA GLY B 92 19.31 8.43 23.79
C GLY B 92 20.08 9.15 24.88
N LEU B 93 20.86 10.22 24.55
CA LEU B 93 21.53 11.03 25.55
C LEU B 93 20.55 11.98 26.32
N ARG B 94 19.62 12.57 25.59
CA ARG B 94 18.66 13.46 26.21
C ARG B 94 17.82 12.72 27.24
N ALA B 95 17.46 11.49 26.94
CA ALA B 95 16.70 10.66 27.87
C ALA B 95 17.44 10.55 29.21
N VAL B 96 18.78 10.40 29.15
CA VAL B 96 19.57 10.38 30.37
C VAL B 96 19.49 11.65 31.17
N ALA B 97 19.57 12.81 30.50
CA ALA B 97 19.38 14.07 31.19
C ALA B 97 18.01 14.23 31.79
N LEU B 98 17.00 13.83 31.02
CA LEU B 98 15.56 13.82 31.53
C LEU B 98 15.41 12.93 32.74
N GLY B 99 16.11 11.79 32.74
CA GLY B 99 16.12 10.85 33.89
C GLY B 99 16.77 11.44 35.13
N MET B 100 17.88 12.15 34.90
CA MET B 100 18.54 12.92 35.95
C MET B 100 17.56 13.92 36.57
N GLN B 101 16.71 14.54 35.75
CA GLN B 101 15.89 15.60 36.23
C GLN B 101 14.74 15.06 37.08
N GLN B 102 14.31 13.84 36.81
CA GLN B 102 13.28 13.19 37.64
C GLN B 102 13.77 13.02 39.08
N ILE B 103 15.05 12.65 39.23
CA ILE B 103 15.66 12.48 40.52
C ILE B 103 15.97 13.82 41.20
N ALA B 104 16.47 14.77 40.42
CA ALA B 104 16.77 16.10 40.95
C ALA B 104 15.56 16.78 41.58
N THR B 105 14.42 16.66 40.93
CA THR B 105 13.18 17.28 41.41
C THR B 105 12.38 16.46 42.47
N GLY B 106 12.94 15.35 42.89
CA GLY B 106 12.35 14.54 43.95
C GLY B 106 11.18 13.70 43.52
N ASP B 107 10.96 13.57 42.18
CA ASP B 107 9.88 12.73 41.65
C ASP B 107 10.13 11.25 41.51
N ALA B 108 11.41 10.87 41.50
CA ALA B 108 11.83 9.48 41.41
C ALA B 108 13.16 9.25 42.13
N SER B 109 13.43 7.98 42.46
CA SER B 109 14.72 7.62 43.06
C SER B 109 15.61 6.88 42.11
N ILE B 110 15.00 6.03 41.31
CA ILE B 110 15.74 5.10 40.49
C ILE B 110 15.13 5.12 39.06
N ILE B 111 15.93 5.53 38.05
CA ILE B 111 15.48 5.67 36.67
C ILE B 111 16.40 4.82 35.77
N VAL B 112 15.82 4.11 34.83
CA VAL B 112 16.57 3.55 33.73
C VAL B 112 16.26 4.40 32.49
N ALA B 113 17.33 4.92 31.89
CA ALA B 113 17.19 5.83 30.76
C ALA B 113 18.17 5.51 29.64
N GLY B 114 17.74 5.71 28.41
CA GLY B 114 18.62 5.57 27.29
C GLY B 114 17.83 5.60 26.01
N GLY B 115 18.19 4.76 25.07
CA GLY B 115 17.37 4.63 23.89
C GLY B 115 17.39 3.33 23.21
N MET B 116 16.56 3.22 22.19
CA MET B 116 16.45 1.99 21.40
C MET B 116 15.94 2.29 20.01
N GLU B 117 16.42 1.51 19.05
CA GLU B 117 16.01 1.69 17.65
C GLU B 117 16.16 0.48 16.78
N SER B 118 15.15 0.18 15.98
CA SER B 118 15.24 -0.80 14.89
C SER B 118 14.90 -0.11 13.60
N MET B 119 15.96 0.40 12.96
CA MET B 119 15.81 0.99 11.67
C MET B 119 15.36 -0.11 10.71
N SER B 120 15.87 -1.33 10.87
CA SER B 120 15.37 -2.47 10.02
C SER B 120 13.83 -2.68 10.00
N MET B 121 13.22 -2.69 11.18
CA MET B 121 11.78 -2.98 11.34
C MET B 121 10.89 -1.76 11.06
N ALA B 122 11.49 -0.60 10.79
CA ALA B 122 10.67 0.59 10.43
C ALA B 122 9.88 0.30 9.16
N PRO B 123 8.58 0.60 9.14
CA PRO B 123 7.72 0.24 8.00
C PRO B 123 7.55 1.33 6.95
N HIS B 124 6.96 0.95 5.82
CA HIS B 124 6.49 1.89 4.80
C HIS B 124 5.06 2.29 5.16
N CYS B 125 4.66 3.53 4.85
CA CYS B 125 3.27 3.95 5.20
C CYS B 125 2.67 4.85 4.17
N ALA B 126 1.36 5.01 4.26
CA ALA B 126 0.67 6.03 3.49
C ALA B 126 -0.62 6.36 4.23
N HIS B 127 -1.02 7.61 4.16
CA HIS B 127 -2.31 8.09 4.64
C HIS B 127 -3.37 7.74 3.65
N LEU B 128 -4.26 6.83 4.06
CA LEU B 128 -5.24 6.26 3.14
C LEU B 128 -6.72 6.46 3.52
N ARG B 129 -6.99 7.24 4.57
CA ARG B 129 -8.37 7.43 5.08
C ARG B 129 -9.30 8.16 4.15
N GLY B 130 -8.75 9.14 3.44
CA GLY B 130 -9.54 9.94 2.53
C GLY B 130 -9.80 9.14 1.27
N GLY B 131 -8.94 8.16 1.03
CA GLY B 131 -8.98 7.41 -0.20
C GLY B 131 -8.14 8.14 -1.22
N VAL B 132 -7.85 7.44 -2.30
CA VAL B 132 -7.08 7.99 -3.39
C VAL B 132 -7.97 7.85 -4.59
N LYS B 133 -8.73 8.90 -4.89
CA LYS B 133 -9.82 8.80 -5.86
C LYS B 133 -9.31 8.37 -7.22
N MET B 134 -8.11 8.86 -7.57
CA MET B 134 -7.49 8.56 -8.85
C MET B 134 -6.04 9.05 -8.84
N GLY B 135 -5.15 8.25 -9.43
CA GLY B 135 -3.74 8.60 -9.54
C GLY B 135 -2.83 7.81 -8.62
N ASP B 136 -1.53 7.85 -8.95
CA ASP B 136 -0.53 7.10 -8.20
C ASP B 136 -0.33 7.71 -6.82
N PHE B 137 0.19 6.92 -5.91
CA PHE B 137 0.58 7.44 -4.60
C PHE B 137 1.79 6.66 -4.08
N LYS B 138 2.50 7.31 -3.18
CA LYS B 138 3.77 6.78 -2.67
C LYS B 138 3.52 6.05 -1.37
N MET B 139 4.11 4.86 -1.24
CA MET B 139 4.30 4.24 0.05
C MET B 139 5.64 4.82 0.54
N ILE B 140 5.58 5.52 1.67
CA ILE B 140 6.68 6.29 2.21
C ILE B 140 7.53 5.45 3.14
N ASP B 141 8.82 5.42 2.94
CA ASP B 141 9.71 4.76 3.91
C ASP B 141 9.82 5.58 5.21
N THR B 142 9.21 5.13 6.32
CA THR B 142 9.23 5.99 7.53
C THR B 142 10.66 6.26 8.04
N MET B 143 11.59 5.32 7.82
CA MET B 143 12.96 5.48 8.24
C MET B 143 13.55 6.72 7.57
N ILE B 144 13.34 6.85 6.29
CA ILE B 144 13.89 8.01 5.52
C ILE B 144 13.14 9.30 5.85
N LYS B 145 11.82 9.18 5.89
CA LYS B 145 10.97 10.37 6.03
C LYS B 145 11.01 10.94 7.44
N ASP B 146 10.85 10.08 8.45
CA ASP B 146 10.78 10.55 9.82
C ASP B 146 12.13 10.56 10.54
N GLY B 147 13.12 9.85 9.97
CA GLY B 147 14.41 9.71 10.60
C GLY B 147 15.47 10.55 9.95
N LEU B 148 15.50 10.59 8.62
CA LEU B 148 16.69 11.06 7.87
C LEU B 148 16.54 12.21 6.91
N THR B 149 15.33 12.69 6.74
CA THR B 149 15.05 13.80 5.84
C THR B 149 14.81 15.10 6.61
N ASP B 150 15.46 16.20 6.21
CA ASP B 150 15.16 17.48 6.87
C ASP B 150 13.77 17.94 6.47
N ALA B 151 12.96 18.32 7.45
CA ALA B 151 11.59 18.70 7.19
C ALA B 151 11.41 20.10 6.61
N PHE B 152 12.45 20.92 6.69
CA PHE B 152 12.38 22.30 6.18
C PHE B 152 12.87 22.45 4.74
N TYR B 153 13.98 21.81 4.42
CA TYR B 153 14.60 21.93 3.11
C TYR B 153 14.35 20.72 2.21
N GLY B 154 13.88 19.64 2.79
CA GLY B 154 13.38 18.49 2.06
C GLY B 154 14.43 17.47 1.65
N TYR B 155 15.69 17.80 1.90
CA TYR B 155 16.79 16.94 1.52
C TYR B 155 17.28 16.11 2.68
N HIS B 156 18.04 15.06 2.37
CA HIS B 156 18.61 14.13 3.36
C HIS B 156 19.69 14.82 4.20
N MET B 157 19.89 14.26 5.38
CA MET B 157 20.93 14.69 6.32
C MET B 157 22.27 14.74 5.62
N GLY B 158 22.49 13.83 4.64
CA GLY B 158 23.72 13.79 3.86
C GLY B 158 24.01 15.10 3.11
N THR B 159 22.95 15.75 2.65
CA THR B 159 23.10 17.07 2.08
C THR B 159 23.54 18.13 3.09
N THR B 160 23.02 18.04 4.33
CA THR B 160 23.50 18.95 5.39
C THR B 160 24.95 18.74 5.61
N ALA B 161 25.40 17.50 5.46
CA ALA B 161 26.82 17.23 5.53
C ALA B 161 27.65 17.88 4.46
N GLU B 162 27.13 17.91 3.23
CA GLU B 162 27.80 18.59 2.11
C GLU B 162 27.87 20.07 2.41
N ASN B 163 26.77 20.59 2.95
CA ASN B 163 26.71 22.01 3.38
C ASN B 163 27.89 22.39 4.32
N VAL B 164 28.19 21.50 5.27
CA VAL B 164 29.24 21.70 6.24
C VAL B 164 30.63 21.47 5.59
N ALA B 165 30.74 20.46 4.72
CA ALA B 165 31.96 20.26 3.92
C ALA B 165 32.40 21.51 3.13
N LYS B 166 31.41 22.18 2.56
CA LYS B 166 31.68 23.39 1.77
C LYS B 166 32.03 24.54 2.68
N GLN B 167 31.26 24.74 3.76
CA GLN B 167 31.51 25.82 4.71
C GLN B 167 32.90 25.77 5.36
N TRP B 168 33.36 24.57 5.72
CA TRP B 168 34.65 24.35 6.41
C TRP B 168 35.80 23.97 5.46
N GLN B 169 35.52 23.98 4.15
CA GLN B 169 36.47 23.57 3.10
C GLN B 169 37.16 22.25 3.45
N LEU B 170 36.36 21.20 3.68
CA LEU B 170 36.88 19.88 4.01
C LEU B 170 36.91 19.01 2.78
N SER B 171 38.09 18.55 2.42
CA SER B 171 38.25 17.84 1.18
C SER B 171 37.72 16.40 1.28
N ARG B 172 37.48 15.78 0.14
CA ARG B 172 37.16 14.35 0.10
C ARG B 172 38.27 13.53 0.76
N ASP B 173 39.53 13.87 0.49
CA ASP B 173 40.65 13.13 1.13
C ASP B 173 40.69 13.23 2.66
N GLU B 174 40.44 14.42 3.24
CA GLU B 174 40.39 14.56 4.71
C GLU B 174 39.25 13.72 5.31
N GLN B 175 38.08 13.82 4.68
CA GLN B 175 36.92 13.01 5.06
C GLN B 175 37.16 11.48 4.99
N ASP B 176 37.78 11.02 3.92
CA ASP B 176 38.05 9.60 3.76
C ASP B 176 39.07 9.14 4.79
N ALA B 177 40.12 9.94 5.01
CA ALA B 177 41.08 9.62 6.05
C ALA B 177 40.41 9.47 7.42
N PHE B 178 39.51 10.38 7.76
CA PHE B 178 38.86 10.34 9.03
C PHE B 178 38.03 9.06 9.14
N ALA B 179 37.31 8.73 8.07
CA ALA B 179 36.50 7.50 8.00
C ALA B 179 37.32 6.21 8.19
N VAL B 180 38.37 6.07 7.41
CA VAL B 180 39.28 4.92 7.59
C VAL B 180 39.89 4.83 9.00
N ALA B 181 40.23 5.96 9.59
CA ALA B 181 40.71 6.02 10.97
C ALA B 181 39.68 5.53 11.95
N SER B 182 38.43 5.93 11.75
CA SER B 182 37.35 5.41 12.58
C SER B 182 37.25 3.88 12.55
N GLN B 183 37.16 3.33 11.34
CA GLN B 183 37.17 1.87 11.11
C GLN B 183 38.35 1.16 11.78
N ASN B 184 39.52 1.70 11.61
CA ASN B 184 40.74 1.09 12.17
C ASN B 184 40.83 1.14 13.70
N LYS B 185 40.36 2.26 14.30
CA LYS B 185 40.26 2.40 15.75
C LYS B 185 39.26 1.41 16.28
N ALA B 186 38.07 1.36 15.68
CA ALA B 186 36.99 0.43 16.13
C ALA B 186 37.44 -1.01 15.99
N GLU B 187 38.04 -1.38 14.86
CA GLU B 187 38.57 -2.74 14.66
C GLU B 187 39.54 -3.12 15.80
N ALA B 188 40.53 -2.26 16.04
CA ALA B 188 41.55 -2.45 17.09
C ALA B 188 40.92 -2.60 18.48
N ALA B 189 39.97 -1.70 18.79
CA ALA B 189 39.25 -1.80 20.03
C ALA B 189 38.46 -3.10 20.15
N GLN B 190 37.78 -3.51 19.08
CA GLN B 190 36.99 -4.76 19.11
C GLN B 190 37.86 -5.96 19.35
N LYS B 191 38.93 -6.03 18.57
CA LYS B 191 39.91 -7.12 18.70
C LYS B 191 40.53 -7.22 20.09
N ASP B 192 40.85 -6.09 20.72
CA ASP B 192 41.45 -6.04 22.06
C ASP B 192 40.48 -6.26 23.20
N GLY B 193 39.19 -6.30 22.91
CA GLY B 193 38.20 -6.65 23.89
C GLY B 193 37.62 -5.41 24.52
N ARG B 194 37.94 -4.22 24.00
CA ARG B 194 37.41 -3.03 24.64
C ARG B 194 35.87 -2.82 24.62
N PHE B 195 35.14 -3.48 23.74
CA PHE B 195 33.68 -3.37 23.75
C PHE B 195 33.04 -4.44 24.63
N LYS B 196 33.83 -5.40 25.16
CA LYS B 196 33.17 -6.47 25.96
C LYS B 196 32.38 -5.93 27.23
N ASP B 197 32.97 -5.01 27.99
CA ASP B 197 32.46 -4.59 29.28
C ASP B 197 31.08 -3.92 28.98
N GLU B 198 31.05 -3.07 27.97
CA GLU B 198 29.85 -2.33 27.66
C GLU B 198 28.69 -3.14 27.02
N ILE B 199 29.02 -4.12 26.19
CA ILE B 199 28.06 -4.90 25.46
C ILE B 199 27.46 -5.96 26.43
N VAL B 200 26.16 -6.07 26.35
CA VAL B 200 25.47 -7.22 26.88
C VAL B 200 25.03 -8.11 25.72
N PRO B 201 25.33 -9.36 25.76
CA PRO B 201 24.86 -10.22 24.64
C PRO B 201 23.38 -10.28 24.47
N PHE B 202 22.92 -10.33 23.23
CA PHE B 202 21.49 -10.42 22.89
C PHE B 202 21.23 -11.74 22.16
N ILE B 203 20.26 -12.49 22.66
CA ILE B 203 19.86 -13.73 22.04
C ILE B 203 18.74 -13.52 21.06
N VAL B 204 19.05 -13.77 19.80
CA VAL B 204 18.07 -13.72 18.74
C VAL B 204 17.39 -15.08 18.65
N LYS B 205 16.11 -15.11 19.01
CA LYS B 205 15.36 -16.36 19.09
C LYS B 205 14.83 -16.69 17.70
N GLY B 206 15.11 -17.90 17.23
CA GLY B 206 14.76 -18.25 15.88
C GLY B 206 13.67 -19.29 15.85
N ARG B 207 13.81 -20.19 14.89
CA ARG B 207 12.95 -21.35 14.75
C ARG B 207 13.88 -22.56 14.78
N LYS B 208 14.85 -22.55 13.86
CA LYS B 208 15.86 -23.60 13.75
C LYS B 208 17.20 -23.16 14.37
N GLY B 209 17.11 -22.48 15.52
CA GLY B 209 18.27 -22.18 16.35
C GLY B 209 18.31 -20.74 16.86
N ASP B 210 18.68 -20.58 18.13
CA ASP B 210 18.93 -19.26 18.72
C ASP B 210 20.33 -18.86 18.30
N ILE B 211 20.58 -17.55 18.22
CA ILE B 211 21.91 -17.01 17.87
C ILE B 211 22.21 -15.92 18.92
N THR B 212 23.40 -15.96 19.49
CA THR B 212 23.81 -14.94 20.47
C THR B 212 24.69 -13.95 19.74
N VAL B 213 24.27 -12.69 19.76
CA VAL B 213 25.00 -11.59 19.18
C VAL B 213 25.67 -10.76 20.29
N ASP B 214 27.01 -10.79 20.28
CA ASP B 214 27.79 -9.92 21.19
C ASP B 214 28.94 -9.13 20.57
N ALA B 215 28.92 -8.98 19.27
CA ALA B 215 29.85 -8.15 18.60
C ALA B 215 29.20 -7.24 17.55
N ASP B 216 29.74 -6.05 17.51
CA ASP B 216 29.31 -4.98 16.59
C ASP B 216 29.51 -5.45 15.18
N GLU B 217 28.45 -5.66 14.43
CA GLU B 217 28.71 -6.32 13.14
C GLU B 217 29.00 -5.39 11.94
N TYR B 218 28.86 -4.10 12.16
CA TYR B 218 28.99 -3.08 11.09
C TYR B 218 30.45 -2.68 10.90
N ILE B 219 31.32 -2.97 11.88
CA ILE B 219 32.72 -2.56 11.83
C ILE B 219 33.42 -3.36 10.69
N ARG B 220 34.06 -2.68 9.74
CA ARG B 220 34.62 -3.38 8.60
C ARG B 220 36.05 -3.57 8.97
N HIS B 221 36.46 -4.82 8.89
CA HIS B 221 37.83 -5.17 9.15
C HIS B 221 38.70 -4.99 7.93
N GLY B 222 39.90 -4.45 8.17
CA GLY B 222 40.86 -4.16 7.13
C GLY B 222 40.45 -3.13 6.09
N ALA B 223 39.68 -2.12 6.53
CA ALA B 223 39.18 -1.05 5.65
C ALA B 223 40.33 -0.32 5.00
N THR B 224 40.29 -0.12 3.68
CA THR B 224 41.45 0.51 2.99
C THR B 224 41.08 1.93 2.56
N LEU B 225 42.08 2.82 2.43
CA LEU B 225 41.86 4.15 1.83
C LEU B 225 41.36 4.06 0.38
N ASP B 226 41.97 3.17 -0.41
CA ASP B 226 41.54 2.88 -1.78
C ASP B 226 40.03 2.60 -1.90
N SER B 227 39.50 1.74 -1.04
CA SER B 227 38.10 1.32 -1.12
C SER B 227 37.16 2.50 -0.81
N MET B 228 37.63 3.41 0.03
CA MET B 228 36.94 4.64 0.36
C MET B 228 37.02 5.64 -0.81
N ALA B 229 38.21 5.76 -1.39
CA ALA B 229 38.46 6.65 -2.50
C ALA B 229 37.64 6.29 -3.75
N LYS B 230 37.34 5.01 -3.95
CA LYS B 230 36.59 4.60 -5.17
C LYS B 230 35.06 4.75 -5.12
N LEU B 231 34.52 5.10 -3.96
CA LEU B 231 33.07 5.26 -3.84
C LEU B 231 32.60 6.52 -4.54
N ARG B 232 31.34 6.51 -4.97
CA ARG B 232 30.77 7.69 -5.59
C ARG B 232 30.03 8.46 -4.52
N PRO B 233 30.00 9.78 -4.67
CA PRO B 233 29.17 10.63 -3.80
C PRO B 233 27.73 10.12 -3.76
N ALA B 234 27.11 10.12 -2.57
CA ALA B 234 25.83 9.43 -2.35
C ALA B 234 24.61 10.38 -2.32
N PHE B 235 24.86 11.69 -2.22
CA PHE B 235 23.78 12.71 -2.05
C PHE B 235 23.86 13.85 -3.07
N ASP B 236 25.06 14.16 -3.53
CA ASP B 236 25.33 15.26 -4.45
C ASP B 236 26.25 14.66 -5.52
N LYS B 237 25.87 14.73 -6.79
CA LYS B 237 26.57 13.97 -7.83
C LYS B 237 27.98 14.50 -8.08
N GLU B 238 28.25 15.73 -7.64
CA GLU B 238 29.62 16.24 -7.58
C GLU B 238 30.04 16.57 -6.15
N GLY B 239 29.68 15.67 -5.24
CA GLY B 239 29.87 15.89 -3.82
C GLY B 239 31.06 15.19 -3.25
N THR B 240 31.12 15.12 -1.92
CA THR B 240 32.21 14.51 -1.18
C THR B 240 31.80 13.50 -0.15
N VAL B 241 30.51 13.43 0.17
CA VAL B 241 29.93 12.58 1.18
C VAL B 241 29.42 11.31 0.50
N THR B 242 29.88 10.15 1.00
CA THR B 242 29.68 8.85 0.38
C THR B 242 29.16 7.90 1.42
N ALA B 243 28.79 6.71 0.98
CA ALA B 243 28.34 5.68 1.91
C ALA B 243 29.47 5.30 2.85
N GLY B 244 30.71 5.50 2.37
CA GLY B 244 31.86 5.20 3.17
C GLY B 244 32.20 6.17 4.27
N ASN B 245 32.02 7.48 4.05
CA ASN B 245 32.43 8.47 5.06
C ASN B 245 31.20 9.06 5.82
N ALA B 246 30.07 8.36 5.64
CA ALA B 246 28.86 8.61 6.39
C ALA B 246 28.67 7.43 7.34
N SER B 247 27.91 7.63 8.37
CA SER B 247 27.53 6.46 9.20
C SER B 247 26.48 5.64 8.44
N GLY B 248 25.98 4.57 9.05
CA GLY B 248 25.09 3.64 8.36
C GLY B 248 23.70 3.63 8.97
N LEU B 249 22.94 2.63 8.56
CA LEU B 249 21.57 2.45 9.10
C LEU B 249 21.63 1.23 9.99
N ASN B 250 21.22 1.35 11.24
CA ASN B 250 21.56 0.34 12.25
C ASN B 250 20.48 0.12 13.33
N ASP B 251 20.61 -1.01 14.04
CA ASP B 251 19.75 -1.43 15.13
C ASP B 251 20.57 -1.57 16.44
N GLY B 252 19.93 -1.21 17.54
CA GLY B 252 20.51 -1.39 18.85
C GLY B 252 19.75 -0.73 19.93
N ALA B 253 20.19 -1.01 21.14
CA ALA B 253 19.69 -0.31 22.30
C ALA B 253 20.82 -0.03 23.28
N ALA B 254 20.59 0.88 24.18
CA ALA B 254 21.59 1.26 25.15
C ALA B 254 20.96 2.07 26.26
N ALA B 255 21.49 1.88 27.47
CA ALA B 255 20.88 2.52 28.65
C ALA B 255 21.84 2.72 29.79
N ALA B 256 21.36 3.49 30.76
CA ALA B 256 22.04 3.80 31.97
C ALA B 256 21.03 3.66 33.17
N LEU B 257 21.49 3.14 34.31
CA LEU B 257 20.71 3.24 35.59
C LEU B 257 21.18 4.41 36.42
N LEU B 258 20.26 5.30 36.76
CA LEU B 258 20.53 6.48 37.52
C LEU B 258 19.89 6.46 38.92
N MET B 259 20.56 7.13 39.86
CA MET B 259 20.12 7.33 41.24
C MET B 259 20.94 8.46 41.82
N SER B 260 20.57 8.93 43.00
CA SER B 260 21.36 10.00 43.62
C SER B 260 22.75 9.52 44.03
N GLU B 261 23.71 10.41 44.11
CA GLU B 261 25.03 10.01 44.66
C GLU B 261 24.90 9.41 46.07
N ALA B 262 24.08 10.03 46.93
CA ALA B 262 23.85 9.50 48.29
C ALA B 262 23.22 8.10 48.28
N GLU B 263 22.31 7.84 47.38
CA GLU B 263 21.74 6.47 47.27
C GLU B 263 22.79 5.45 46.81
N ALA B 264 23.63 5.78 45.83
CA ALA B 264 24.61 4.79 45.43
C ALA B 264 25.54 4.46 46.60
N SER B 265 25.86 5.47 47.40
CA SER B 265 26.74 5.25 48.55
C SER B 265 26.06 4.34 49.57
N ARG B 266 24.79 4.62 49.91
CA ARG B 266 24.04 3.72 50.77
C ARG B 266 24.11 2.27 50.33
N ARG B 267 23.96 2.01 49.03
CA ARG B 267 23.96 0.66 48.45
C ARG B 267 25.36 0.06 48.22
N GLY B 268 26.41 0.85 48.40
CA GLY B 268 27.77 0.37 48.17
C GLY B 268 28.18 0.21 46.70
N ILE B 269 27.52 0.97 45.83
CA ILE B 269 27.75 0.90 44.41
C ILE B 269 28.88 1.86 44.09
N GLN B 270 29.83 1.42 43.28
CA GLN B 270 30.86 2.28 42.69
C GLN B 270 30.38 2.71 41.31
N PRO B 271 29.83 3.92 41.22
CA PRO B 271 29.22 4.36 39.98
C PRO B 271 30.22 4.62 38.92
N LEU B 272 29.72 4.59 37.70
CA LEU B 272 30.48 4.90 36.49
C LEU B 272 30.76 6.39 36.31
N GLY B 273 30.04 7.26 37.02
CA GLY B 273 30.25 8.67 36.83
C GLY B 273 29.16 9.49 37.43
N ARG B 274 29.49 10.74 37.70
CA ARG B 274 28.56 11.75 38.14
C ARG B 274 28.20 12.64 36.97
N ILE B 275 26.91 12.93 36.79
CA ILE B 275 26.45 13.84 35.72
C ILE B 275 26.69 15.25 36.27
N VAL B 276 27.70 15.90 35.69
CA VAL B 276 28.07 17.23 36.19
C VAL B 276 27.26 18.39 35.51
N SER B 277 26.89 18.21 34.25
CA SER B 277 26.09 19.18 33.50
C SER B 277 25.59 18.56 32.20
N TRP B 278 24.68 19.27 31.51
CA TRP B 278 24.29 18.87 30.16
C TRP B 278 23.78 20.11 29.48
N ALA B 279 23.55 20.08 28.20
CA ALA B 279 22.96 21.23 27.51
C ALA B 279 22.44 20.81 26.18
N THR B 280 21.44 21.54 25.68
CA THR B 280 21.01 21.37 24.30
C THR B 280 20.76 22.74 23.71
N VAL B 281 21.24 22.90 22.50
CA VAL B 281 21.15 24.17 21.77
C VAL B 281 20.77 23.92 20.29
N GLY B 282 20.09 24.91 19.65
CA GLY B 282 19.75 24.81 18.26
C GLY B 282 20.77 25.57 17.37
N VAL B 283 20.83 25.12 16.12
CA VAL B 283 21.59 25.70 15.03
C VAL B 283 20.69 25.76 13.75
N ASP B 284 21.21 26.31 12.65
CA ASP B 284 20.44 26.31 11.41
C ASP B 284 20.30 24.86 10.96
N PRO B 285 19.12 24.42 10.57
CA PRO B 285 18.97 23.07 9.99
C PRO B 285 19.90 22.76 8.84
N LYS B 286 20.25 23.74 8.02
CA LYS B 286 21.09 23.41 6.88
C LYS B 286 22.52 22.99 7.31
N VAL B 287 22.94 23.36 8.49
CA VAL B 287 24.24 22.94 8.98
C VAL B 287 24.13 22.22 10.33
N MET B 288 23.18 21.30 10.44
CA MET B 288 22.82 20.66 11.69
C MET B 288 23.98 19.89 12.40
N GLY B 289 24.94 19.44 11.58
CA GLY B 289 26.13 18.74 12.05
C GLY B 289 27.01 19.59 12.97
N THR B 290 26.79 20.91 12.94
CA THR B 290 27.50 21.84 13.83
C THR B 290 26.92 21.95 15.23
N GLY B 291 25.76 21.33 15.49
CA GLY B 291 25.10 21.36 16.77
C GLY B 291 26.00 21.07 17.93
N PRO B 292 26.93 20.13 17.82
CA PRO B 292 27.81 19.84 18.97
C PRO B 292 28.64 20.99 19.45
N ILE B 293 28.95 21.95 18.56
CA ILE B 293 29.74 23.06 18.96
C ILE B 293 29.10 23.92 20.08
N PRO B 294 27.96 24.58 19.85
CA PRO B 294 27.31 25.34 20.94
C PRO B 294 26.87 24.47 22.10
N ALA B 295 26.44 23.23 21.84
CA ALA B 295 25.97 22.34 22.93
C ALA B 295 27.15 21.99 23.81
N SER B 296 28.30 21.65 23.25
CA SER B 296 29.42 21.32 24.08
C SER B 296 29.91 22.52 24.85
N ARG B 297 30.03 23.66 24.18
CA ARG B 297 30.48 24.84 24.88
C ARG B 297 29.58 25.21 26.01
N LYS B 298 28.26 25.03 25.81
CA LYS B 298 27.29 25.35 26.88
C LYS B 298 27.38 24.34 28.06
N ALA B 299 27.52 23.06 27.77
CA ALA B 299 27.75 22.07 28.80
C ALA B 299 29.01 22.35 29.65
N LEU B 300 30.10 22.72 28.99
CA LEU B 300 31.37 23.00 29.67
C LEU B 300 31.22 24.24 30.54
N GLU B 301 30.57 25.28 30.01
CA GLU B 301 30.35 26.46 30.84
C GLU B 301 29.52 26.10 32.08
N ARG B 302 28.53 25.25 31.90
CA ARG B 302 27.67 24.90 33.02
C ARG B 302 28.46 24.07 34.06
N ALA B 303 29.44 23.29 33.61
CA ALA B 303 30.24 22.47 34.52
C ALA B 303 31.32 23.27 35.25
N GLY B 304 31.70 24.40 34.70
CA GLY B 304 32.83 25.18 35.17
C GLY B 304 34.19 24.67 34.66
N TRP B 305 34.15 23.98 33.54
CA TRP B 305 35.29 23.39 32.89
C TRP B 305 35.70 24.12 31.64
N LYS B 306 37.00 24.14 31.39
CA LYS B 306 37.58 24.52 30.08
C LYS B 306 37.66 23.28 29.18
N ILE B 307 37.68 23.51 27.88
CA ILE B 307 37.82 22.43 26.94
C ILE B 307 39.04 21.60 27.30
N GLY B 308 40.15 22.28 27.65
CA GLY B 308 41.39 21.59 28.01
C GLY B 308 41.35 20.71 29.26
N ASP B 309 40.29 20.84 30.08
CA ASP B 309 40.11 20.01 31.27
C ASP B 309 39.63 18.58 30.93
N LEU B 310 39.05 18.37 29.73
CA LEU B 310 38.53 17.06 29.31
C LEU B 310 39.63 16.07 29.11
N ASP B 311 39.45 14.91 29.70
CA ASP B 311 40.31 13.73 29.48
C ASP B 311 39.90 12.75 28.40
N LEU B 312 38.60 12.69 28.10
CA LEU B 312 38.09 11.84 27.03
C LEU B 312 36.82 12.42 26.46
N VAL B 313 36.61 12.29 25.14
CA VAL B 313 35.43 12.86 24.46
C VAL B 313 34.87 11.81 23.53
N GLU B 314 33.54 11.64 23.55
CA GLU B 314 32.77 10.91 22.51
C GLU B 314 31.94 11.94 21.75
N ALA B 315 32.42 12.27 20.58
CA ALA B 315 31.73 13.15 19.65
C ALA B 315 31.18 12.34 18.48
N ASN B 316 29.86 12.27 18.41
CA ASN B 316 29.30 11.27 17.50
C ASN B 316 29.57 11.58 16.01
N GLU B 317 29.88 10.52 15.25
CA GLU B 317 30.30 10.63 13.83
C GLU B 317 29.09 10.34 12.96
N ALA B 318 28.14 11.27 12.89
CA ALA B 318 27.09 11.15 11.86
C ALA B 318 27.63 11.10 10.43
N PHE B 319 28.52 12.03 10.14
CA PHE B 319 29.22 12.12 8.86
C PHE B 319 30.64 12.62 9.12
N ALA B 320 31.62 12.18 8.35
CA ALA B 320 33.00 12.63 8.53
C ALA B 320 33.15 14.19 8.46
N ALA B 321 32.47 14.81 7.49
CA ALA B 321 32.48 16.25 7.32
C ALA B 321 32.13 16.99 8.62
N GLN B 322 31.02 16.64 9.23
CA GLN B 322 30.57 17.32 10.45
C GLN B 322 31.46 16.96 11.63
N ALA B 323 31.82 15.68 11.80
CA ALA B 323 32.75 15.31 12.88
C ALA B 323 34.10 16.11 12.81
N CYS B 324 34.63 16.28 11.59
CA CYS B 324 35.85 17.07 11.38
C CYS B 324 35.65 18.58 11.70
N ALA B 325 34.50 19.13 11.31
CA ALA B 325 34.14 20.53 11.63
C ALA B 325 34.08 20.75 13.12
N VAL B 326 33.35 19.89 13.83
CA VAL B 326 33.28 19.94 15.28
C VAL B 326 34.71 19.97 15.90
N ASN B 327 35.59 19.04 15.47
CA ASN B 327 36.90 18.89 16.07
C ASN B 327 37.76 20.14 15.80
N LYS B 328 37.59 20.69 14.63
CA LYS B 328 38.36 21.89 14.18
C LYS B 328 37.93 23.09 15.05
N ASP B 329 36.64 23.31 15.17
CA ASP B 329 36.09 24.42 15.96
C ASP B 329 36.42 24.27 17.46
N LEU B 330 36.16 23.13 18.04
CA LEU B 330 36.37 23.02 19.48
C LEU B 330 37.87 23.02 19.84
N GLY B 331 38.68 22.35 19.01
CA GLY B 331 40.13 22.36 19.09
C GLY B 331 40.67 21.37 20.12
N TRP B 332 39.78 20.58 20.72
CA TRP B 332 40.24 19.52 21.65
C TRP B 332 41.16 18.54 20.94
N ASP B 333 42.03 17.89 21.71
CA ASP B 333 43.09 17.09 21.17
C ASP B 333 42.42 15.90 20.51
N PRO B 334 42.58 15.72 19.21
CA PRO B 334 41.90 14.61 18.52
C PRO B 334 42.23 13.25 19.10
N SER B 335 43.40 13.13 19.71
CA SER B 335 43.85 11.85 20.28
C SER B 335 42.96 11.35 21.45
N ILE B 336 42.17 12.24 22.07
CA ILE B 336 41.25 11.82 23.13
C ILE B 336 39.83 11.78 22.67
N VAL B 337 39.58 12.01 21.39
CA VAL B 337 38.22 11.88 20.81
C VAL B 337 38.01 10.52 20.12
N ASN B 338 36.93 9.84 20.54
CA ASN B 338 36.49 8.60 19.91
C ASN B 338 37.63 7.61 19.84
N VAL B 339 38.22 7.32 21.00
CA VAL B 339 39.50 6.61 21.06
C VAL B 339 39.34 5.16 20.59
N ASN B 340 38.11 4.65 20.65
CA ASN B 340 37.72 3.26 20.23
C ASN B 340 36.90 3.23 18.93
N GLY B 341 37.05 4.30 18.16
CA GLY B 341 36.35 4.54 16.94
C GLY B 341 34.99 5.14 17.18
N GLY B 342 34.29 5.37 16.08
CA GLY B 342 33.00 6.05 16.15
C GLY B 342 31.94 5.47 15.24
N ALA B 343 30.82 6.18 15.13
CA ALA B 343 29.65 5.70 14.40
C ALA B 343 29.87 5.39 12.93
N ILE B 344 30.84 6.01 12.26
CA ILE B 344 31.14 5.56 10.87
C ILE B 344 31.43 4.05 10.76
N ALA B 345 32.18 3.52 11.73
CA ALA B 345 32.53 2.13 11.90
C ALA B 345 31.46 1.35 12.61
N ILE B 346 30.97 1.91 13.70
CA ILE B 346 30.17 1.11 14.61
C ILE B 346 28.70 1.07 14.20
N GLY B 347 28.24 2.15 13.57
CA GLY B 347 26.86 2.32 13.22
C GLY B 347 26.06 3.37 13.94
N HIS B 348 24.88 3.66 13.42
CA HIS B 348 24.06 4.78 13.89
C HIS B 348 22.59 4.45 14.06
N PRO B 349 22.29 3.68 15.12
CA PRO B 349 20.90 3.38 15.45
C PRO B 349 20.26 4.59 16.12
N ILE B 350 19.53 5.38 15.34
CA ILE B 350 19.27 6.79 15.68
C ILE B 350 18.91 7.06 17.14
N GLY B 351 17.81 6.46 17.67
CA GLY B 351 17.31 6.86 18.97
C GLY B 351 18.20 6.31 20.07
N ALA B 352 19.00 5.27 19.76
CA ALA B 352 19.92 4.65 20.73
C ALA B 352 21.32 5.32 20.79
N SER B 353 21.69 6.01 19.72
CA SER B 353 23.11 6.40 19.54
C SER B 353 23.63 7.20 20.70
N GLY B 354 22.86 8.14 21.22
CA GLY B 354 23.41 8.99 22.28
C GLY B 354 23.76 8.22 23.58
N ALA B 355 22.97 7.18 23.89
CA ALA B 355 23.26 6.28 24.98
C ALA B 355 24.32 5.26 24.61
N ARG B 356 24.50 4.96 23.33
CA ARG B 356 25.58 4.04 22.84
C ARG B 356 26.89 4.73 23.10
N ILE B 357 27.03 5.97 22.65
CA ILE B 357 28.30 6.68 22.90
C ILE B 357 28.52 7.03 24.39
N LEU B 358 27.47 7.25 25.16
CA LEU B 358 27.68 7.36 26.62
C LEU B 358 28.29 6.12 27.24
N ASN B 359 27.76 4.97 26.87
CA ASN B 359 28.33 3.65 27.29
C ASN B 359 29.81 3.58 26.89
N THR B 360 30.15 3.90 25.65
CA THR B 360 31.54 3.82 25.26
C THR B 360 32.43 4.75 26.08
N LEU B 361 31.99 5.99 26.30
CA LEU B 361 32.71 6.98 27.10
C LEU B 361 32.87 6.51 28.58
N LEU B 362 31.77 6.03 29.17
CA LEU B 362 31.81 5.56 30.56
C LEU B 362 32.80 4.42 30.74
N PHE B 363 32.75 3.39 29.89
CA PHE B 363 33.57 2.20 30.14
C PHE B 363 35.03 2.48 29.81
N GLU B 364 35.27 3.36 28.85
CA GLU B 364 36.62 3.80 28.55
C GLU B 364 37.17 4.67 29.69
N MET B 365 36.42 5.64 30.21
CA MET B 365 36.87 6.49 31.34
C MET B 365 37.23 5.56 32.51
N LYS B 366 36.47 4.47 32.71
CA LYS B 366 36.79 3.58 33.82
C LYS B 366 38.14 2.82 33.59
N ARG B 367 38.30 2.37 32.37
CA ARG B 367 39.44 1.57 31.92
C ARG B 367 40.71 2.33 32.12
N ARG B 368 40.67 3.60 31.74
CA ARG B 368 41.92 4.39 31.63
C ARG B 368 42.13 5.32 32.78
N GLY B 369 41.13 5.36 33.65
CA GLY B 369 41.13 6.26 34.80
C GLY B 369 41.01 7.74 34.49
N ALA B 370 40.25 8.04 33.43
CA ALA B 370 40.00 9.41 33.00
C ALA B 370 39.04 10.02 34.00
N ARG B 371 39.30 11.27 34.38
CA ARG B 371 38.47 11.95 35.42
C ARG B 371 37.32 12.68 34.77
N LYS B 372 37.56 13.38 33.67
CA LYS B 372 36.52 14.25 33.12
C LYS B 372 36.24 13.83 31.66
N GLY B 373 34.98 13.58 31.34
CA GLY B 373 34.60 13.29 29.98
C GLY B 373 33.38 14.05 29.47
N LEU B 374 33.21 14.01 28.16
CA LEU B 374 32.03 14.70 27.54
C LEU B 374 31.54 13.84 26.38
N ALA B 375 30.21 13.69 26.27
CA ALA B 375 29.54 13.06 25.12
C ALA B 375 28.65 14.09 24.41
N THR B 376 28.73 14.11 23.07
CA THR B 376 27.91 15.04 22.29
C THR B 376 27.47 14.46 20.94
N LEU B 377 26.35 14.93 20.41
CA LEU B 377 25.81 14.54 19.10
C LEU B 377 25.14 15.69 18.43
N CYS B 378 25.21 15.66 17.12
CA CYS B 378 24.35 16.49 16.28
C CYS B 378 22.99 15.90 16.08
N ILE B 379 22.06 16.79 15.70
CA ILE B 379 20.67 16.46 15.62
C ILE B 379 19.96 17.12 14.43
N GLY B 380 19.27 16.28 13.64
CA GLY B 380 18.50 16.66 12.50
C GLY B 380 17.59 17.81 12.87
N GLY B 381 17.44 18.70 11.91
CA GLY B 381 16.68 19.92 12.12
C GLY B 381 17.39 20.98 12.90
N GLY B 382 18.67 20.81 13.14
CA GLY B 382 19.50 21.90 13.64
C GLY B 382 19.54 21.94 15.19
N MET B 383 20.04 20.88 15.82
CA MET B 383 20.32 20.92 17.23
C MET B 383 21.59 20.17 17.62
N GLY B 384 22.01 20.41 18.85
CA GLY B 384 23.09 19.66 19.50
C GLY B 384 22.67 19.27 20.88
N VAL B 385 23.26 18.18 21.40
CA VAL B 385 23.16 17.85 22.80
C VAL B 385 24.56 17.45 23.33
N ALA B 386 24.84 17.81 24.59
CA ALA B 386 26.11 17.41 25.29
C ALA B 386 25.94 17.11 26.76
N MET B 387 26.77 16.24 27.30
CA MET B 387 26.74 15.86 28.72
C MET B 387 28.16 15.77 29.25
N CYS B 388 28.41 16.40 30.38
CA CYS B 388 29.65 16.28 31.10
C CYS B 388 29.62 15.26 32.23
N ILE B 389 30.62 14.40 32.25
CA ILE B 389 30.68 13.30 33.25
C ILE B 389 31.97 13.44 34.00
N GLU B 390 31.92 13.28 35.32
CA GLU B 390 33.15 13.16 36.15
C GLU B 390 33.21 11.87 36.91
N SER B 391 34.35 11.23 36.92
CA SER B 391 34.54 10.01 37.70
C SER B 391 34.43 10.28 39.18
N LEU B 392 33.92 9.31 39.94
CA LEU B 392 34.04 9.34 41.40
C LEU B 392 35.12 8.33 41.84
N PRO C 3 -22.27 -18.51 -43.70
CA PRO C 3 -22.92 -18.36 -42.37
C PRO C 3 -23.51 -16.95 -42.17
N SER C 4 -24.65 -16.88 -41.50
CA SER C 4 -25.35 -15.61 -41.27
C SER C 4 -25.74 -15.55 -39.81
N ILE C 5 -25.26 -14.53 -39.10
CA ILE C 5 -25.48 -14.40 -37.66
C ILE C 5 -26.27 -13.12 -37.38
N VAL C 6 -27.27 -13.24 -36.46
CA VAL C 6 -28.01 -12.08 -35.96
C VAL C 6 -27.70 -11.80 -34.48
N ILE C 7 -27.91 -10.53 -34.06
CA ILE C 7 -28.17 -10.19 -32.66
C ILE C 7 -29.67 -10.28 -32.39
N ALA C 8 -30.11 -11.35 -31.73
CA ALA C 8 -31.51 -11.58 -31.34
C ALA C 8 -32.08 -10.59 -30.31
N SER C 9 -31.19 -10.02 -29.50
CA SER C 9 -31.56 -9.19 -28.35
C SER C 9 -30.37 -8.42 -27.83
N ALA C 10 -30.62 -7.39 -27.03
CA ALA C 10 -29.54 -6.61 -26.45
C ALA C 10 -29.96 -5.93 -25.14
N ALA C 11 -28.96 -5.59 -24.33
CA ALA C 11 -29.22 -5.08 -23.00
C ALA C 11 -27.98 -4.44 -22.43
N ARG C 12 -28.18 -3.37 -21.68
CA ARG C 12 -27.09 -2.75 -20.95
C ARG C 12 -27.59 -2.24 -19.62
N THR C 13 -26.69 -2.22 -18.64
CA THR C 13 -26.94 -1.45 -17.42
C THR C 13 -26.92 0.01 -17.86
N ALA C 14 -27.47 0.88 -17.02
CA ALA C 14 -27.15 2.31 -17.05
C ALA C 14 -25.64 2.49 -16.83
N VAL C 15 -25.10 3.61 -17.28
CA VAL C 15 -23.69 3.89 -17.08
C VAL C 15 -23.57 4.76 -15.82
N GLY C 16 -22.89 4.23 -14.80
CA GLY C 16 -22.59 4.94 -13.56
C GLY C 16 -21.41 5.88 -13.64
N SER C 17 -21.43 6.91 -12.80
CA SER C 17 -20.37 7.92 -12.78
C SER C 17 -19.29 7.48 -11.79
N PHE C 18 -18.08 7.99 -11.99
CA PHE C 18 -16.91 7.54 -11.23
C PHE C 18 -17.21 7.58 -9.73
N ASN C 19 -16.99 6.45 -9.06
CA ASN C 19 -17.25 6.35 -7.63
C ASN C 19 -18.64 6.82 -7.25
N GLY C 20 -19.62 6.43 -8.06
CA GLY C 20 -20.99 6.87 -7.90
C GLY C 20 -21.92 5.72 -7.55
N ALA C 21 -23.03 5.61 -8.30
CA ALA C 21 -24.05 4.59 -8.05
C ALA C 21 -23.50 3.17 -7.99
N PHE C 22 -22.52 2.86 -8.83
CA PHE C 22 -21.92 1.52 -8.86
C PHE C 22 -20.56 1.45 -8.19
N ALA C 23 -20.18 2.51 -7.45
CA ALA C 23 -18.84 2.67 -6.88
C ALA C 23 -18.22 1.42 -6.27
N ASN C 24 -19.05 0.60 -5.63
CA ASN C 24 -18.54 -0.58 -4.92
C ASN C 24 -19.08 -1.87 -5.51
N THR C 25 -19.54 -1.79 -6.75
CA THR C 25 -20.16 -2.91 -7.43
C THR C 25 -19.18 -3.55 -8.40
N PRO C 26 -18.79 -4.79 -8.12
CA PRO C 26 -17.91 -5.53 -9.02
C PRO C 26 -18.46 -5.57 -10.42
N ALA C 27 -17.57 -5.60 -11.41
CA ALA C 27 -17.98 -5.60 -12.81
C ALA C 27 -18.86 -6.78 -13.15
N HIS C 28 -18.57 -7.96 -12.61
CA HIS C 28 -19.32 -9.20 -12.97
C HIS C 28 -20.77 -9.14 -12.46
N GLU C 29 -21.00 -8.35 -11.41
CA GLU C 29 -22.37 -8.15 -10.93
C GLU C 29 -23.17 -7.46 -12.02
N LEU C 30 -22.60 -6.39 -12.56
CA LEU C 30 -23.22 -5.64 -13.64
C LEU C 30 -23.38 -6.54 -14.89
N GLY C 31 -22.43 -7.44 -15.10
CA GLY C 31 -22.50 -8.39 -16.21
C GLY C 31 -23.60 -9.42 -16.03
N ALA C 32 -23.70 -9.99 -14.83
CA ALA C 32 -24.68 -11.03 -14.56
C ALA C 32 -26.13 -10.59 -14.82
N THR C 33 -26.44 -9.34 -14.50
CA THR C 33 -27.76 -8.77 -14.77
C THR C 33 -27.95 -8.65 -16.29
N VAL C 34 -26.96 -8.06 -16.96
CA VAL C 34 -27.00 -7.88 -18.42
C VAL C 34 -27.08 -9.23 -19.15
N ILE C 35 -26.43 -10.28 -18.61
CA ILE C 35 -26.53 -11.61 -19.21
C ILE C 35 -27.96 -12.14 -19.08
N SER C 36 -28.52 -12.00 -17.88
CA SER C 36 -29.89 -12.46 -17.67
C SER C 36 -30.90 -11.67 -18.50
N ALA C 37 -30.59 -10.42 -18.82
CA ALA C 37 -31.54 -9.52 -19.50
C ALA C 37 -31.65 -9.84 -20.98
N VAL C 38 -30.50 -10.05 -21.65
CA VAL C 38 -30.50 -10.47 -23.06
C VAL C 38 -31.21 -11.82 -23.21
N LEU C 39 -31.01 -12.72 -22.25
CA LEU C 39 -31.68 -14.02 -22.27
C LEU C 39 -33.18 -13.78 -22.23
N GLU C 40 -33.62 -13.07 -21.19
CA GLU C 40 -35.05 -12.83 -20.96
C GLU C 40 -35.71 -12.06 -22.12
N ARG C 41 -34.95 -11.22 -22.81
CA ARG C 41 -35.48 -10.40 -23.92
C ARG C 41 -35.75 -11.23 -25.18
N ALA C 42 -34.80 -12.08 -25.56
CA ALA C 42 -34.95 -12.94 -26.74
C ALA C 42 -35.87 -14.14 -26.49
N GLY C 43 -36.18 -14.41 -25.23
CA GLY C 43 -36.91 -15.60 -24.86
C GLY C 43 -36.04 -16.86 -24.86
N VAL C 44 -34.74 -16.70 -24.58
CA VAL C 44 -33.84 -17.85 -24.47
C VAL C 44 -33.48 -18.15 -23.02
N ALA C 45 -33.44 -19.45 -22.71
CA ALA C 45 -33.14 -19.92 -21.36
C ALA C 45 -31.65 -19.91 -21.16
N ALA C 46 -31.24 -19.75 -19.91
CA ALA C 46 -29.83 -19.74 -19.54
C ALA C 46 -29.10 -21.04 -19.90
N GLY C 47 -29.79 -22.17 -19.79
CA GLY C 47 -29.19 -23.47 -20.08
C GLY C 47 -28.74 -23.71 -21.51
N GLU C 48 -29.23 -22.88 -22.44
CA GLU C 48 -28.97 -23.03 -23.86
C GLU C 48 -27.73 -22.25 -24.36
N VAL C 49 -27.10 -21.46 -23.48
CA VAL C 49 -25.94 -20.64 -23.86
C VAL C 49 -24.68 -21.49 -24.01
N ASN C 50 -24.07 -21.50 -25.19
CA ASN C 50 -22.83 -22.26 -25.36
C ASN C 50 -21.63 -21.62 -24.72
N GLU C 51 -21.57 -20.28 -24.76
CA GLU C 51 -20.40 -19.57 -24.26
C GLU C 51 -20.69 -18.09 -23.96
N VAL C 52 -20.02 -17.54 -22.93
CA VAL C 52 -20.11 -16.12 -22.56
C VAL C 52 -18.76 -15.42 -22.75
N ILE C 53 -18.70 -14.44 -23.65
CA ILE C 53 -17.50 -13.65 -23.92
C ILE C 53 -17.78 -12.25 -23.36
N LEU C 54 -16.87 -11.74 -22.52
CA LEU C 54 -16.97 -10.37 -21.97
C LEU C 54 -15.66 -9.57 -22.05
N GLY C 55 -15.72 -8.46 -22.79
CA GLY C 55 -14.65 -7.51 -22.82
C GLY C 55 -14.51 -6.92 -21.42
N GLN C 56 -13.28 -6.86 -20.94
CA GLN C 56 -12.96 -6.23 -19.67
C GLN C 56 -11.47 -5.89 -19.56
N VAL C 57 -11.22 -4.62 -19.28
CA VAL C 57 -9.85 -4.09 -19.28
C VAL C 57 -9.20 -4.11 -17.89
N LEU C 58 -9.98 -3.97 -16.81
CA LEU C 58 -9.36 -3.80 -15.49
C LEU C 58 -10.00 -4.74 -14.49
N PRO C 59 -9.62 -6.01 -14.56
CA PRO C 59 -10.11 -7.04 -13.64
C PRO C 59 -9.22 -7.38 -12.43
N ALA C 60 -8.17 -6.60 -12.16
CA ALA C 60 -7.25 -6.88 -11.05
C ALA C 60 -7.98 -6.93 -9.71
N GLY C 61 -7.99 -8.09 -9.07
CA GLY C 61 -8.49 -8.25 -7.72
C GLY C 61 -9.90 -8.80 -7.64
N GLU C 62 -10.56 -8.87 -8.78
CA GLU C 62 -11.90 -9.44 -8.88
C GLU C 62 -11.93 -10.97 -8.83
N GLY C 63 -10.76 -11.59 -8.86
CA GLY C 63 -10.62 -13.03 -8.74
C GLY C 63 -10.59 -13.68 -10.10
N GLN C 64 -10.39 -15.00 -10.11
CA GLN C 64 -10.37 -15.81 -11.35
C GLN C 64 -11.48 -15.57 -12.36
N ASN C 65 -11.07 -15.17 -13.57
CA ASN C 65 -11.93 -15.06 -14.75
C ASN C 65 -13.34 -14.57 -14.43
N PRO C 66 -13.47 -13.26 -14.30
CA PRO C 66 -14.75 -12.61 -14.03
C PRO C 66 -15.79 -12.79 -15.17
N ALA C 67 -15.39 -13.30 -16.32
CA ALA C 67 -16.38 -13.70 -17.31
C ALA C 67 -17.19 -14.89 -16.78
N ARG C 68 -16.51 -15.85 -16.18
CA ARG C 68 -17.12 -17.05 -15.62
C ARG C 68 -17.94 -16.70 -14.37
N GLN C 69 -17.46 -15.77 -13.56
CA GLN C 69 -18.24 -15.34 -12.39
C GLN C 69 -19.55 -14.73 -12.85
N ALA C 70 -19.51 -13.94 -13.92
CA ALA C 70 -20.70 -13.25 -14.44
C ALA C 70 -21.70 -14.22 -15.03
N ALA C 71 -21.21 -15.19 -15.81
CA ALA C 71 -22.09 -16.20 -16.40
C ALA C 71 -22.71 -17.12 -15.33
N MET C 72 -21.92 -17.49 -14.32
CA MET C 72 -22.38 -18.42 -13.27
C MET C 72 -23.43 -17.81 -12.35
N LYS C 73 -23.15 -16.59 -11.90
CA LYS C 73 -24.11 -15.80 -11.13
C LYS C 73 -25.42 -15.67 -11.90
N ALA C 74 -25.33 -15.52 -13.23
CA ALA C 74 -26.51 -15.25 -14.05
C ALA C 74 -27.36 -16.50 -14.38
N GLY C 75 -26.96 -17.67 -13.88
CA GLY C 75 -27.68 -18.91 -14.07
C GLY C 75 -27.22 -19.71 -15.29
N VAL C 76 -26.15 -19.28 -15.96
CA VAL C 76 -25.58 -20.10 -17.03
C VAL C 76 -24.98 -21.35 -16.34
N PRO C 77 -25.16 -22.54 -16.92
CA PRO C 77 -24.73 -23.77 -16.26
C PRO C 77 -23.22 -23.93 -16.32
N GLN C 78 -22.65 -24.70 -15.40
CA GLN C 78 -21.24 -25.06 -15.43
C GLN C 78 -20.76 -25.68 -16.75
N GLU C 79 -21.67 -26.29 -17.52
CA GLU C 79 -21.28 -27.02 -18.73
C GLU C 79 -20.99 -26.11 -19.93
N ALA C 80 -21.38 -24.84 -19.85
CA ALA C 80 -21.04 -23.84 -20.87
C ALA C 80 -19.67 -23.23 -20.55
N THR C 81 -19.09 -22.47 -21.48
CA THR C 81 -17.80 -21.81 -21.17
C THR C 81 -17.89 -20.29 -21.08
N ALA C 82 -16.83 -19.68 -20.56
CA ALA C 82 -16.81 -18.22 -20.43
C ALA C 82 -15.38 -17.75 -20.32
N TRP C 83 -15.08 -16.68 -21.05
CA TRP C 83 -13.79 -16.05 -21.00
C TRP C 83 -13.95 -14.55 -21.21
N GLY C 84 -12.91 -13.80 -20.82
CA GLY C 84 -12.77 -12.38 -21.11
C GLY C 84 -11.65 -12.06 -22.09
N MET C 85 -11.68 -10.85 -22.65
CA MET C 85 -10.68 -10.38 -23.58
C MET C 85 -10.46 -8.88 -23.43
N ASN C 86 -9.47 -8.36 -24.14
CA ASN C 86 -9.01 -6.97 -23.95
C ASN C 86 -8.42 -6.46 -25.26
N GLN C 87 -9.19 -5.62 -25.95
CA GLN C 87 -8.66 -4.70 -26.96
C GLN C 87 -9.06 -3.26 -26.54
N LEU C 88 -8.94 -2.98 -25.23
CA LEU C 88 -9.14 -1.66 -24.59
C LEU C 88 -10.55 -1.07 -24.80
O CY4 C 89 -13.94 0.02 -26.82
C CY4 C 89 -12.72 -0.04 -26.77
CA CY4 C 89 -11.94 0.73 -25.70
N CY4 C 89 -10.65 0.13 -25.38
CB CY4 C 89 -11.79 2.18 -26.15
SG CY4 C 89 -11.23 3.32 -24.85
N GLY C 90 -11.99 -0.79 -27.61
CA GLY C 90 -12.63 -1.65 -28.61
C GLY C 90 -13.22 -2.97 -28.09
N SER C 91 -12.90 -3.36 -26.86
CA SER C 91 -13.18 -4.72 -26.32
C SER C 91 -14.64 -5.20 -26.38
N GLY C 92 -15.56 -4.35 -25.94
CA GLY C 92 -16.99 -4.67 -25.87
C GLY C 92 -17.66 -4.97 -27.20
N LEU C 93 -17.21 -4.31 -28.27
CA LEU C 93 -17.73 -4.57 -29.61
C LEU C 93 -16.95 -5.72 -30.24
N ARG C 94 -15.66 -5.82 -29.95
CA ARG C 94 -14.85 -6.92 -30.48
C ARG C 94 -15.39 -8.27 -30.00
N ALA C 95 -15.66 -8.42 -28.71
CA ALA C 95 -16.19 -9.69 -28.17
C ALA C 95 -17.44 -10.17 -28.93
N VAL C 96 -18.24 -9.21 -29.41
CA VAL C 96 -19.41 -9.53 -30.23
C VAL C 96 -18.98 -10.07 -31.60
N ALA C 97 -17.98 -9.45 -32.22
CA ALA C 97 -17.37 -10.01 -33.41
C ALA C 97 -16.76 -11.41 -33.15
N LEU C 98 -16.16 -11.61 -31.97
CA LEU C 98 -15.54 -12.90 -31.59
C LEU C 98 -16.60 -13.98 -31.39
N GLY C 99 -17.72 -13.62 -30.77
CA GLY C 99 -18.86 -14.49 -30.63
C GLY C 99 -19.52 -14.78 -31.96
N MET C 100 -19.50 -13.79 -32.86
CA MET C 100 -20.03 -14.00 -34.21
C MET C 100 -19.18 -15.06 -34.89
N GLN C 101 -17.86 -14.97 -34.73
CA GLN C 101 -16.98 -15.98 -35.30
C GLN C 101 -17.25 -17.38 -34.71
N GLN C 102 -17.51 -17.45 -33.39
CA GLN C 102 -17.80 -18.72 -32.72
C GLN C 102 -18.88 -19.50 -33.47
N ILE C 103 -19.95 -18.81 -33.88
CA ILE C 103 -21.08 -19.45 -34.60
C ILE C 103 -20.80 -19.74 -36.07
N ALA C 104 -20.08 -18.85 -36.75
CA ALA C 104 -19.70 -19.04 -38.15
C ALA C 104 -18.91 -20.32 -38.40
N THR C 105 -18.05 -20.70 -37.44
CA THR C 105 -17.19 -21.89 -37.58
C THR C 105 -17.81 -23.23 -37.15
N GLY C 106 -19.04 -23.20 -36.63
CA GLY C 106 -19.66 -24.41 -36.12
C GLY C 106 -18.92 -24.91 -34.89
N ASP C 107 -18.68 -24.00 -33.95
CA ASP C 107 -18.22 -24.36 -32.62
C ASP C 107 -19.26 -24.01 -31.53
N ALA C 108 -20.16 -23.07 -31.82
CA ALA C 108 -21.28 -22.73 -30.93
C ALA C 108 -22.48 -22.17 -31.70
N SER C 109 -23.70 -22.36 -31.15
CA SER C 109 -24.96 -21.90 -31.75
C SER C 109 -25.54 -20.54 -31.23
N ILE C 110 -25.34 -20.36 -29.88
CA ILE C 110 -25.85 -19.22 -29.13
C ILE C 110 -24.77 -18.68 -28.17
N ILE C 111 -24.49 -17.39 -28.28
CA ILE C 111 -23.44 -16.75 -27.50
C ILE C 111 -23.99 -15.52 -26.81
N VAL C 112 -23.49 -15.25 -25.61
CA VAL C 112 -23.65 -13.92 -25.01
C VAL C 112 -22.30 -13.21 -25.11
N ALA C 113 -22.30 -12.06 -25.76
CA ALA C 113 -21.08 -11.30 -26.01
C ALA C 113 -21.30 -9.82 -25.74
N GLY C 114 -20.23 -9.16 -25.29
CA GLY C 114 -20.28 -7.74 -24.94
C GLY C 114 -19.07 -7.34 -24.11
N GLY C 115 -19.25 -6.39 -23.19
CA GLY C 115 -18.25 -6.10 -22.18
C GLY C 115 -18.82 -5.74 -20.83
N MET C 116 -17.91 -5.42 -19.92
CA MET C 116 -18.24 -4.93 -18.58
C MET C 116 -17.01 -4.27 -17.96
N GLU C 117 -17.21 -3.09 -17.39
CA GLU C 117 -16.14 -2.42 -16.64
C GLU C 117 -16.63 -1.86 -15.30
N SER C 118 -15.73 -1.89 -14.33
CA SER C 118 -15.86 -1.17 -13.09
C SER C 118 -14.59 -0.37 -12.89
N MET C 119 -14.55 0.84 -13.42
CA MET C 119 -13.37 1.69 -13.26
C MET C 119 -13.24 2.11 -11.79
N SER C 120 -14.37 2.38 -11.16
CA SER C 120 -14.45 2.54 -9.73
C SER C 120 -13.63 1.49 -8.95
N MET C 121 -13.87 0.21 -9.23
CA MET C 121 -13.29 -0.86 -8.39
C MET C 121 -11.89 -1.23 -8.76
N ALA C 122 -11.39 -0.69 -9.86
CA ALA C 122 -10.00 -0.94 -10.19
C ALA C 122 -9.13 -0.53 -8.97
N PRO C 123 -8.19 -1.37 -8.55
CA PRO C 123 -7.31 -1.09 -7.41
C PRO C 123 -6.01 -0.41 -7.77
N HIS C 124 -5.27 -0.05 -6.73
CA HIS C 124 -3.88 0.30 -6.84
C HIS C 124 -3.03 -0.93 -6.60
N CYS C 125 -1.85 -0.98 -7.22
CA CYS C 125 -0.97 -2.15 -7.15
C CYS C 125 0.54 -1.81 -7.04
N ALA C 126 1.35 -2.78 -6.63
CA ALA C 126 2.80 -2.64 -6.52
C ALA C 126 3.47 -4.01 -6.57
N HIS C 127 4.53 -4.13 -7.37
CA HIS C 127 5.34 -5.34 -7.37
C HIS C 127 6.29 -5.37 -6.15
N LEU C 128 6.04 -6.31 -5.23
CA LEU C 128 6.61 -6.26 -3.89
C LEU C 128 7.30 -7.54 -3.42
N ARG C 129 7.50 -8.49 -4.33
CA ARG C 129 8.03 -9.80 -3.97
C ARG C 129 9.47 -9.74 -3.50
N GLY C 130 10.28 -8.98 -4.21
CA GLY C 130 11.67 -8.76 -3.80
C GLY C 130 11.74 -8.03 -2.48
N GLY C 131 10.76 -7.17 -2.23
CA GLY C 131 10.71 -6.37 -1.03
C GLY C 131 11.53 -5.13 -1.25
N VAL C 132 11.26 -4.08 -0.48
CA VAL C 132 11.87 -2.79 -0.70
C VAL C 132 12.85 -2.47 0.44
N LYS C 133 14.13 -2.71 0.17
CA LYS C 133 15.20 -2.58 1.17
C LYS C 133 15.14 -1.21 1.86
N MET C 134 15.01 -0.17 1.03
CA MET C 134 14.80 1.19 1.54
C MET C 134 14.36 2.12 0.42
N GLY C 135 13.62 3.15 0.83
CA GLY C 135 13.16 4.15 -0.11
C GLY C 135 11.68 4.02 -0.38
N ASP C 136 11.10 5.12 -0.84
CA ASP C 136 9.68 5.16 -1.17
C ASP C 136 9.46 4.28 -2.39
N PHE C 137 8.25 3.77 -2.53
CA PHE C 137 7.85 3.12 -3.77
C PHE C 137 6.42 3.47 -4.17
N LYS C 138 6.10 3.25 -5.44
CA LYS C 138 4.78 3.65 -5.95
C LYS C 138 3.73 2.56 -5.85
N MET C 139 2.56 2.96 -5.37
CA MET C 139 1.33 2.23 -5.55
C MET C 139 0.64 2.76 -6.80
N ILE C 140 0.47 1.90 -7.79
CA ILE C 140 0.13 2.32 -9.17
C ILE C 140 -1.40 2.18 -9.34
N ASP C 141 -2.05 3.25 -9.83
CA ASP C 141 -3.48 3.23 -10.12
C ASP C 141 -3.63 2.48 -11.41
N THR C 142 -4.17 1.27 -11.35
CA THR C 142 -4.26 0.43 -12.53
C THR C 142 -5.22 1.02 -13.57
N MET C 143 -6.24 1.76 -13.13
CA MET C 143 -7.09 2.49 -14.07
C MET C 143 -6.25 3.36 -15.04
N ILE C 144 -5.37 4.16 -14.48
CA ILE C 144 -4.55 5.05 -15.26
C ILE C 144 -3.53 4.23 -16.02
N LYS C 145 -2.76 3.43 -15.30
CA LYS C 145 -1.65 2.70 -15.92
C LYS C 145 -2.09 1.80 -17.06
N ASP C 146 -3.10 0.97 -16.83
CA ASP C 146 -3.46 -0.08 -17.77
C ASP C 146 -4.64 0.31 -18.68
N GLY C 147 -5.30 1.41 -18.36
CA GLY C 147 -6.50 1.79 -19.08
C GLY C 147 -6.34 3.01 -19.95
N LEU C 148 -5.67 4.02 -19.42
CA LEU C 148 -5.66 5.35 -20.04
C LEU C 148 -4.29 5.90 -20.45
N THR C 149 -3.21 5.18 -20.15
CA THR C 149 -1.86 5.66 -20.45
C THR C 149 -1.24 4.91 -21.62
N ASP C 150 -0.65 5.64 -22.56
CA ASP C 150 0.02 5.01 -23.71
C ASP C 150 1.31 4.38 -23.26
N ALA C 151 1.53 3.13 -23.67
CA ALA C 151 2.61 2.30 -23.14
C ALA C 151 3.91 2.57 -23.86
N PHE C 152 3.84 3.31 -24.96
CA PHE C 152 5.00 3.64 -25.78
C PHE C 152 5.49 5.06 -25.54
N TYR C 153 4.54 6.00 -25.37
CA TYR C 153 4.87 7.41 -25.26
C TYR C 153 4.76 7.99 -23.84
N GLY C 154 4.18 7.22 -22.93
CA GLY C 154 4.14 7.57 -21.52
C GLY C 154 3.23 8.73 -21.11
N TYR C 155 2.26 9.09 -21.97
CA TYR C 155 1.28 10.12 -21.62
C TYR C 155 -0.15 9.58 -21.71
N HIS C 156 -1.12 10.37 -21.25
CA HIS C 156 -2.51 9.96 -21.17
C HIS C 156 -3.09 9.88 -22.58
N MET C 157 -4.26 9.26 -22.69
CA MET C 157 -5.03 9.25 -23.93
C MET C 157 -5.42 10.67 -24.36
N GLY C 158 -5.58 11.57 -23.40
CA GLY C 158 -5.93 12.96 -23.67
C GLY C 158 -4.85 13.71 -24.42
N THR C 159 -3.60 13.28 -24.24
CA THR C 159 -2.49 13.82 -25.02
C THR C 159 -2.52 13.38 -26.49
N THR C 160 -2.96 12.14 -26.76
CA THR C 160 -3.13 11.68 -28.13
C THR C 160 -4.25 12.45 -28.84
N ALA C 161 -5.22 12.94 -28.06
CA ALA C 161 -6.32 13.76 -28.59
C ALA C 161 -5.86 15.15 -28.98
N GLU C 162 -4.88 15.68 -28.25
CA GLU C 162 -4.27 16.97 -28.58
C GLU C 162 -3.53 16.91 -29.90
N ASN C 163 -2.77 15.84 -30.08
CA ASN C 163 -2.02 15.67 -31.31
C ASN C 163 -3.00 15.71 -32.48
N VAL C 164 -4.13 15.03 -32.31
CA VAL C 164 -5.16 14.95 -33.34
C VAL C 164 -5.86 16.29 -33.58
N ALA C 165 -6.06 17.05 -32.50
CA ALA C 165 -6.71 18.36 -32.56
C ALA C 165 -5.83 19.37 -33.29
N LYS C 166 -4.56 19.42 -32.90
CA LYS C 166 -3.55 20.24 -33.54
C LYS C 166 -3.48 19.93 -35.04
N GLN C 167 -3.59 18.64 -35.36
CA GLN C 167 -3.31 18.14 -36.69
C GLN C 167 -4.50 18.21 -37.67
N TRP C 168 -5.70 18.37 -37.14
CA TRP C 168 -6.90 18.66 -37.95
C TRP C 168 -7.32 20.14 -37.80
N GLN C 169 -6.56 20.89 -37.00
CA GLN C 169 -6.83 22.30 -36.70
C GLN C 169 -8.22 22.53 -36.11
N LEU C 170 -8.60 21.68 -35.17
CA LEU C 170 -9.84 21.86 -34.43
C LEU C 170 -9.60 22.84 -33.28
N SER C 171 -10.41 23.89 -33.23
CA SER C 171 -10.27 24.95 -32.22
C SER C 171 -10.81 24.48 -30.86
N ARG C 172 -10.50 25.22 -29.82
CA ARG C 172 -11.07 24.99 -28.48
C ARG C 172 -12.58 25.26 -28.47
N ASP C 173 -13.01 26.20 -29.31
CA ASP C 173 -14.42 26.51 -29.52
C ASP C 173 -15.19 25.38 -30.22
N GLU C 174 -14.57 24.76 -31.22
CA GLU C 174 -15.19 23.66 -31.98
C GLU C 174 -15.37 22.39 -31.13
N GLN C 175 -14.39 22.11 -30.26
CA GLN C 175 -14.44 20.96 -29.37
C GLN C 175 -15.53 21.10 -28.31
N ASP C 176 -15.74 22.34 -27.85
CA ASP C 176 -16.75 22.64 -26.84
C ASP C 176 -18.15 22.68 -27.45
N ALA C 177 -18.26 23.04 -28.73
CA ALA C 177 -19.56 23.07 -29.42
C ALA C 177 -20.06 21.67 -29.72
N PHE C 178 -19.13 20.75 -30.03
CA PHE C 178 -19.45 19.35 -30.22
C PHE C 178 -19.75 18.69 -28.88
N ALA C 179 -19.12 19.20 -27.83
CA ALA C 179 -19.36 18.71 -26.47
C ALA C 179 -20.75 19.09 -25.98
N VAL C 180 -21.07 20.39 -26.02
CA VAL C 180 -22.38 20.90 -25.57
C VAL C 180 -23.51 20.26 -26.40
N ALA C 181 -23.22 19.94 -27.66
CA ALA C 181 -24.19 19.26 -28.52
C ALA C 181 -24.46 17.84 -28.02
N SER C 182 -23.39 17.09 -27.77
CA SER C 182 -23.48 15.72 -27.25
C SER C 182 -24.27 15.60 -25.95
N GLN C 183 -24.11 16.59 -25.07
CA GLN C 183 -24.84 16.65 -23.81
C GLN C 183 -26.30 16.94 -24.03
N ASN C 184 -26.57 17.88 -24.93
CA ASN C 184 -27.94 18.28 -25.26
C ASN C 184 -28.74 17.13 -25.88
N LYS C 185 -28.09 16.37 -26.76
CA LYS C 185 -28.74 15.25 -27.44
C LYS C 185 -29.00 14.08 -26.47
N ALA C 186 -28.13 13.93 -25.47
CA ALA C 186 -28.28 12.90 -24.45
C ALA C 186 -29.40 13.27 -23.47
N GLU C 187 -29.38 14.52 -23.00
CA GLU C 187 -30.44 15.03 -22.13
C GLU C 187 -31.81 14.89 -22.79
N ALA C 188 -31.94 15.33 -24.03
CA ALA C 188 -33.20 15.21 -24.77
C ALA C 188 -33.62 13.74 -24.91
N ALA C 189 -32.66 12.84 -25.19
CA ALA C 189 -32.95 11.41 -25.33
C ALA C 189 -33.43 10.74 -24.02
N GLN C 190 -32.75 11.02 -22.89
CA GLN C 190 -33.07 10.43 -21.59
C GLN C 190 -34.46 10.86 -21.13
N LYS C 191 -34.74 12.16 -21.26
CA LYS C 191 -36.03 12.72 -20.93
C LYS C 191 -37.11 12.21 -21.88
N ASP C 192 -36.71 11.83 -23.10
CA ASP C 192 -37.60 11.26 -24.12
C ASP C 192 -37.84 9.74 -24.01
N GLY C 193 -37.23 9.10 -23.00
CA GLY C 193 -37.35 7.67 -22.80
C GLY C 193 -36.75 6.82 -23.91
N ARG C 194 -35.77 7.38 -24.61
CA ARG C 194 -35.09 6.68 -25.70
C ARG C 194 -34.11 5.64 -25.15
N PHE C 195 -33.65 5.87 -23.91
CA PHE C 195 -32.74 4.94 -23.23
C PHE C 195 -33.43 3.90 -22.35
N LYS C 196 -34.76 3.91 -22.29
CA LYS C 196 -35.49 2.93 -21.48
C LYS C 196 -35.38 1.50 -22.03
N ASP C 197 -35.73 1.32 -23.30
CA ASP C 197 -35.73 -0.01 -23.95
C ASP C 197 -34.42 -0.77 -23.68
N GLU C 198 -33.29 -0.11 -23.94
CA GLU C 198 -31.98 -0.76 -23.83
C GLU C 198 -31.51 -0.94 -22.39
N ILE C 199 -31.73 0.06 -21.54
CA ILE C 199 -31.26 -0.01 -20.16
C ILE C 199 -32.09 -1.04 -19.38
N VAL C 200 -31.41 -2.05 -18.85
CA VAL C 200 -32.00 -2.96 -17.89
C VAL C 200 -31.62 -2.42 -16.52
N PRO C 201 -32.62 -2.12 -15.67
CA PRO C 201 -32.36 -1.64 -14.31
C PRO C 201 -31.52 -2.60 -13.48
N PHE C 202 -30.54 -2.05 -12.78
CA PHE C 202 -29.68 -2.81 -11.87
C PHE C 202 -29.93 -2.47 -10.41
N ILE C 203 -29.98 -3.51 -9.58
CA ILE C 203 -30.25 -3.38 -8.14
C ILE C 203 -28.93 -3.41 -7.35
N VAL C 204 -28.58 -2.25 -6.80
CA VAL C 204 -27.42 -2.12 -5.91
C VAL C 204 -27.85 -2.50 -4.49
N LYS C 205 -27.44 -3.67 -4.01
CA LYS C 205 -27.89 -4.16 -2.69
C LYS C 205 -27.12 -3.50 -1.55
N GLY C 206 -27.85 -2.94 -0.60
CA GLY C 206 -27.27 -2.20 0.51
C GLY C 206 -27.79 -2.60 1.88
N ARG C 207 -27.06 -2.18 2.90
CA ARG C 207 -27.35 -2.55 4.28
C ARG C 207 -28.61 -1.83 4.74
N LYS C 208 -28.63 -0.51 4.55
CA LYS C 208 -29.80 0.30 4.87
C LYS C 208 -30.53 0.79 3.61
N GLY C 209 -30.69 -0.11 2.64
CA GLY C 209 -31.52 0.18 1.48
C GLY C 209 -30.98 -0.35 0.17
N ASP C 210 -31.84 -1.08 -0.56
CA ASP C 210 -31.58 -1.40 -1.96
C ASP C 210 -31.94 -0.16 -2.80
N ILE C 211 -31.12 0.16 -3.80
CA ILE C 211 -31.32 1.32 -4.65
C ILE C 211 -31.41 0.86 -6.10
N THR C 212 -32.57 1.06 -6.73
CA THR C 212 -32.74 0.67 -8.13
C THR C 212 -32.19 1.76 -9.08
N VAL C 213 -31.23 1.38 -9.91
CA VAL C 213 -30.55 2.30 -10.83
C VAL C 213 -30.92 1.98 -12.28
N ASP C 214 -31.75 2.82 -12.90
CA ASP C 214 -32.11 2.65 -14.31
C ASP C 214 -31.94 3.91 -15.17
N ALA C 215 -31.05 4.82 -14.72
CA ALA C 215 -30.76 6.07 -15.44
C ALA C 215 -29.26 6.42 -15.48
N ASP C 216 -28.84 6.97 -16.61
CA ASP C 216 -27.45 7.42 -16.79
C ASP C 216 -27.17 8.63 -15.91
N GLU C 217 -26.26 8.50 -14.95
CA GLU C 217 -26.06 9.55 -13.95
C GLU C 217 -24.98 10.56 -14.34
N TYR C 218 -24.31 10.29 -15.45
CA TYR C 218 -23.20 11.12 -15.89
C TYR C 218 -23.66 12.25 -16.81
N ILE C 219 -24.86 12.15 -17.38
CA ILE C 219 -25.36 13.22 -18.25
C ILE C 219 -25.59 14.47 -17.40
N ARG C 220 -24.96 15.58 -17.79
CA ARG C 220 -25.14 16.85 -17.07
C ARG C 220 -26.31 17.57 -17.71
N HIS C 221 -27.26 17.98 -16.85
CA HIS C 221 -28.47 18.64 -17.30
C HIS C 221 -28.18 20.14 -17.41
N GLY C 222 -28.63 20.74 -18.51
CA GLY C 222 -28.46 22.16 -18.75
C GLY C 222 -27.04 22.59 -19.07
N ALA C 223 -26.22 21.68 -19.60
CA ALA C 223 -24.83 21.97 -19.93
C ALA C 223 -24.73 23.10 -20.96
N THR C 224 -24.12 24.22 -20.56
CA THR C 224 -24.04 25.43 -21.38
C THR C 224 -22.69 25.59 -22.09
N LEU C 225 -22.61 26.60 -22.96
CA LEU C 225 -21.39 26.96 -23.68
C LEU C 225 -20.47 27.82 -22.80
N ASP C 226 -21.04 28.53 -21.83
CA ASP C 226 -20.27 29.40 -20.93
C ASP C 226 -19.46 28.62 -19.91
N SER C 227 -20.09 27.63 -19.28
CA SER C 227 -19.42 26.76 -18.31
C SER C 227 -18.38 25.86 -18.98
N MET C 228 -18.63 25.48 -20.23
CA MET C 228 -17.70 24.67 -21.01
C MET C 228 -16.41 25.46 -21.27
N ALA C 229 -16.57 26.73 -21.63
CA ALA C 229 -15.45 27.59 -22.02
C ALA C 229 -14.61 28.08 -20.85
N LYS C 230 -15.14 27.96 -19.63
CA LYS C 230 -14.44 28.38 -18.43
C LYS C 230 -13.36 27.39 -17.98
N LEU C 231 -13.54 26.11 -18.33
CA LEU C 231 -12.69 25.03 -17.82
C LEU C 231 -11.20 25.14 -18.23
N ARG C 232 -10.32 24.52 -17.45
CA ARG C 232 -8.89 24.48 -17.74
C ARG C 232 -8.52 23.28 -18.64
N PRO C 233 -7.46 23.41 -19.44
CA PRO C 233 -6.86 22.24 -20.10
C PRO C 233 -6.34 21.25 -19.07
N ALA C 234 -6.77 20.00 -19.19
CA ALA C 234 -6.48 18.98 -18.18
C ALA C 234 -5.08 18.39 -18.33
N PHE C 235 -4.64 18.23 -19.58
CA PHE C 235 -3.38 17.56 -19.90
C PHE C 235 -2.31 18.57 -20.30
N ASP C 236 -2.60 19.33 -21.36
CA ASP C 236 -1.64 20.26 -21.96
C ASP C 236 -1.86 21.66 -21.40
N LYS C 237 -0.82 22.28 -20.85
CA LYS C 237 -0.95 23.56 -20.14
C LYS C 237 -1.35 24.74 -21.05
N GLU C 238 -1.07 24.61 -22.34
CA GLU C 238 -1.53 25.59 -23.33
C GLU C 238 -2.28 24.85 -24.45
N GLY C 239 -3.15 23.93 -24.03
CA GLY C 239 -3.82 23.02 -24.94
C GLY C 239 -5.24 23.42 -25.30
N THR C 240 -6.13 22.43 -25.27
CA THR C 240 -7.51 22.61 -25.76
C THR C 240 -8.48 21.53 -25.27
N VAL C 241 -8.00 20.30 -25.06
CA VAL C 241 -8.83 19.21 -24.56
C VAL C 241 -8.98 19.38 -23.05
N THR C 242 -10.21 19.23 -22.57
CA THR C 242 -10.56 19.46 -21.17
C THR C 242 -11.44 18.34 -20.60
N ALA C 243 -11.75 18.45 -19.30
CA ALA C 243 -12.74 17.58 -18.66
C ALA C 243 -14.09 17.72 -19.35
N GLY C 244 -14.42 18.94 -19.74
CA GLY C 244 -15.70 19.25 -20.37
C GLY C 244 -15.92 18.60 -21.71
N ASN C 245 -14.96 18.72 -22.64
CA ASN C 245 -15.12 18.15 -23.98
C ASN C 245 -14.45 16.77 -24.17
N ALA C 246 -14.03 16.15 -23.06
CA ALA C 246 -13.54 14.77 -23.05
C ALA C 246 -14.51 13.89 -22.27
N SER C 247 -14.46 12.58 -22.53
CA SER C 247 -15.26 11.62 -21.78
C SER C 247 -14.68 11.40 -20.38
N GLY C 248 -15.44 10.73 -19.52
CA GLY C 248 -15.08 10.58 -18.12
C GLY C 248 -14.74 9.14 -17.78
N LEU C 249 -14.57 8.90 -16.48
CA LEU C 249 -14.31 7.57 -15.93
C LEU C 249 -15.65 7.04 -15.43
N ASN C 250 -15.98 5.80 -15.77
CA ASN C 250 -17.35 5.30 -15.62
C ASN C 250 -17.41 3.79 -15.40
N ASP C 251 -18.55 3.33 -14.87
CA ASP C 251 -18.85 1.90 -14.69
C ASP C 251 -20.09 1.53 -15.45
N GLY C 252 -20.12 0.29 -15.92
CA GLY C 252 -21.29 -0.30 -16.51
C GLY C 252 -21.02 -1.64 -17.16
N ALA C 253 -22.06 -2.20 -17.74
CA ALA C 253 -21.93 -3.40 -18.54
C ALA C 253 -23.01 -3.43 -19.62
N ALA C 254 -22.74 -4.16 -20.71
CA ALA C 254 -23.63 -4.22 -21.87
C ALA C 254 -23.36 -5.45 -22.73
N ALA C 255 -24.42 -6.07 -23.24
CA ALA C 255 -24.25 -7.30 -24.02
C ALA C 255 -25.35 -7.59 -25.05
N ALA C 256 -25.06 -8.55 -25.91
CA ALA C 256 -25.96 -8.94 -26.99
C ALA C 256 -25.98 -10.47 -27.09
N LEU C 257 -27.19 -11.06 -27.12
CA LEU C 257 -27.32 -12.49 -27.43
C LEU C 257 -27.32 -12.71 -28.94
N LEU C 258 -26.31 -13.50 -29.43
CA LEU C 258 -26.06 -13.79 -30.85
C LEU C 258 -26.47 -15.23 -31.17
N MET C 259 -27.07 -15.45 -32.36
CA MET C 259 -27.24 -16.79 -32.90
C MET C 259 -27.23 -16.72 -34.45
N SER C 260 -27.30 -17.88 -35.10
CA SER C 260 -27.53 -17.92 -36.55
C SER C 260 -28.95 -17.41 -36.79
N GLU C 261 -29.11 -16.71 -37.93
CA GLU C 261 -30.39 -16.13 -38.37
C GLU C 261 -31.56 -17.12 -38.30
N ALA C 262 -31.31 -18.35 -38.83
CA ALA C 262 -32.32 -19.42 -38.95
C ALA C 262 -32.72 -19.99 -37.58
N GLU C 263 -31.76 -20.01 -36.65
CA GLU C 263 -32.01 -20.39 -35.25
C GLU C 263 -32.93 -19.38 -34.56
N ALA C 264 -32.76 -18.09 -34.89
CA ALA C 264 -33.60 -17.03 -34.35
C ALA C 264 -35.01 -17.28 -34.81
N SER C 265 -35.17 -17.46 -36.14
CA SER C 265 -36.43 -17.75 -36.78
C SER C 265 -37.10 -18.96 -36.14
N ARG C 266 -36.35 -20.06 -36.02
CA ARG C 266 -36.82 -21.29 -35.36
C ARG C 266 -37.52 -20.95 -34.07
N ARG C 267 -36.79 -20.24 -33.21
CA ARG C 267 -37.22 -19.96 -31.86
C ARG C 267 -38.09 -18.72 -31.79
N GLY C 268 -38.61 -18.32 -32.96
CA GLY C 268 -39.57 -17.25 -33.04
C GLY C 268 -39.08 -15.91 -32.56
N ILE C 269 -37.79 -15.65 -32.70
CA ILE C 269 -37.23 -14.37 -32.32
C ILE C 269 -37.17 -13.43 -33.53
N GLN C 270 -37.06 -12.14 -33.20
CA GLN C 270 -37.31 -11.02 -34.07
C GLN C 270 -36.08 -10.12 -33.88
N PRO C 271 -34.98 -10.46 -34.57
CA PRO C 271 -33.69 -9.84 -34.29
C PRO C 271 -33.62 -8.31 -34.43
N LEU C 272 -32.82 -7.69 -33.55
CA LEU C 272 -32.45 -6.26 -33.62
C LEU C 272 -31.47 -5.92 -34.76
N GLY C 273 -30.84 -6.94 -35.34
CA GLY C 273 -29.95 -6.70 -36.47
C GLY C 273 -29.18 -7.94 -36.92
N ARG C 274 -28.46 -7.76 -38.05
CA ARG C 274 -27.70 -8.85 -38.69
C ARG C 274 -26.30 -8.34 -38.91
N ILE C 275 -25.32 -9.10 -38.42
CA ILE C 275 -23.92 -8.69 -38.54
C ILE C 275 -23.51 -8.94 -39.97
N VAL C 276 -23.49 -7.89 -40.78
CA VAL C 276 -23.08 -8.03 -42.18
C VAL C 276 -21.56 -8.02 -42.31
N SER C 277 -20.87 -7.27 -41.44
CA SER C 277 -19.40 -7.20 -41.51
C SER C 277 -18.77 -6.65 -40.20
N TRP C 278 -17.44 -6.67 -40.14
CA TRP C 278 -16.69 -6.01 -39.06
C TRP C 278 -15.23 -5.85 -39.52
N ALA C 279 -14.45 -5.01 -38.83
CA ALA C 279 -13.01 -4.84 -39.13
C ALA C 279 -12.26 -4.21 -37.94
N THR C 280 -11.02 -4.63 -37.72
CA THR C 280 -10.13 -3.88 -36.83
C THR C 280 -8.85 -3.55 -37.58
N VAL C 281 -8.33 -2.33 -37.36
CA VAL C 281 -7.10 -1.89 -38.01
C VAL C 281 -6.22 -1.09 -37.06
N GLY C 282 -4.93 -1.15 -37.30
CA GLY C 282 -3.96 -0.41 -36.50
C GLY C 282 -3.56 0.93 -37.09
N VAL C 283 -3.14 1.80 -36.18
CA VAL C 283 -2.76 3.18 -36.49
C VAL C 283 -1.62 3.63 -35.55
N ASP C 284 -1.03 4.79 -35.85
CA ASP C 284 0.07 5.32 -35.03
C ASP C 284 -0.45 5.68 -33.62
N PRO C 285 0.19 5.18 -32.56
CA PRO C 285 -0.31 5.41 -31.18
C PRO C 285 -0.50 6.87 -30.77
N LYS C 286 0.39 7.73 -31.24
CA LYS C 286 0.32 9.17 -30.99
C LYS C 286 -1.03 9.76 -31.35
N VAL C 287 -1.65 9.23 -32.40
CA VAL C 287 -2.97 9.69 -32.85
C VAL C 287 -3.95 8.49 -32.98
N MET C 288 -4.07 7.76 -31.89
CA MET C 288 -4.94 6.59 -31.83
C MET C 288 -6.40 6.92 -32.17
N GLY C 289 -6.82 8.16 -31.92
CA GLY C 289 -8.20 8.59 -32.12
C GLY C 289 -8.75 8.54 -33.54
N THR C 290 -7.85 8.47 -34.52
CA THR C 290 -8.22 8.33 -35.94
C THR C 290 -8.42 6.88 -36.36
N GLY C 291 -8.10 5.95 -35.48
CA GLY C 291 -8.50 4.56 -35.65
C GLY C 291 -9.74 4.37 -36.48
N PRO C 292 -10.87 4.91 -36.00
CA PRO C 292 -12.20 4.70 -36.60
C PRO C 292 -12.34 5.01 -38.10
N ILE C 293 -11.38 5.70 -38.69
CA ILE C 293 -11.40 6.02 -40.11
C ILE C 293 -11.09 4.77 -40.98
N PRO C 294 -9.87 4.23 -40.92
CA PRO C 294 -9.59 2.96 -41.64
C PRO C 294 -10.47 1.78 -41.23
N ALA C 295 -10.84 1.66 -39.96
CA ALA C 295 -11.67 0.54 -39.52
C ALA C 295 -13.07 0.59 -40.13
N SER C 296 -13.69 1.78 -40.06
CA SER C 296 -15.05 1.96 -40.59
C SER C 296 -15.06 1.84 -42.12
N ARG C 297 -13.92 2.10 -42.76
CA ARG C 297 -13.77 1.97 -44.22
C ARG C 297 -13.46 0.54 -44.62
N LYS C 298 -12.81 -0.22 -43.74
CA LYS C 298 -12.61 -1.65 -44.00
C LYS C 298 -13.93 -2.36 -43.82
N ALA C 299 -14.56 -2.14 -42.66
CA ALA C 299 -15.91 -2.59 -42.40
C ALA C 299 -16.84 -2.41 -43.60
N LEU C 300 -16.87 -1.19 -44.14
CA LEU C 300 -17.87 -0.78 -45.13
C LEU C 300 -17.59 -1.46 -46.46
N GLU C 301 -16.31 -1.63 -46.77
CA GLU C 301 -15.81 -2.37 -47.93
C GLU C 301 -16.22 -3.84 -47.81
N ARG C 302 -16.04 -4.41 -46.62
CA ARG C 302 -16.38 -5.80 -46.36
C ARG C 302 -17.87 -6.06 -46.57
N ALA C 303 -18.71 -5.11 -46.17
CA ALA C 303 -20.16 -5.25 -46.33
C ALA C 303 -20.59 -4.96 -47.78
N GLY C 304 -19.81 -4.11 -48.47
CA GLY C 304 -20.14 -3.71 -49.83
C GLY C 304 -20.96 -2.42 -49.89
N TRP C 305 -20.90 -1.62 -48.82
CA TRP C 305 -21.65 -0.37 -48.73
C TRP C 305 -20.77 0.85 -49.01
N LYS C 306 -21.36 1.89 -49.57
CA LYS C 306 -20.76 3.23 -49.60
C LYS C 306 -21.14 3.92 -48.30
N ILE C 307 -20.36 4.90 -47.87
CA ILE C 307 -20.64 5.63 -46.61
C ILE C 307 -22.04 6.28 -46.64
N GLY C 308 -22.49 6.69 -47.81
CA GLY C 308 -23.80 7.32 -47.98
C GLY C 308 -25.03 6.41 -47.87
N ASP C 309 -24.82 5.09 -47.79
CA ASP C 309 -25.90 4.13 -47.54
C ASP C 309 -26.30 4.01 -46.05
N LEU C 310 -25.39 4.40 -45.14
CA LEU C 310 -25.70 4.30 -43.71
C LEU C 310 -26.83 5.24 -43.34
N ASP C 311 -27.77 4.74 -42.53
CA ASP C 311 -28.89 5.53 -42.02
C ASP C 311 -28.65 6.03 -40.60
N LEU C 312 -27.73 5.36 -39.88
CA LEU C 312 -27.46 5.72 -38.49
C LEU C 312 -26.10 5.22 -38.00
N VAL C 313 -25.44 6.05 -37.21
CA VAL C 313 -24.10 5.77 -36.75
C VAL C 313 -23.92 6.08 -35.28
N GLU C 314 -23.28 5.15 -34.58
CA GLU C 314 -22.62 5.44 -33.31
C GLU C 314 -21.12 5.45 -33.59
N ALA C 315 -20.50 6.62 -33.45
CA ALA C 315 -19.05 6.75 -33.49
C ALA C 315 -18.62 7.28 -32.13
N ASN C 316 -18.11 6.40 -31.28
CA ASN C 316 -17.68 6.74 -29.93
C ASN C 316 -17.01 8.09 -29.74
N GLU C 317 -17.40 8.80 -28.69
CA GLU C 317 -16.81 10.09 -28.34
C GLU C 317 -15.81 9.87 -27.19
N ALA C 318 -14.63 9.35 -27.52
CA ALA C 318 -13.54 9.31 -26.55
C ALA C 318 -13.22 10.75 -26.16
N PHE C 319 -12.96 11.58 -27.16
CA PHE C 319 -12.71 13.01 -26.98
C PHE C 319 -13.36 13.83 -28.08
N ALA C 320 -13.68 15.08 -27.80
CA ALA C 320 -14.34 15.93 -28.78
C ALA C 320 -13.40 16.16 -29.96
N ALA C 321 -12.10 16.15 -29.70
CA ALA C 321 -11.09 16.34 -30.75
C ALA C 321 -11.13 15.23 -31.79
N GLN C 322 -10.98 13.99 -31.36
CA GLN C 322 -10.90 12.87 -32.30
C GLN C 322 -12.22 12.62 -33.05
N ALA C 323 -13.33 12.68 -32.31
CA ALA C 323 -14.66 12.40 -32.87
C ALA C 323 -14.95 13.30 -34.06
N CYS C 324 -14.71 14.60 -33.86
CA CYS C 324 -14.87 15.61 -34.90
C CYS C 324 -14.00 15.32 -36.10
N ALA C 325 -12.76 14.88 -35.86
CA ALA C 325 -11.82 14.55 -36.93
C ALA C 325 -12.27 13.32 -37.72
N VAL C 326 -12.90 12.37 -37.03
CA VAL C 326 -13.40 11.17 -37.67
C VAL C 326 -14.55 11.52 -38.60
N ASN C 327 -15.45 12.39 -38.13
CA ASN C 327 -16.66 12.76 -38.87
C ASN C 327 -16.33 13.68 -40.04
N LYS C 328 -15.26 14.46 -39.87
CA LYS C 328 -14.72 15.32 -40.94
C LYS C 328 -14.17 14.47 -42.08
N ASP C 329 -13.47 13.40 -41.73
CA ASP C 329 -12.82 12.53 -42.72
C ASP C 329 -13.84 11.69 -43.49
N LEU C 330 -14.74 11.06 -42.75
CA LEU C 330 -15.68 10.08 -43.28
C LEU C 330 -16.82 10.72 -44.08
N GLY C 331 -17.16 11.96 -43.73
CA GLY C 331 -18.08 12.77 -44.50
C GLY C 331 -19.55 12.43 -44.33
N TRP C 332 -19.88 11.61 -43.34
CA TRP C 332 -21.28 11.22 -43.11
C TRP C 332 -22.08 12.37 -42.47
N ASP C 333 -23.38 12.39 -42.73
CA ASP C 333 -24.28 13.41 -42.21
C ASP C 333 -24.24 13.42 -40.67
N PRO C 334 -23.77 14.50 -40.05
CA PRO C 334 -23.63 14.54 -38.58
C PRO C 334 -24.97 14.38 -37.85
N SER C 335 -26.07 14.64 -38.56
CA SER C 335 -27.41 14.48 -38.00
C SER C 335 -27.89 13.02 -37.88
N ILE C 336 -27.08 12.06 -38.37
CA ILE C 336 -27.32 10.63 -38.12
C ILE C 336 -26.29 10.03 -37.16
N VAL C 337 -25.30 10.83 -36.76
CA VAL C 337 -24.25 10.39 -35.87
C VAL C 337 -24.64 10.69 -34.45
N ASN C 338 -24.60 9.67 -33.60
CA ASN C 338 -24.77 9.84 -32.16
C ASN C 338 -26.04 10.62 -31.86
N VAL C 339 -27.13 10.07 -32.37
CA VAL C 339 -28.39 10.80 -32.40
C VAL C 339 -28.98 10.96 -31.00
N ASN C 340 -28.67 10.00 -30.11
CA ASN C 340 -29.06 10.11 -28.70
C ASN C 340 -27.85 10.47 -27.84
N GLY C 341 -26.98 11.31 -28.37
CA GLY C 341 -25.79 11.77 -27.69
C GLY C 341 -24.61 10.82 -27.78
N GLY C 342 -23.52 11.19 -27.12
CA GLY C 342 -22.30 10.41 -27.15
C GLY C 342 -21.70 10.14 -25.79
N ALA C 343 -20.50 9.56 -25.79
CA ALA C 343 -19.85 9.12 -24.57
C ALA C 343 -19.44 10.29 -23.69
N ILE C 344 -19.23 11.47 -24.28
CA ILE C 344 -18.87 12.67 -23.51
C ILE C 344 -19.96 12.98 -22.49
N ALA C 345 -21.20 12.73 -22.88
CA ALA C 345 -22.36 12.90 -22.02
C ALA C 345 -22.65 11.65 -21.17
N ILE C 346 -22.52 10.47 -21.79
CA ILE C 346 -23.09 9.23 -21.22
C ILE C 346 -22.10 8.46 -20.36
N GLY C 347 -20.84 8.50 -20.74
CA GLY C 347 -19.80 7.82 -19.99
C GLY C 347 -18.91 7.01 -20.92
N HIS C 348 -17.75 6.61 -20.40
CA HIS C 348 -16.83 5.74 -21.12
C HIS C 348 -16.31 4.62 -20.21
N PRO C 349 -17.16 3.63 -19.92
CA PRO C 349 -16.76 2.45 -19.15
C PRO C 349 -16.04 1.50 -20.10
N ILE C 350 -14.71 1.55 -20.07
CA ILE C 350 -13.88 1.18 -21.23
C ILE C 350 -14.22 -0.17 -21.86
N GLY C 351 -14.20 -1.22 -21.05
CA GLY C 351 -14.46 -2.56 -21.52
C GLY C 351 -15.86 -2.68 -22.10
N ALA C 352 -16.83 -2.06 -21.45
CA ALA C 352 -18.21 -2.04 -21.90
C ALA C 352 -18.56 -1.12 -23.10
N SER C 353 -17.69 -0.18 -23.44
CA SER C 353 -18.06 0.95 -24.30
C SER C 353 -18.58 0.57 -25.71
N GLY C 354 -17.93 -0.40 -26.34
CA GLY C 354 -18.30 -0.86 -27.66
C GLY C 354 -19.67 -1.54 -27.77
N ALA C 355 -20.06 -2.29 -26.74
CA ALA C 355 -21.36 -2.96 -26.70
C ALA C 355 -22.40 -2.08 -26.05
N ARG C 356 -21.92 -1.01 -25.42
CA ARG C 356 -22.78 0.03 -24.88
C ARG C 356 -23.34 0.82 -26.05
N ILE C 357 -22.50 1.18 -27.05
CA ILE C 357 -23.03 1.89 -28.24
C ILE C 357 -23.70 0.94 -29.23
N LEU C 358 -23.29 -0.31 -29.26
CA LEU C 358 -24.03 -1.29 -30.05
C LEU C 358 -25.48 -1.28 -29.57
N ASN C 359 -25.69 -1.23 -28.27
CA ASN C 359 -27.06 -1.17 -27.77
C ASN C 359 -27.82 0.07 -28.25
N THR C 360 -27.18 1.22 -28.15
CA THR C 360 -27.84 2.49 -28.45
C THR C 360 -28.27 2.60 -29.91
N LEU C 361 -27.48 1.97 -30.80
CA LEU C 361 -27.69 1.99 -32.25
C LEU C 361 -28.74 0.97 -32.67
N LEU C 362 -28.69 -0.21 -32.06
CA LEU C 362 -29.63 -1.28 -32.38
C LEU C 362 -31.05 -0.88 -32.01
N PHE C 363 -31.21 -0.27 -30.84
CA PHE C 363 -32.51 0.08 -30.34
C PHE C 363 -33.03 1.33 -31.03
N GLU C 364 -32.12 2.21 -31.47
CA GLU C 364 -32.50 3.38 -32.26
C GLU C 364 -32.75 3.00 -33.73
N MET C 365 -32.14 1.92 -34.21
CA MET C 365 -32.40 1.42 -35.57
C MET C 365 -33.82 0.87 -35.56
N LYS C 366 -34.15 0.23 -34.43
CA LYS C 366 -35.51 -0.22 -34.17
C LYS C 366 -36.42 0.99 -34.09
N ARG C 367 -36.01 2.00 -33.31
CA ARG C 367 -36.85 3.12 -32.93
C ARG C 367 -37.06 4.22 -34.01
N ARG C 368 -36.39 4.11 -35.16
CA ARG C 368 -36.77 4.97 -36.30
C ARG C 368 -36.97 4.24 -37.64
N GLY C 369 -36.87 2.91 -37.63
CA GLY C 369 -37.01 2.11 -38.84
C GLY C 369 -35.82 2.23 -39.77
N ALA C 370 -34.64 2.51 -39.23
CA ALA C 370 -33.41 2.48 -40.03
C ALA C 370 -33.17 1.03 -40.46
N ARG C 371 -32.46 0.89 -41.61
CA ARG C 371 -32.08 -0.43 -42.14
C ARG C 371 -30.59 -0.71 -41.92
N LYS C 372 -29.74 0.25 -42.25
CA LYS C 372 -28.29 0.06 -42.19
C LYS C 372 -27.71 0.96 -41.11
N GLY C 373 -26.68 0.48 -40.43
CA GLY C 373 -26.13 1.21 -39.31
C GLY C 373 -24.81 0.66 -38.85
N LEU C 374 -23.86 1.57 -38.61
CA LEU C 374 -22.48 1.22 -38.24
C LEU C 374 -22.16 1.61 -36.79
N ALA C 375 -21.15 0.96 -36.20
CA ALA C 375 -20.53 1.36 -34.93
C ALA C 375 -19.02 1.44 -35.11
N THR C 376 -18.38 2.34 -34.37
CA THR C 376 -16.93 2.42 -34.42
C THR C 376 -16.37 3.13 -33.18
N LEU C 377 -15.13 2.78 -32.84
CA LEU C 377 -14.47 3.28 -31.64
C LEU C 377 -12.97 3.36 -31.87
N CYS C 378 -12.33 4.44 -31.41
CA CYS C 378 -10.87 4.47 -31.33
C CYS C 378 -10.38 3.69 -30.09
N ILE C 379 -9.15 3.17 -30.20
CA ILE C 379 -8.57 2.25 -29.24
C ILE C 379 -7.14 2.68 -28.92
N GLY C 380 -6.75 2.62 -27.64
CA GLY C 380 -5.43 3.08 -27.20
C GLY C 380 -4.30 2.17 -27.64
N GLY C 381 -3.12 2.75 -27.86
CA GLY C 381 -2.03 2.03 -28.48
C GLY C 381 -2.12 2.06 -29.99
N GLY C 382 -3.20 2.61 -30.56
CA GLY C 382 -3.26 2.92 -31.98
C GLY C 382 -4.10 1.93 -32.77
N MET C 383 -5.41 1.96 -32.54
CA MET C 383 -6.28 1.08 -33.28
C MET C 383 -7.63 1.72 -33.56
N GLY C 384 -8.41 1.03 -34.37
CA GLY C 384 -9.84 1.26 -34.48
C GLY C 384 -10.58 -0.04 -34.71
N VAL C 385 -11.86 -0.05 -34.38
CA VAL C 385 -12.74 -1.20 -34.63
C VAL C 385 -14.11 -0.72 -35.10
N ALA C 386 -14.77 -1.51 -35.92
CA ALA C 386 -16.12 -1.17 -36.41
C ALA C 386 -16.97 -2.39 -36.73
N MET C 387 -18.30 -2.20 -36.71
CA MET C 387 -19.27 -3.26 -37.08
C MET C 387 -20.44 -2.68 -37.87
N CYS C 388 -20.79 -3.33 -38.99
CA CYS C 388 -21.96 -2.94 -39.80
C CYS C 388 -23.11 -3.86 -39.43
N ILE C 389 -24.29 -3.29 -39.25
CA ILE C 389 -25.48 -4.02 -38.78
C ILE C 389 -26.65 -3.68 -39.71
N GLU C 390 -27.31 -4.70 -40.25
CA GLU C 390 -28.48 -4.54 -41.11
C GLU C 390 -29.72 -5.17 -40.48
N SER C 391 -30.80 -4.38 -40.37
CA SER C 391 -32.04 -4.86 -39.79
C SER C 391 -32.60 -6.01 -40.60
N LEU C 392 -33.54 -6.74 -40.01
CA LEU C 392 -34.17 -7.87 -40.69
C LEU C 392 -35.55 -7.46 -41.24
N PRO D 3 -12.21 -24.19 -45.36
CA PRO D 3 -10.92 -23.57 -44.92
C PRO D 3 -10.07 -24.55 -44.11
N SER D 4 -8.80 -24.68 -44.52
CA SER D 4 -7.85 -25.58 -43.85
C SER D 4 -6.70 -24.74 -43.30
N ILE D 5 -6.49 -24.78 -41.98
CA ILE D 5 -5.58 -23.84 -41.30
C ILE D 5 -4.36 -24.56 -40.73
N VAL D 6 -3.16 -24.02 -41.01
CA VAL D 6 -1.84 -24.63 -40.69
C VAL D 6 -0.85 -23.69 -39.94
N ILE D 7 -0.32 -24.27 -38.81
CA ILE D 7 0.75 -23.63 -38.03
C ILE D 7 2.03 -23.71 -38.86
N ALA D 8 2.36 -22.61 -39.56
CA ALA D 8 3.59 -22.51 -40.34
C ALA D 8 4.82 -22.61 -39.45
N SER D 9 4.74 -22.02 -38.26
CA SER D 9 5.85 -22.04 -37.31
C SER D 9 5.42 -21.94 -35.85
N ALA D 10 6.35 -22.24 -34.95
CA ALA D 10 6.07 -22.21 -33.53
C ALA D 10 7.35 -22.12 -32.71
N ALA D 11 7.36 -21.19 -31.75
CA ALA D 11 8.48 -21.05 -30.82
C ALA D 11 8.01 -20.69 -29.41
N ARG D 12 8.92 -20.78 -28.45
CA ARG D 12 8.63 -20.51 -27.05
C ARG D 12 9.88 -20.14 -26.25
N THR D 13 9.75 -19.31 -25.20
CA THR D 13 10.86 -19.13 -24.26
C THR D 13 10.91 -20.34 -23.33
N ALA D 14 12.07 -20.46 -22.69
CA ALA D 14 12.25 -21.43 -21.64
C ALA D 14 11.33 -21.00 -20.57
N VAL D 15 10.85 -22.00 -19.86
CA VAL D 15 10.07 -21.70 -18.72
C VAL D 15 11.09 -21.36 -17.66
N GLY D 16 10.77 -20.28 -16.95
CA GLY D 16 11.58 -19.79 -15.87
C GLY D 16 10.93 -20.08 -14.55
N SER D 17 11.76 -20.27 -13.52
CA SER D 17 11.35 -20.46 -12.14
C SER D 17 10.80 -19.16 -11.55
N PHE D 18 10.06 -19.28 -10.46
CA PHE D 18 9.42 -18.15 -9.81
C PHE D 18 10.45 -17.32 -9.03
N ASN D 19 10.50 -16.02 -9.32
CA ASN D 19 11.58 -15.17 -8.81
C ASN D 19 12.96 -15.75 -9.09
N GLY D 20 13.19 -16.07 -10.37
CA GLY D 20 14.46 -16.61 -10.84
C GLY D 20 15.03 -15.81 -12.01
N ALA D 21 15.25 -16.48 -13.14
CA ALA D 21 15.89 -15.87 -14.30
C ALA D 21 15.06 -14.76 -14.96
N PHE D 22 13.73 -14.89 -14.95
CA PHE D 22 12.82 -13.88 -15.52
C PHE D 22 12.09 -13.14 -14.38
N ALA D 23 12.73 -13.09 -13.21
CA ALA D 23 12.13 -12.48 -12.01
C ALA D 23 11.65 -11.07 -12.23
N ASN D 24 12.43 -10.32 -13.03
CA ASN D 24 12.12 -8.94 -13.31
C ASN D 24 11.88 -8.63 -14.81
N THR D 25 11.49 -9.65 -15.56
CA THR D 25 11.18 -9.50 -16.98
C THR D 25 9.68 -9.50 -17.17
N PRO D 26 9.13 -8.40 -17.68
CA PRO D 26 7.69 -8.31 -17.91
C PRO D 26 7.21 -9.29 -18.98
N ALA D 27 5.94 -9.66 -18.95
CA ALA D 27 5.47 -10.66 -19.91
C ALA D 27 5.76 -10.29 -21.38
N HIS D 28 5.53 -9.05 -21.77
CA HIS D 28 5.51 -8.66 -23.17
C HIS D 28 6.91 -8.68 -23.78
N GLU D 29 7.96 -8.65 -22.95
CA GLU D 29 9.33 -8.83 -23.46
C GLU D 29 9.54 -10.27 -23.92
N LEU D 30 9.01 -11.22 -23.16
CA LEU D 30 9.12 -12.62 -23.55
C LEU D 30 8.25 -12.94 -24.76
N GLY D 31 7.10 -12.27 -24.88
CA GLY D 31 6.19 -12.49 -25.98
C GLY D 31 6.79 -11.94 -27.27
N ALA D 32 7.55 -10.86 -27.11
CA ALA D 32 8.16 -10.16 -28.21
C ALA D 32 9.29 -11.00 -28.82
N THR D 33 9.99 -11.77 -27.98
CA THR D 33 10.98 -12.74 -28.49
C THR D 33 10.27 -13.82 -29.31
N VAL D 34 9.15 -14.27 -28.77
CA VAL D 34 8.37 -15.34 -29.34
C VAL D 34 7.73 -14.93 -30.68
N ILE D 35 7.31 -13.66 -30.82
CA ILE D 35 6.72 -13.17 -32.08
C ILE D 35 7.79 -13.08 -33.17
N SER D 36 8.97 -12.64 -32.79
CA SER D 36 10.11 -12.57 -33.73
C SER D 36 10.54 -13.96 -34.22
N ALA D 37 10.60 -14.92 -33.29
CA ALA D 37 11.14 -16.26 -33.58
C ALA D 37 10.20 -17.08 -34.44
N VAL D 38 8.91 -16.79 -34.40
CA VAL D 38 7.98 -17.47 -35.31
C VAL D 38 8.07 -16.91 -36.74
N LEU D 39 8.17 -15.59 -36.86
CA LEU D 39 8.36 -14.92 -38.16
C LEU D 39 9.72 -15.21 -38.79
N GLU D 40 10.73 -15.43 -37.95
CA GLU D 40 12.07 -15.74 -38.45
C GLU D 40 12.11 -17.16 -39.00
N ARG D 41 11.50 -18.10 -38.28
CA ARG D 41 11.60 -19.52 -38.66
C ARG D 41 10.76 -19.83 -39.90
N ALA D 42 9.61 -19.17 -40.04
CA ALA D 42 8.77 -19.34 -41.23
C ALA D 42 9.37 -18.62 -42.44
N GLY D 43 10.25 -17.66 -42.18
CA GLY D 43 10.79 -16.80 -43.22
C GLY D 43 9.76 -15.79 -43.70
N VAL D 44 8.86 -15.41 -42.80
CA VAL D 44 7.81 -14.44 -43.09
C VAL D 44 8.15 -13.19 -42.30
N ALA D 45 7.95 -12.04 -42.91
CA ALA D 45 8.22 -10.81 -42.20
C ALA D 45 7.08 -10.42 -41.27
N ALA D 46 7.41 -9.51 -40.37
CA ALA D 46 6.49 -8.95 -39.41
C ALA D 46 5.44 -8.04 -40.07
N GLY D 47 5.85 -7.29 -41.09
CA GLY D 47 4.90 -6.48 -41.85
C GLY D 47 3.73 -7.24 -42.46
N GLU D 48 3.87 -8.56 -42.60
CA GLU D 48 2.85 -9.42 -43.20
C GLU D 48 1.77 -9.84 -42.19
N VAL D 49 2.06 -9.66 -40.91
CA VAL D 49 1.19 -10.12 -39.81
C VAL D 49 -0.02 -9.21 -39.70
N ASN D 50 -1.23 -9.79 -39.70
CA ASN D 50 -2.44 -9.00 -39.50
C ASN D 50 -2.70 -8.73 -38.01
N GLU D 51 -2.66 -9.78 -37.19
CA GLU D 51 -2.96 -9.64 -35.75
C GLU D 51 -1.99 -10.42 -34.82
N VAL D 52 -1.90 -10.01 -33.56
CA VAL D 52 -1.21 -10.78 -32.53
C VAL D 52 -2.24 -11.04 -31.44
N ILE D 53 -2.52 -12.31 -31.14
CA ILE D 53 -3.45 -12.70 -30.11
C ILE D 53 -2.74 -13.45 -28.98
N LEU D 54 -2.59 -12.80 -27.83
CA LEU D 54 -1.86 -13.41 -26.72
C LEU D 54 -2.71 -13.57 -25.48
N GLY D 55 -2.83 -14.82 -25.03
CA GLY D 55 -3.38 -15.11 -23.72
C GLY D 55 -2.51 -14.57 -22.60
N GLN D 56 -3.17 -14.07 -21.56
CA GLN D 56 -2.46 -13.51 -20.41
C GLN D 56 -3.45 -13.35 -19.27
N VAL D 57 -3.18 -14.02 -18.17
CA VAL D 57 -4.07 -13.98 -17.01
C VAL D 57 -3.75 -12.83 -16.03
N LEU D 58 -2.47 -12.46 -15.94
CA LEU D 58 -1.93 -11.52 -14.94
C LEU D 58 -1.19 -10.31 -15.53
N PRO D 59 -1.91 -9.40 -16.20
CA PRO D 59 -1.31 -8.18 -16.75
C PRO D 59 -1.30 -6.95 -15.82
N ALA D 60 -1.83 -7.04 -14.59
CA ALA D 60 -1.94 -5.85 -13.75
C ALA D 60 -0.54 -5.23 -13.58
N GLY D 61 -0.47 -3.91 -13.74
CA GLY D 61 0.77 -3.16 -13.71
C GLY D 61 1.57 -3.00 -15.00
N GLU D 62 1.27 -3.80 -16.03
CA GLU D 62 2.14 -3.88 -17.21
C GLU D 62 1.93 -2.77 -18.24
N GLY D 63 0.85 -2.02 -18.11
CA GLY D 63 0.54 -0.94 -19.05
C GLY D 63 -0.54 -1.38 -20.01
N GLN D 64 -0.97 -0.49 -20.89
CA GLN D 64 -2.08 -0.77 -21.82
C GLN D 64 -1.78 -1.99 -22.64
N ASN D 65 -2.73 -2.90 -22.73
CA ASN D 65 -2.75 -3.96 -23.75
C ASN D 65 -1.35 -4.47 -24.09
N PRO D 66 -0.74 -5.23 -23.16
CA PRO D 66 0.62 -5.73 -23.41
C PRO D 66 0.76 -6.65 -24.65
N ALA D 67 -0.33 -7.23 -25.17
CA ALA D 67 -0.32 -7.90 -26.47
C ALA D 67 0.25 -6.96 -27.55
N ARG D 68 -0.26 -5.74 -27.56
CA ARG D 68 0.19 -4.67 -28.46
C ARG D 68 1.61 -4.24 -28.16
N GLN D 69 2.02 -4.27 -26.89
CA GLN D 69 3.41 -3.95 -26.53
C GLN D 69 4.41 -4.99 -27.05
N ALA D 70 4.15 -6.26 -26.75
CA ALA D 70 4.93 -7.38 -27.32
C ALA D 70 4.99 -7.33 -28.86
N ALA D 71 3.89 -6.93 -29.49
CA ALA D 71 3.79 -6.90 -30.95
C ALA D 71 4.63 -5.76 -31.55
N MET D 72 4.49 -4.55 -31.02
CA MET D 72 5.36 -3.42 -31.43
C MET D 72 6.88 -3.61 -31.19
N LYS D 73 7.24 -4.24 -30.08
CA LYS D 73 8.66 -4.56 -29.80
C LYS D 73 9.20 -5.66 -30.72
N ALA D 74 8.30 -6.48 -31.28
CA ALA D 74 8.68 -7.47 -32.29
C ALA D 74 9.01 -6.82 -33.62
N GLY D 75 8.43 -5.65 -33.86
CA GLY D 75 8.60 -4.98 -35.14
C GLY D 75 7.42 -5.27 -36.06
N VAL D 76 6.38 -5.90 -35.54
CA VAL D 76 5.10 -5.93 -36.22
C VAL D 76 4.61 -4.48 -36.24
N PRO D 77 4.30 -3.94 -37.43
CA PRO D 77 4.10 -2.49 -37.62
C PRO D 77 2.84 -1.99 -36.92
N GLN D 78 2.63 -0.67 -36.89
CA GLN D 78 1.43 -0.11 -36.23
C GLN D 78 0.14 -0.59 -36.90
N GLU D 79 0.28 -0.94 -38.19
CA GLU D 79 -0.76 -1.52 -39.06
C GLU D 79 -1.62 -2.59 -38.43
N ALA D 80 -0.96 -3.62 -37.93
CA ALA D 80 -1.67 -4.77 -37.43
C ALA D 80 -2.41 -4.40 -36.14
N THR D 81 -3.27 -5.29 -35.68
CA THR D 81 -3.96 -5.09 -34.41
C THR D 81 -3.39 -6.08 -33.39
N ALA D 82 -3.79 -5.96 -32.14
CA ALA D 82 -3.37 -6.93 -31.15
C ALA D 82 -4.25 -6.87 -29.92
N TRP D 83 -4.57 -8.03 -29.38
CA TRP D 83 -5.40 -8.10 -28.18
C TRP D 83 -5.04 -9.26 -27.25
N GLY D 84 -5.38 -9.08 -25.98
CA GLY D 84 -5.20 -10.09 -24.96
C GLY D 84 -6.50 -10.76 -24.63
N MET D 85 -6.40 -11.96 -24.09
CA MET D 85 -7.57 -12.75 -23.68
C MET D 85 -7.30 -13.79 -22.60
N ASN D 86 -8.38 -14.15 -21.90
CA ASN D 86 -8.31 -14.87 -20.63
C ASN D 86 -9.35 -15.99 -20.51
N GLN D 87 -8.92 -17.20 -20.82
CA GLN D 87 -9.59 -18.41 -20.34
C GLN D 87 -8.61 -19.13 -19.38
N LEU D 88 -8.11 -18.39 -18.40
CA LEU D 88 -7.15 -18.86 -17.40
C LEU D 88 -6.08 -19.81 -17.94
O CY4 D 89 -4.02 -22.73 -19.98
C CY4 D 89 -5.00 -22.31 -19.36
CA CY4 D 89 -4.87 -21.91 -17.86
N CY4 D 89 -5.98 -21.04 -17.42
CB CY4 D 89 -4.77 -23.17 -17.00
SG CY4 D 89 -4.02 -23.01 -15.37
N GLY D 90 -6.21 -22.20 -19.89
CA GLY D 90 -6.50 -22.51 -21.29
C GLY D 90 -6.16 -21.44 -22.33
N SER D 91 -5.75 -20.24 -21.89
CA SER D 91 -5.62 -19.05 -22.75
C SER D 91 -4.69 -19.25 -23.91
N GLY D 92 -3.55 -19.87 -23.66
CA GLY D 92 -2.52 -20.00 -24.68
C GLY D 92 -2.94 -20.81 -25.90
N LEU D 93 -3.69 -21.88 -25.66
CA LEU D 93 -4.20 -22.72 -26.73
C LEU D 93 -5.44 -22.11 -27.37
N ARG D 94 -6.24 -21.40 -26.59
CA ARG D 94 -7.50 -20.84 -27.09
C ARG D 94 -7.19 -19.72 -28.07
N ALA D 95 -6.18 -18.95 -27.70
CA ALA D 95 -5.59 -17.97 -28.57
C ALA D 95 -5.32 -18.57 -29.94
N VAL D 96 -4.76 -19.78 -29.99
CA VAL D 96 -4.52 -20.46 -31.28
C VAL D 96 -5.79 -20.77 -32.05
N ALA D 97 -6.80 -21.30 -31.36
CA ALA D 97 -8.10 -21.56 -31.96
C ALA D 97 -8.75 -20.29 -32.51
N LEU D 98 -8.64 -19.19 -31.77
CA LEU D 98 -9.17 -17.89 -32.19
C LEU D 98 -8.42 -17.34 -33.43
N GLY D 99 -7.10 -17.47 -33.45
CA GLY D 99 -6.32 -17.01 -34.60
C GLY D 99 -6.77 -17.75 -35.84
N MET D 100 -6.96 -19.06 -35.67
CA MET D 100 -7.49 -19.93 -36.69
C MET D 100 -8.88 -19.46 -37.15
N GLN D 101 -9.67 -18.94 -36.21
CA GLN D 101 -11.01 -18.45 -36.53
C GLN D 101 -11.01 -17.19 -37.41
N GLN D 102 -10.20 -16.19 -37.03
CA GLN D 102 -9.96 -15.00 -37.87
C GLN D 102 -9.70 -15.37 -39.34
N ILE D 103 -8.95 -16.43 -39.59
CA ILE D 103 -8.60 -16.80 -40.98
C ILE D 103 -9.70 -17.62 -41.66
N ALA D 104 -10.40 -18.43 -40.87
CA ALA D 104 -11.46 -19.27 -41.39
C ALA D 104 -12.66 -18.45 -41.91
N THR D 105 -12.90 -17.28 -41.31
CA THR D 105 -13.95 -16.37 -41.76
C THR D 105 -13.45 -15.29 -42.72
N GLY D 106 -12.24 -15.46 -43.25
CA GLY D 106 -11.64 -14.49 -44.14
C GLY D 106 -11.45 -13.10 -43.53
N ASP D 107 -11.38 -13.02 -42.20
CA ASP D 107 -11.13 -11.76 -41.50
C ASP D 107 -9.65 -11.38 -41.46
N ALA D 108 -8.77 -12.30 -41.85
CA ALA D 108 -7.33 -11.99 -41.93
C ALA D 108 -6.53 -13.04 -42.76
N SER D 109 -5.21 -12.87 -42.85
CA SER D 109 -4.34 -13.75 -43.66
C SER D 109 -3.31 -14.51 -42.82
N ILE D 110 -2.65 -13.78 -41.93
CA ILE D 110 -1.54 -14.31 -41.14
C ILE D 110 -1.73 -13.81 -39.73
N ILE D 111 -1.59 -14.72 -38.76
CA ILE D 111 -1.73 -14.41 -37.31
C ILE D 111 -0.52 -14.94 -36.52
N VAL D 112 -0.30 -14.39 -35.34
CA VAL D 112 0.60 -14.99 -34.39
C VAL D 112 -0.14 -15.14 -33.09
N ALA D 113 -0.45 -16.38 -32.73
CA ALA D 113 -1.23 -16.68 -31.56
C ALA D 113 -0.44 -17.51 -30.55
N GLY D 114 -0.70 -17.24 -29.26
CA GLY D 114 -0.09 -17.95 -28.15
C GLY D 114 -0.43 -17.28 -26.83
N GLY D 115 0.39 -17.45 -25.80
CA GLY D 115 0.24 -16.73 -24.55
C GLY D 115 1.56 -16.29 -23.96
N MET D 116 1.49 -15.36 -23.01
CA MET D 116 2.66 -14.96 -22.21
C MET D 116 2.23 -14.87 -20.76
N GLU D 117 3.21 -14.88 -19.85
CA GLU D 117 2.94 -14.79 -18.42
C GLU D 117 4.20 -14.48 -17.58
N SER D 118 4.13 -13.42 -16.80
CA SER D 118 5.06 -13.16 -15.70
C SER D 118 4.33 -13.20 -14.37
N MET D 119 4.34 -14.39 -13.76
CA MET D 119 3.79 -14.60 -12.43
C MET D 119 4.70 -13.91 -11.38
N SER D 120 5.97 -13.87 -11.68
CA SER D 120 6.97 -13.14 -10.91
C SER D 120 6.70 -11.65 -10.76
N MET D 121 6.34 -11.03 -11.89
CA MET D 121 6.05 -9.60 -11.95
C MET D 121 4.63 -9.22 -11.54
N ALA D 122 3.78 -10.22 -11.27
CA ALA D 122 2.42 -9.94 -10.77
C ALA D 122 2.45 -9.19 -9.40
N PRO D 123 1.75 -8.05 -9.28
CA PRO D 123 1.85 -7.22 -8.06
C PRO D 123 0.81 -7.54 -6.99
N HIS D 124 1.00 -6.92 -5.81
CA HIS D 124 0.00 -6.84 -4.76
C HIS D 124 -0.92 -5.65 -4.99
N CYS D 125 -2.17 -5.72 -4.55
CA CYS D 125 -3.12 -4.67 -4.87
C CYS D 125 -4.20 -4.56 -3.82
N ALA D 126 -4.85 -3.42 -3.81
CA ALA D 126 -6.01 -3.23 -2.98
C ALA D 126 -6.78 -2.08 -3.55
N HIS D 127 -8.09 -2.14 -3.38
CA HIS D 127 -8.98 -1.10 -3.84
C HIS D 127 -9.08 -0.08 -2.73
N LEU D 128 -8.65 1.15 -3.04
CA LEU D 128 -8.43 2.20 -2.04
C LEU D 128 -9.06 3.56 -2.41
N ARG D 129 -9.94 3.60 -3.41
CA ARG D 129 -10.65 4.84 -3.81
C ARG D 129 -11.63 5.34 -2.78
N GLY D 130 -12.31 4.41 -2.13
CA GLY D 130 -13.22 4.77 -1.05
C GLY D 130 -12.44 5.27 0.14
N GLY D 131 -11.18 4.86 0.22
CA GLY D 131 -10.36 5.07 1.40
C GLY D 131 -10.66 3.94 2.35
N VAL D 132 -9.85 3.85 3.39
CA VAL D 132 -10.05 2.92 4.48
C VAL D 132 -10.12 3.80 5.72
N LYS D 133 -11.34 4.16 6.10
CA LYS D 133 -11.60 5.13 7.18
C LYS D 133 -10.90 4.77 8.47
N MET D 134 -10.99 3.49 8.83
CA MET D 134 -10.16 2.94 9.91
C MET D 134 -10.10 1.41 9.88
N GLY D 135 -9.04 0.87 10.50
CA GLY D 135 -8.80 -0.56 10.57
C GLY D 135 -7.76 -1.08 9.57
N ASP D 136 -7.25 -2.27 9.89
CA ASP D 136 -6.33 -2.97 9.02
C ASP D 136 -7.05 -3.40 7.72
N PHE D 137 -6.29 -3.50 6.65
CA PHE D 137 -6.80 -4.08 5.41
C PHE D 137 -5.75 -4.97 4.77
N LYS D 138 -6.18 -5.75 3.78
CA LYS D 138 -5.31 -6.73 3.10
C LYS D 138 -4.79 -6.23 1.76
N MET D 139 -3.48 -6.32 1.56
CA MET D 139 -2.90 -6.22 0.21
C MET D 139 -2.92 -7.61 -0.43
N ILE D 140 -3.59 -7.70 -1.57
CA ILE D 140 -3.89 -8.98 -2.21
C ILE D 140 -2.83 -9.30 -3.23
N ASP D 141 -2.27 -10.49 -3.11
CA ASP D 141 -1.36 -11.08 -4.14
C ASP D 141 -2.17 -11.47 -5.40
N THR D 142 -2.14 -10.63 -6.45
CA THR D 142 -2.99 -10.85 -7.63
C THR D 142 -2.74 -12.19 -8.30
N MET D 143 -1.51 -12.68 -8.27
CA MET D 143 -1.19 -14.01 -8.80
C MET D 143 -2.09 -15.07 -8.13
N ILE D 144 -2.34 -14.92 -6.83
CA ILE D 144 -3.20 -15.90 -6.14
C ILE D 144 -4.68 -15.57 -6.30
N LYS D 145 -5.03 -14.30 -6.18
CA LYS D 145 -6.44 -13.92 -6.20
C LYS D 145 -7.07 -14.10 -7.58
N ASP D 146 -6.41 -13.55 -8.59
CA ASP D 146 -6.86 -13.59 -10.00
C ASP D 146 -6.34 -14.79 -10.79
N GLY D 147 -5.27 -15.42 -10.31
CA GLY D 147 -4.65 -16.50 -11.04
C GLY D 147 -4.98 -17.89 -10.57
N LEU D 148 -5.03 -18.09 -9.25
CA LEU D 148 -5.06 -19.45 -8.69
C LEU D 148 -6.20 -19.79 -7.76
N THR D 149 -7.02 -18.83 -7.37
CA THR D 149 -8.04 -19.09 -6.37
C THR D 149 -9.40 -19.18 -7.03
N ASP D 150 -10.07 -20.31 -6.84
CA ASP D 150 -11.43 -20.48 -7.32
C ASP D 150 -12.36 -19.38 -6.78
N ALA D 151 -13.11 -18.76 -7.67
CA ALA D 151 -13.93 -17.57 -7.34
C ALA D 151 -15.25 -17.92 -6.66
N PHE D 152 -15.55 -19.21 -6.60
CA PHE D 152 -16.88 -19.65 -6.18
C PHE D 152 -16.81 -20.22 -4.75
N TYR D 153 -15.95 -21.20 -4.56
CA TYR D 153 -15.79 -21.82 -3.24
C TYR D 153 -14.70 -21.11 -2.47
N GLY D 154 -13.90 -20.30 -3.16
CA GLY D 154 -12.92 -19.44 -2.51
C GLY D 154 -11.66 -20.16 -2.06
N TYR D 155 -11.36 -21.31 -2.65
CA TYR D 155 -10.15 -22.06 -2.32
C TYR D 155 -9.25 -22.26 -3.55
N HIS D 156 -7.99 -22.62 -3.29
CA HIS D 156 -6.96 -22.72 -4.33
C HIS D 156 -7.18 -23.94 -5.24
N MET D 157 -6.51 -23.95 -6.40
CA MET D 157 -6.61 -25.07 -7.35
C MET D 157 -6.03 -26.40 -6.82
N GLY D 158 -5.18 -26.32 -5.78
CA GLY D 158 -4.65 -27.49 -5.11
C GLY D 158 -5.64 -28.19 -4.17
N THR D 159 -6.76 -27.52 -3.91
CA THR D 159 -7.90 -28.11 -3.19
C THR D 159 -8.90 -28.75 -4.16
N THR D 160 -8.98 -28.25 -5.40
CA THR D 160 -9.73 -28.94 -6.45
C THR D 160 -9.04 -30.26 -6.83
N ALA D 161 -7.72 -30.33 -6.61
CA ALA D 161 -6.95 -31.55 -6.82
C ALA D 161 -7.11 -32.55 -5.67
N GLU D 162 -7.58 -32.09 -4.52
CA GLU D 162 -7.99 -32.99 -3.44
C GLU D 162 -9.37 -33.53 -3.74
N ASN D 163 -10.23 -32.67 -4.32
CA ASN D 163 -11.57 -33.07 -4.79
C ASN D 163 -11.51 -34.22 -5.80
N VAL D 164 -10.57 -34.13 -6.74
CA VAL D 164 -10.41 -35.14 -7.78
C VAL D 164 -9.62 -36.36 -7.28
N ALA D 165 -8.69 -36.13 -6.34
CA ALA D 165 -7.92 -37.22 -5.71
C ALA D 165 -8.77 -38.15 -4.86
N LYS D 166 -9.88 -37.65 -4.33
CA LYS D 166 -10.79 -38.45 -3.50
C LYS D 166 -11.80 -39.21 -4.37
N GLN D 167 -12.23 -38.58 -5.46
CA GLN D 167 -13.24 -39.14 -6.35
C GLN D 167 -12.73 -40.26 -7.27
N TRP D 168 -11.42 -40.27 -7.54
CA TRP D 168 -10.77 -41.36 -8.30
C TRP D 168 -9.82 -42.16 -7.41
N GLN D 169 -9.96 -42.01 -6.09
CA GLN D 169 -9.21 -42.79 -5.10
C GLN D 169 -7.72 -42.91 -5.41
N LEU D 170 -7.13 -41.80 -5.89
CA LEU D 170 -5.73 -41.76 -6.28
C LEU D 170 -4.87 -41.52 -5.03
N SER D 171 -4.14 -42.54 -4.61
CA SER D 171 -3.37 -42.49 -3.36
C SER D 171 -2.08 -41.67 -3.52
N ARG D 172 -1.38 -41.47 -2.41
CA ARG D 172 -0.16 -40.64 -2.37
C ARG D 172 0.99 -41.26 -3.16
N ASP D 173 1.03 -42.59 -3.21
CA ASP D 173 2.11 -43.32 -3.88
C ASP D 173 1.96 -43.38 -5.41
N GLU D 174 0.72 -43.17 -5.89
CA GLU D 174 0.44 -43.08 -7.33
C GLU D 174 0.81 -41.70 -7.87
N GLN D 175 0.63 -40.66 -7.06
CA GLN D 175 0.91 -39.29 -7.47
C GLN D 175 2.41 -38.96 -7.38
N ASP D 176 3.12 -39.61 -6.45
CA ASP D 176 4.58 -39.48 -6.36
C ASP D 176 5.26 -40.25 -7.48
N ALA D 177 4.58 -41.28 -8.01
CA ALA D 177 5.09 -42.03 -9.15
C ALA D 177 5.01 -41.20 -10.44
N PHE D 178 3.87 -40.55 -10.67
CA PHE D 178 3.65 -39.71 -11.86
C PHE D 178 4.53 -38.44 -11.87
N ALA D 179 4.91 -37.96 -10.68
CA ALA D 179 5.71 -36.73 -10.56
C ALA D 179 7.20 -37.01 -10.82
N VAL D 180 7.74 -38.03 -10.18
CA VAL D 180 9.14 -38.44 -10.39
C VAL D 180 9.36 -38.76 -11.86
N ALA D 181 8.43 -39.51 -12.44
CA ALA D 181 8.55 -40.02 -13.82
C ALA D 181 8.27 -38.96 -14.88
N SER D 182 7.59 -37.89 -14.50
CA SER D 182 7.44 -36.72 -15.37
C SER D 182 8.77 -35.96 -15.40
N GLN D 183 9.31 -35.73 -14.18
CA GLN D 183 10.65 -35.18 -13.95
C GLN D 183 11.78 -35.97 -14.62
N ASN D 184 11.67 -37.29 -14.65
CA ASN D 184 12.70 -38.15 -15.23
C ASN D 184 12.63 -38.05 -16.75
N LYS D 185 11.41 -38.15 -17.29
CA LYS D 185 11.13 -37.91 -18.70
C LYS D 185 11.56 -36.50 -19.14
N ALA D 186 11.40 -35.52 -18.24
CA ALA D 186 11.74 -34.12 -18.52
C ALA D 186 13.25 -33.87 -18.44
N GLU D 187 13.92 -34.54 -17.52
CA GLU D 187 15.38 -34.47 -17.38
C GLU D 187 16.10 -35.32 -18.44
N ALA D 188 15.39 -36.22 -19.10
CA ALA D 188 15.93 -37.01 -20.19
C ALA D 188 15.87 -36.24 -21.51
N ALA D 189 14.78 -35.50 -21.71
CA ALA D 189 14.59 -34.74 -22.95
C ALA D 189 15.51 -33.50 -23.06
N GLN D 190 15.66 -32.77 -21.94
CA GLN D 190 16.45 -31.53 -21.88
C GLN D 190 17.93 -31.81 -22.17
N LYS D 191 18.46 -32.88 -21.56
CA LYS D 191 19.85 -33.28 -21.77
C LYS D 191 20.09 -33.85 -23.17
N ASP D 192 19.07 -34.48 -23.75
CA ASP D 192 19.19 -35.10 -25.08
C ASP D 192 18.89 -34.13 -26.22
N GLY D 193 18.52 -32.90 -25.88
CA GLY D 193 18.37 -31.83 -26.87
C GLY D 193 16.97 -31.65 -27.46
N ARG D 194 16.03 -32.52 -27.03
CA ARG D 194 14.68 -32.53 -27.59
C ARG D 194 13.85 -31.25 -27.33
N PHE D 195 14.37 -30.31 -26.54
CA PHE D 195 13.73 -29.01 -26.36
C PHE D 195 14.36 -27.93 -27.24
N LYS D 196 15.56 -28.19 -27.73
CA LYS D 196 16.33 -27.22 -28.52
C LYS D 196 15.52 -26.45 -29.54
N ASP D 197 15.00 -27.15 -30.54
CA ASP D 197 14.28 -26.51 -31.65
C ASP D 197 13.16 -25.57 -31.17
N GLU D 198 12.34 -26.05 -30.23
CA GLU D 198 11.13 -25.31 -29.80
C GLU D 198 11.44 -24.11 -28.89
N ILE D 199 12.64 -24.10 -28.30
CA ILE D 199 13.10 -22.99 -27.51
C ILE D 199 13.84 -21.98 -28.41
N VAL D 200 13.36 -20.74 -28.44
CA VAL D 200 14.19 -19.60 -28.82
C VAL D 200 14.80 -19.05 -27.52
N PRO D 201 16.12 -18.82 -27.50
CA PRO D 201 16.74 -18.18 -26.33
C PRO D 201 16.17 -16.79 -26.07
N PHE D 202 16.19 -16.39 -24.81
CA PHE D 202 15.83 -15.03 -24.44
C PHE D 202 17.01 -14.34 -23.76
N ILE D 203 17.23 -13.10 -24.14
CA ILE D 203 18.31 -12.30 -23.62
C ILE D 203 17.80 -11.46 -22.46
N VAL D 204 18.12 -11.87 -21.23
CA VAL D 204 17.78 -11.08 -20.06
C VAL D 204 18.78 -9.94 -19.92
N LYS D 205 18.36 -8.74 -20.33
CA LYS D 205 19.24 -7.57 -20.35
C LYS D 205 19.39 -7.04 -18.94
N GLY D 206 20.63 -6.85 -18.51
CA GLY D 206 20.92 -6.37 -17.18
C GLY D 206 21.67 -5.06 -17.19
N ARG D 207 22.59 -4.94 -16.23
CA ARG D 207 23.45 -3.78 -16.08
C ARG D 207 24.88 -4.26 -16.01
N LYS D 208 25.14 -5.21 -15.10
CA LYS D 208 26.45 -5.83 -14.95
C LYS D 208 26.37 -7.29 -15.41
N GLY D 209 26.12 -7.46 -16.71
CA GLY D 209 26.10 -8.77 -17.34
C GLY D 209 24.76 -9.12 -17.97
N ASP D 210 24.75 -9.16 -19.30
CA ASP D 210 23.66 -9.79 -20.05
C ASP D 210 23.79 -11.29 -19.85
N ILE D 211 22.65 -11.96 -19.62
CA ILE D 211 22.61 -13.41 -19.47
C ILE D 211 21.69 -14.00 -20.54
N THR D 212 22.11 -15.11 -21.14
CA THR D 212 21.27 -15.82 -22.09
C THR D 212 20.66 -17.04 -21.40
N VAL D 213 19.33 -17.06 -21.35
CA VAL D 213 18.56 -18.19 -20.88
C VAL D 213 18.09 -18.97 -22.10
N ASP D 214 18.24 -20.30 -22.07
CA ASP D 214 17.62 -21.16 -23.09
C ASP D 214 17.28 -22.58 -22.59
N ALA D 215 17.22 -22.75 -21.27
CA ALA D 215 16.92 -24.05 -20.66
C ALA D 215 15.82 -23.95 -19.57
N ASP D 216 14.93 -24.93 -19.56
CA ASP D 216 13.87 -25.02 -18.56
C ASP D 216 14.53 -25.21 -17.21
N GLU D 217 14.65 -24.12 -16.47
CA GLU D 217 15.44 -24.11 -15.23
C GLU D 217 14.71 -24.80 -14.09
N TYR D 218 13.40 -24.95 -14.24
CA TYR D 218 12.54 -25.60 -13.25
C TYR D 218 12.58 -27.13 -13.30
N ILE D 219 13.31 -27.72 -14.26
CA ILE D 219 13.57 -29.17 -14.25
C ILE D 219 14.64 -29.49 -13.22
N ARG D 220 14.22 -29.89 -12.02
CA ARG D 220 15.16 -30.41 -11.02
C ARG D 220 15.82 -31.67 -11.56
N HIS D 221 17.13 -31.79 -11.31
CA HIS D 221 17.93 -32.88 -11.86
C HIS D 221 18.15 -33.96 -10.80
N GLY D 222 17.73 -35.19 -11.12
CA GLY D 222 17.86 -36.32 -10.22
C GLY D 222 16.76 -36.39 -9.17
N ALA D 223 15.51 -36.21 -9.60
CA ALA D 223 14.35 -36.27 -8.69
C ALA D 223 14.10 -37.71 -8.24
N THR D 224 14.33 -37.96 -6.95
CA THR D 224 14.11 -39.29 -6.36
C THR D 224 12.71 -39.39 -5.77
N LEU D 225 12.23 -40.61 -5.60
CA LEU D 225 10.93 -40.86 -4.96
C LEU D 225 10.97 -40.56 -3.46
N ASP D 226 12.16 -40.62 -2.87
CA ASP D 226 12.33 -40.46 -1.42
C ASP D 226 12.29 -38.99 -0.94
N SER D 227 12.63 -38.05 -1.83
CA SER D 227 12.45 -36.62 -1.53
C SER D 227 11.00 -36.21 -1.75
N MET D 228 10.29 -36.97 -2.60
CA MET D 228 8.88 -36.71 -2.91
C MET D 228 7.96 -37.08 -1.74
N ALA D 229 8.24 -38.21 -1.10
CA ALA D 229 7.39 -38.76 -0.04
C ALA D 229 7.56 -38.09 1.32
N LYS D 230 8.58 -37.25 1.48
CA LYS D 230 8.82 -36.53 2.74
C LYS D 230 8.26 -35.11 2.77
N LEU D 231 7.82 -34.59 1.61
CA LEU D 231 7.15 -33.28 1.56
C LEU D 231 5.79 -33.36 2.27
N ARG D 232 5.44 -32.30 3.00
CA ARG D 232 4.14 -32.26 3.67
C ARG D 232 3.08 -31.81 2.66
N PRO D 233 1.81 -32.15 2.92
CA PRO D 233 0.68 -31.58 2.18
C PRO D 233 0.71 -30.04 2.15
N ALA D 234 0.36 -29.46 1.01
CA ALA D 234 0.50 -28.01 0.78
C ALA D 234 -0.83 -27.25 0.77
N PHE D 235 -1.96 -27.96 0.80
CA PHE D 235 -3.28 -27.33 0.66
C PHE D 235 -4.26 -27.82 1.72
N ASP D 236 -4.44 -29.15 1.79
CA ASP D 236 -5.18 -29.80 2.86
C ASP D 236 -4.14 -30.31 3.86
N LYS D 237 -4.35 -30.10 5.15
CA LYS D 237 -3.34 -30.43 6.16
C LYS D 237 -3.05 -31.94 6.33
N GLU D 238 -3.98 -32.78 5.88
CA GLU D 238 -3.82 -34.25 5.92
C GLU D 238 -4.02 -34.83 4.51
N GLY D 239 -3.57 -34.09 3.50
CA GLY D 239 -3.90 -34.38 2.11
C GLY D 239 -2.80 -35.10 1.34
N THR D 240 -2.95 -35.11 0.01
CA THR D 240 -2.04 -35.82 -0.88
C THR D 240 -1.33 -34.93 -1.93
N VAL D 241 -1.65 -33.63 -1.96
CA VAL D 241 -1.08 -32.73 -2.97
C VAL D 241 -0.03 -31.80 -2.37
N THR D 242 1.25 -32.11 -2.61
CA THR D 242 2.36 -31.30 -2.11
C THR D 242 2.99 -30.52 -3.25
N ALA D 243 4.00 -29.72 -2.93
CA ALA D 243 4.77 -29.00 -3.94
C ALA D 243 5.36 -29.96 -4.98
N GLY D 244 5.65 -31.19 -4.53
CA GLY D 244 6.23 -32.21 -5.38
C GLY D 244 5.32 -32.81 -6.44
N ASN D 245 4.06 -33.08 -6.10
CA ASN D 245 3.10 -33.62 -7.07
C ASN D 245 2.12 -32.55 -7.61
N ALA D 246 2.62 -31.31 -7.69
CA ALA D 246 1.95 -30.21 -8.38
C ALA D 246 2.97 -29.38 -9.17
N SER D 247 2.49 -28.70 -10.21
CA SER D 247 3.33 -27.75 -10.94
C SER D 247 3.43 -26.42 -10.17
N GLY D 248 4.44 -25.62 -10.52
CA GLY D 248 4.76 -24.43 -9.77
C GLY D 248 4.29 -23.15 -10.42
N LEU D 249 4.86 -22.05 -9.93
CA LEU D 249 4.64 -20.71 -10.45
C LEU D 249 5.82 -20.40 -11.35
N ASN D 250 5.54 -19.93 -12.56
CA ASN D 250 6.55 -19.80 -13.60
C ASN D 250 6.31 -18.67 -14.62
N ASP D 251 7.36 -18.30 -15.33
CA ASP D 251 7.24 -17.29 -16.35
C ASP D 251 7.57 -17.89 -17.74
N GLY D 252 7.13 -17.20 -18.78
CA GLY D 252 7.41 -17.65 -20.12
C GLY D 252 6.38 -17.20 -21.13
N ALA D 253 6.73 -17.45 -22.38
CA ALA D 253 5.86 -17.13 -23.50
C ALA D 253 5.99 -18.20 -24.58
N ALA D 254 4.95 -18.34 -25.38
CA ALA D 254 4.87 -19.43 -26.32
C ALA D 254 3.87 -19.07 -27.43
N ALA D 255 4.21 -19.40 -28.69
CA ALA D 255 3.36 -18.99 -29.81
C ALA D 255 3.49 -19.78 -31.12
N ALA D 256 2.78 -19.29 -32.14
CA ALA D 256 2.57 -19.99 -33.38
C ALA D 256 2.19 -18.99 -34.48
N LEU D 257 2.70 -19.22 -35.68
CA LEU D 257 2.27 -18.45 -36.85
C LEU D 257 1.17 -19.20 -37.55
N LEU D 258 0.06 -18.53 -37.83
CA LEU D 258 -1.06 -19.16 -38.58
C LEU D 258 -1.28 -18.53 -39.97
N MET D 259 -1.61 -19.38 -40.94
CA MET D 259 -2.06 -18.94 -42.26
C MET D 259 -2.85 -20.08 -42.88
N SER D 260 -3.53 -19.81 -44.00
CA SER D 260 -4.23 -20.86 -44.74
C SER D 260 -3.24 -21.92 -45.22
N GLU D 261 -3.74 -23.10 -45.55
CA GLU D 261 -2.85 -24.17 -46.01
C GLU D 261 -2.30 -23.76 -47.37
N ALA D 262 -3.16 -23.21 -48.21
CA ALA D 262 -2.81 -22.75 -49.56
C ALA D 262 -1.86 -21.53 -49.60
N GLU D 263 -1.69 -20.83 -48.49
CA GLU D 263 -0.72 -19.73 -48.37
C GLU D 263 0.64 -20.26 -47.87
N ALA D 264 0.61 -21.27 -46.99
CA ALA D 264 1.84 -21.89 -46.50
C ALA D 264 2.40 -22.75 -47.62
N SER D 265 1.55 -23.62 -48.18
CA SER D 265 1.86 -24.32 -49.42
C SER D 265 2.48 -23.36 -50.44
N ARG D 266 1.83 -22.20 -50.59
CA ARG D 266 2.33 -21.13 -51.44
C ARG D 266 3.77 -20.80 -51.04
N ARG D 267 3.94 -20.15 -49.89
CA ARG D 267 5.22 -19.56 -49.48
C ARG D 267 6.40 -20.53 -49.37
N GLY D 268 6.20 -21.81 -49.67
CA GLY D 268 7.24 -22.81 -49.58
C GLY D 268 7.51 -23.22 -48.14
N ILE D 269 6.52 -22.97 -47.27
CA ILE D 269 6.62 -23.36 -45.88
C ILE D 269 6.06 -24.77 -45.69
N GLN D 270 6.89 -25.65 -45.14
CA GLN D 270 6.48 -26.99 -44.73
C GLN D 270 5.94 -26.80 -43.31
N PRO D 271 4.62 -26.82 -43.13
CA PRO D 271 4.05 -26.56 -41.81
C PRO D 271 4.40 -27.61 -40.77
N LEU D 272 4.40 -27.20 -39.50
CA LEU D 272 4.49 -28.11 -38.35
C LEU D 272 3.26 -29.08 -38.27
N GLY D 273 2.12 -28.57 -38.84
CA GLY D 273 0.85 -29.28 -38.76
C GLY D 273 -0.38 -28.44 -39.10
N ARG D 274 -1.40 -29.11 -39.65
CA ARG D 274 -2.74 -28.55 -39.85
C ARG D 274 -3.54 -28.69 -38.55
N ILE D 275 -4.41 -27.72 -38.27
CA ILE D 275 -5.37 -27.85 -37.18
C ILE D 275 -6.64 -28.46 -37.78
N VAL D 276 -7.11 -29.55 -37.19
CA VAL D 276 -8.27 -30.28 -37.70
C VAL D 276 -9.54 -29.98 -36.91
N SER D 277 -9.38 -29.63 -35.63
CA SER D 277 -10.50 -29.27 -34.76
C SER D 277 -10.03 -28.63 -33.45
N TRP D 278 -11.00 -28.18 -32.65
CA TRP D 278 -10.76 -27.76 -31.28
C TRP D 278 -12.09 -27.78 -30.54
N ALA D 279 -12.03 -27.71 -29.21
CA ALA D 279 -13.23 -27.61 -28.38
C ALA D 279 -12.93 -26.95 -27.01
N THR D 280 -13.98 -26.49 -26.33
CA THR D 280 -13.90 -26.14 -24.91
C THR D 280 -15.22 -26.43 -24.20
N VAL D 281 -15.13 -27.13 -23.06
CA VAL D 281 -16.31 -27.58 -22.34
C VAL D 281 -16.20 -27.28 -20.83
N GLY D 282 -17.35 -26.97 -20.23
CA GLY D 282 -17.38 -26.65 -18.83
C GLY D 282 -17.65 -27.92 -18.03
N VAL D 283 -17.07 -27.98 -16.84
CA VAL D 283 -17.35 -29.03 -15.87
C VAL D 283 -17.62 -28.39 -14.51
N ASP D 284 -17.95 -29.23 -13.51
CA ASP D 284 -18.16 -28.74 -12.14
C ASP D 284 -16.86 -28.12 -11.62
N PRO D 285 -16.91 -26.85 -11.21
CA PRO D 285 -15.72 -26.13 -10.69
C PRO D 285 -14.98 -26.78 -9.51
N LYS D 286 -15.66 -27.58 -8.70
CA LYS D 286 -15.02 -28.30 -7.62
C LYS D 286 -13.97 -29.24 -8.19
N VAL D 287 -14.38 -30.00 -9.22
CA VAL D 287 -13.50 -30.93 -9.93
C VAL D 287 -13.08 -30.40 -11.32
N MET D 288 -12.45 -29.23 -11.33
CA MET D 288 -12.07 -28.55 -12.57
C MET D 288 -11.04 -29.28 -13.48
N GLY D 289 -10.29 -30.25 -12.92
CA GLY D 289 -9.23 -30.94 -13.64
C GLY D 289 -9.69 -32.06 -14.58
N THR D 290 -10.99 -32.29 -14.59
CA THR D 290 -11.62 -33.29 -15.44
C THR D 290 -12.15 -32.70 -16.74
N GLY D 291 -11.88 -31.41 -16.96
CA GLY D 291 -12.33 -30.69 -18.14
C GLY D 291 -11.72 -31.16 -19.45
N PRO D 292 -10.42 -31.46 -19.46
CA PRO D 292 -9.78 -32.11 -20.61
C PRO D 292 -10.46 -33.37 -21.10
N ILE D 293 -11.13 -34.10 -20.21
CA ILE D 293 -11.86 -35.29 -20.60
C ILE D 293 -13.00 -34.97 -21.59
N PRO D 294 -13.94 -34.10 -21.23
CA PRO D 294 -14.95 -33.62 -22.19
C PRO D 294 -14.36 -32.89 -23.39
N ALA D 295 -13.38 -32.02 -23.13
CA ALA D 295 -12.75 -31.24 -24.19
C ALA D 295 -12.00 -32.13 -25.19
N SER D 296 -11.40 -33.22 -24.70
CA SER D 296 -10.64 -34.12 -25.56
C SER D 296 -11.60 -34.97 -26.37
N ARG D 297 -12.72 -35.33 -25.76
CA ARG D 297 -13.76 -36.12 -26.40
C ARG D 297 -14.53 -35.32 -27.47
N LYS D 298 -14.82 -34.06 -27.18
CA LYS D 298 -15.54 -33.19 -28.13
C LYS D 298 -14.68 -32.93 -29.38
N ALA D 299 -13.41 -32.65 -29.18
CA ALA D 299 -12.48 -32.34 -30.26
C ALA D 299 -12.15 -33.59 -31.08
N LEU D 300 -12.14 -34.75 -30.43
CA LEU D 300 -11.87 -36.02 -31.12
C LEU D 300 -13.03 -36.39 -32.04
N GLU D 301 -14.23 -35.93 -31.69
CA GLU D 301 -15.43 -36.09 -32.52
C GLU D 301 -15.48 -35.09 -33.67
N ARG D 302 -15.01 -33.87 -33.42
CA ARG D 302 -15.00 -32.83 -34.45
C ARG D 302 -13.94 -33.13 -35.52
N ALA D 303 -12.92 -33.91 -35.14
CA ALA D 303 -11.89 -34.36 -36.07
C ALA D 303 -12.32 -35.61 -36.83
N GLY D 304 -13.21 -36.39 -36.22
CA GLY D 304 -13.64 -37.67 -36.78
C GLY D 304 -12.72 -38.81 -36.37
N TRP D 305 -11.82 -38.52 -35.43
CA TRP D 305 -10.85 -39.50 -34.95
C TRP D 305 -11.43 -40.33 -33.83
N LYS D 306 -10.73 -41.42 -33.52
CA LYS D 306 -10.96 -42.18 -32.30
C LYS D 306 -9.78 -41.89 -31.37
N ILE D 307 -9.90 -42.30 -30.10
CA ILE D 307 -8.83 -42.12 -29.14
C ILE D 307 -7.61 -42.95 -29.55
N GLY D 308 -7.87 -44.13 -30.11
CA GLY D 308 -6.83 -45.02 -30.56
C GLY D 308 -5.99 -44.48 -31.71
N ASP D 309 -6.56 -43.57 -32.52
CA ASP D 309 -5.87 -42.98 -33.66
C ASP D 309 -4.67 -42.09 -33.29
N LEU D 310 -4.68 -41.55 -32.07
CA LEU D 310 -3.66 -40.58 -31.65
C LEU D 310 -2.26 -41.21 -31.49
N ASP D 311 -1.29 -40.59 -32.15
CA ASP D 311 0.12 -41.02 -32.06
C ASP D 311 0.87 -40.29 -30.94
N LEU D 312 0.39 -39.11 -30.54
CA LEU D 312 1.06 -38.31 -29.51
C LEU D 312 0.09 -37.36 -28.79
N VAL D 313 0.29 -37.17 -27.48
CA VAL D 313 -0.66 -36.40 -26.67
C VAL D 313 0.01 -35.55 -25.58
N GLU D 314 -0.40 -34.30 -25.49
CA GLU D 314 -0.02 -33.46 -24.35
C GLU D 314 -1.31 -33.22 -23.58
N ALA D 315 -1.39 -33.82 -22.38
CA ALA D 315 -2.39 -33.46 -21.39
C ALA D 315 -1.71 -32.71 -20.24
N ASN D 316 -1.83 -31.39 -20.25
CA ASN D 316 -1.15 -30.52 -19.30
C ASN D 316 -1.28 -31.04 -17.87
N GLU D 317 -0.16 -31.14 -17.16
CA GLU D 317 -0.17 -31.60 -15.78
C GLU D 317 -0.26 -30.41 -14.83
N ALA D 318 -1.47 -29.91 -14.64
CA ALA D 318 -1.79 -28.97 -13.59
C ALA D 318 -1.52 -29.62 -12.23
N PHE D 319 -2.06 -30.82 -12.05
CA PHE D 319 -1.83 -31.62 -10.84
C PHE D 319 -1.70 -33.11 -11.16
N ALA D 320 -0.95 -33.81 -10.32
CA ALA D 320 -0.73 -35.24 -10.46
C ALA D 320 -2.04 -36.00 -10.30
N ALA D 321 -2.88 -35.53 -9.37
CA ALA D 321 -4.20 -36.10 -9.20
C ALA D 321 -4.95 -36.05 -10.53
N GLN D 322 -5.22 -34.85 -11.02
CA GLN D 322 -6.03 -34.67 -12.23
C GLN D 322 -5.38 -35.19 -13.51
N ALA D 323 -4.05 -35.38 -13.49
CA ALA D 323 -3.33 -35.96 -14.63
C ALA D 323 -3.62 -37.46 -14.75
N CYS D 324 -3.65 -38.15 -13.61
CA CYS D 324 -3.96 -39.57 -13.57
C CYS D 324 -5.46 -39.83 -13.70
N ALA D 325 -6.26 -38.77 -13.60
CA ALA D 325 -7.72 -38.83 -13.71
C ALA D 325 -8.20 -38.77 -15.16
N VAL D 326 -7.48 -38.00 -15.97
CA VAL D 326 -7.75 -37.89 -17.39
C VAL D 326 -7.20 -39.13 -18.09
N ASN D 327 -6.02 -39.60 -17.69
CA ASN D 327 -5.40 -40.80 -18.25
C ASN D 327 -6.21 -42.07 -17.99
N LYS D 328 -6.94 -42.09 -16.87
CA LYS D 328 -7.77 -43.23 -16.50
C LYS D 328 -9.08 -43.27 -17.29
N ASP D 329 -9.77 -42.13 -17.39
CA ASP D 329 -11.08 -42.04 -18.06
C ASP D 329 -10.94 -42.19 -19.58
N LEU D 330 -10.15 -41.30 -20.20
CA LEU D 330 -9.90 -41.31 -21.65
C LEU D 330 -9.17 -42.59 -22.12
N GLY D 331 -8.28 -43.12 -21.28
CA GLY D 331 -7.70 -44.43 -21.48
C GLY D 331 -6.64 -44.58 -22.55
N TRP D 332 -6.16 -43.47 -23.12
CA TRP D 332 -5.08 -43.54 -24.12
C TRP D 332 -3.82 -44.17 -23.51
N ASP D 333 -2.99 -44.75 -24.37
CA ASP D 333 -1.77 -45.44 -23.94
C ASP D 333 -0.90 -44.46 -23.12
N PRO D 334 -0.58 -44.80 -21.87
CA PRO D 334 0.25 -43.93 -21.02
C PRO D 334 1.62 -43.56 -21.61
N SER D 335 2.18 -44.45 -22.42
CA SER D 335 3.50 -44.26 -23.02
C SER D 335 3.58 -43.19 -24.12
N ILE D 336 2.47 -42.86 -24.79
CA ILE D 336 2.47 -41.81 -25.82
C ILE D 336 2.10 -40.41 -25.30
N VAL D 337 2.03 -40.24 -23.98
CA VAL D 337 1.52 -39.02 -23.39
C VAL D 337 2.55 -38.25 -22.56
N ASN D 338 2.58 -36.93 -22.75
CA ASN D 338 3.55 -36.07 -22.08
C ASN D 338 4.91 -36.75 -22.20
N VAL D 339 5.28 -37.04 -23.44
CA VAL D 339 6.40 -37.89 -23.75
C VAL D 339 7.72 -37.31 -23.22
N ASN D 340 7.90 -36.00 -23.35
CA ASN D 340 9.10 -35.32 -22.85
C ASN D 340 8.91 -34.78 -21.42
N GLY D 341 8.06 -35.45 -20.62
CA GLY D 341 7.64 -34.93 -19.33
C GLY D 341 6.50 -33.93 -19.49
N GLY D 342 6.27 -33.13 -18.46
CA GLY D 342 5.19 -32.16 -18.49
C GLY D 342 5.39 -31.01 -17.52
N ALA D 343 4.29 -30.36 -17.12
CA ALA D 343 4.34 -29.11 -16.35
C ALA D 343 4.79 -29.29 -14.88
N ILE D 344 4.45 -30.42 -14.26
CA ILE D 344 4.98 -30.73 -12.93
C ILE D 344 6.49 -30.57 -12.92
N ALA D 345 7.12 -30.98 -14.01
CA ALA D 345 8.57 -30.96 -14.18
C ALA D 345 9.13 -29.73 -14.92
N ILE D 346 8.31 -29.12 -15.78
CA ILE D 346 8.73 -28.03 -16.66
C ILE D 346 8.38 -26.66 -16.05
N GLY D 347 7.13 -26.52 -15.63
CA GLY D 347 6.61 -25.31 -15.00
C GLY D 347 5.19 -25.05 -15.50
N HIS D 348 4.45 -24.20 -14.79
CA HIS D 348 3.10 -23.83 -15.21
C HIS D 348 2.95 -22.32 -15.34
N PRO D 349 3.43 -21.77 -16.46
CA PRO D 349 3.18 -20.36 -16.80
C PRO D 349 1.77 -20.27 -17.40
N ILE D 350 0.82 -19.87 -16.55
CA ILE D 350 -0.64 -19.98 -16.77
C ILE D 350 -1.14 -19.53 -18.14
N GLY D 351 -0.98 -18.24 -18.45
CA GLY D 351 -1.48 -17.67 -19.70
C GLY D 351 -0.81 -18.26 -20.94
N ALA D 352 0.46 -18.65 -20.77
CA ALA D 352 1.28 -19.23 -21.84
C ALA D 352 1.31 -20.76 -21.89
N SER D 353 0.81 -21.41 -20.83
CA SER D 353 0.92 -22.86 -20.66
C SER D 353 0.27 -23.64 -21.80
N GLY D 354 -0.83 -23.10 -22.33
CA GLY D 354 -1.50 -23.69 -23.49
C GLY D 354 -0.62 -23.75 -24.72
N ALA D 355 0.06 -22.64 -25.02
CA ALA D 355 0.97 -22.59 -26.17
C ALA D 355 2.33 -23.25 -25.90
N ARG D 356 2.62 -23.56 -24.63
CA ARG D 356 3.86 -24.23 -24.22
C ARG D 356 3.82 -25.71 -24.55
N ILE D 357 2.73 -26.37 -24.18
CA ILE D 357 2.56 -27.79 -24.48
C ILE D 357 2.31 -28.02 -25.97
N LEU D 358 1.63 -27.08 -26.63
CA LEU D 358 1.35 -27.16 -28.07
C LEU D 358 2.67 -27.12 -28.84
N ASN D 359 3.59 -26.26 -28.41
CA ASN D 359 4.96 -26.23 -28.96
C ASN D 359 5.61 -27.63 -28.83
N THR D 360 5.59 -28.18 -27.63
CA THR D 360 6.21 -29.48 -27.35
C THR D 360 5.60 -30.60 -28.21
N LEU D 361 4.28 -30.55 -28.42
CA LEU D 361 3.59 -31.51 -29.28
C LEU D 361 4.06 -31.41 -30.73
N LEU D 362 4.05 -30.20 -31.28
CA LEU D 362 4.34 -30.00 -32.72
C LEU D 362 5.79 -30.29 -33.09
N PHE D 363 6.71 -30.16 -32.13
CA PHE D 363 8.11 -30.44 -32.44
C PHE D 363 8.45 -31.92 -32.22
N GLU D 364 7.74 -32.56 -31.28
CA GLU D 364 7.86 -33.98 -31.00
C GLU D 364 6.98 -34.78 -31.96
N MET D 365 6.07 -34.10 -32.67
CA MET D 365 5.31 -34.69 -33.78
C MET D 365 6.20 -34.72 -35.02
N LYS D 366 7.05 -33.70 -35.19
CA LYS D 366 8.00 -33.67 -36.31
C LYS D 366 9.19 -34.61 -36.08
N ARG D 367 9.55 -34.81 -34.81
CA ARG D 367 10.73 -35.59 -34.42
C ARG D 367 10.54 -37.09 -34.59
N ARG D 368 9.44 -37.63 -34.10
CA ARG D 368 9.21 -39.08 -34.12
C ARG D 368 8.36 -39.58 -35.29
N GLY D 369 7.83 -38.66 -36.09
CA GLY D 369 7.04 -39.01 -37.25
C GLY D 369 5.60 -39.38 -36.91
N ALA D 370 5.04 -38.70 -35.91
CA ALA D 370 3.63 -38.88 -35.55
C ALA D 370 2.76 -38.16 -36.58
N ARG D 371 1.63 -38.77 -36.94
CA ARG D 371 0.71 -38.17 -37.91
C ARG D 371 -0.46 -37.46 -37.23
N LYS D 372 -0.76 -37.82 -35.97
CA LYS D 372 -1.92 -37.27 -35.25
C LYS D 372 -1.54 -36.89 -33.81
N GLY D 373 -2.04 -35.74 -33.35
CA GLY D 373 -1.69 -35.23 -32.04
C GLY D 373 -2.74 -34.33 -31.40
N LEU D 374 -3.12 -34.64 -30.18
CA LEU D 374 -4.08 -33.81 -29.44
C LEU D 374 -3.41 -33.14 -28.23
N ALA D 375 -3.61 -31.84 -28.08
CA ALA D 375 -3.28 -31.10 -26.85
C ALA D 375 -4.54 -30.89 -26.04
N THR D 376 -4.40 -30.70 -24.74
CA THR D 376 -5.55 -30.44 -23.91
C THR D 376 -5.16 -29.97 -22.52
N LEU D 377 -6.08 -29.27 -21.86
CA LEU D 377 -5.78 -28.58 -20.61
C LEU D 377 -6.99 -28.43 -19.72
N CYS D 378 -6.78 -28.49 -18.41
CA CYS D 378 -7.84 -28.15 -17.47
C CYS D 378 -7.70 -26.67 -17.13
N ILE D 379 -8.81 -26.08 -16.68
CA ILE D 379 -8.94 -24.63 -16.55
C ILE D 379 -9.74 -24.31 -15.31
N GLY D 380 -9.29 -23.33 -14.52
CA GLY D 380 -9.99 -22.90 -13.32
C GLY D 380 -11.41 -22.45 -13.60
N GLY D 381 -12.25 -22.48 -12.57
CA GLY D 381 -13.68 -22.26 -12.74
C GLY D 381 -14.41 -23.49 -13.27
N GLY D 382 -13.65 -24.43 -13.87
CA GLY D 382 -14.18 -25.70 -14.29
C GLY D 382 -14.33 -25.80 -15.79
N MET D 383 -13.22 -25.81 -16.54
CA MET D 383 -13.34 -25.99 -17.96
C MET D 383 -12.21 -26.84 -18.50
N GLY D 384 -12.33 -27.18 -19.77
CA GLY D 384 -11.22 -27.76 -20.51
C GLY D 384 -11.16 -27.20 -21.92
N VAL D 385 -10.01 -27.37 -22.54
CA VAL D 385 -9.84 -27.04 -23.95
C VAL D 385 -9.04 -28.14 -24.62
N ALA D 386 -9.42 -28.51 -25.84
CA ALA D 386 -8.62 -29.43 -26.65
C ALA D 386 -8.45 -28.92 -28.10
N MET D 387 -7.38 -29.38 -28.75
CA MET D 387 -7.06 -29.05 -30.14
C MET D 387 -6.36 -30.23 -30.80
N CYS D 388 -6.95 -30.70 -31.90
CA CYS D 388 -6.35 -31.77 -32.69
C CYS D 388 -5.47 -31.25 -33.85
N ILE D 389 -4.29 -31.85 -34.01
CA ILE D 389 -3.33 -31.49 -35.03
C ILE D 389 -2.93 -32.71 -35.83
N GLU D 390 -3.03 -32.62 -37.15
CA GLU D 390 -2.44 -33.61 -38.05
C GLU D 390 -1.26 -32.97 -38.79
N SER D 391 -0.17 -33.72 -38.99
CA SER D 391 0.98 -33.23 -39.77
C SER D 391 0.74 -33.42 -41.28
N LEU D 392 1.47 -32.67 -42.10
CA LEU D 392 1.28 -32.70 -43.55
C LEU D 392 2.43 -33.44 -44.26
S SO4 E . 14.25 33.31 38.46
O1 SO4 E . 13.76 32.06 39.00
O2 SO4 E . 13.31 33.79 37.48
O3 SO4 E . 15.56 33.18 37.83
O4 SO4 E . 14.42 34.24 39.57
S SO4 F . 7.48 10.36 46.76
O1 SO4 F . 8.78 11.01 46.60
O2 SO4 F . 7.30 9.34 45.73
O3 SO4 F . 6.43 11.38 46.68
O4 SO4 F . 7.39 9.75 48.08
C1 GOL G . -5.91 34.65 21.20
O1 GOL G . -4.76 33.79 21.13
C2 GOL G . -7.05 34.01 20.42
O2 GOL G . -8.09 33.76 21.25
C3 GOL G . -7.49 34.89 19.26
O3 GOL G . -6.37 34.94 18.45
S SO4 H . 22.72 29.07 31.38
O1 SO4 H . 24.05 28.53 31.12
O2 SO4 H . 21.95 28.12 32.18
O3 SO4 H . 22.03 29.34 30.12
O4 SO4 H . 22.86 30.30 32.16
S SO4 I . 18.83 11.07 48.61
O1 SO4 I . 19.57 10.95 49.88
O2 SO4 I . 18.48 9.80 48.02
O3 SO4 I . 19.60 11.86 47.67
O4 SO4 I . 17.61 11.81 48.93
C1 GOL J . 26.16 -8.46 32.07
O1 GOL J . 25.04 -7.59 32.15
C2 GOL J . 26.18 -9.05 30.68
O2 GOL J . 27.32 -8.68 30.01
C3 GOL J . 25.95 -10.53 30.59
O3 GOL J . 24.56 -10.75 30.71
#